data_2NNQ
# 
_entry.id   2NNQ 
# 
_audit_conform.dict_name       mmcif_pdbx.dic 
_audit_conform.dict_version    5.389 
_audit_conform.dict_location   http://mmcif.pdb.org/dictionaries/ascii/mmcif_pdbx.dic 
# 
loop_
_database_2.database_id 
_database_2.database_code 
_database_2.pdbx_database_accession 
_database_2.pdbx_DOI 
PDB   2NNQ         pdb_00002nnq 10.2210/pdb2nnq/pdb 
RCSB  RCSB040085   ?            ?                   
WWPDB D_1000040085 ?            ?                   
# 
loop_
_pdbx_audit_revision_history.ordinal 
_pdbx_audit_revision_history.data_content_type 
_pdbx_audit_revision_history.major_revision 
_pdbx_audit_revision_history.minor_revision 
_pdbx_audit_revision_history.revision_date 
1 'Structure model' 1 0 2007-06-12 
2 'Structure model' 1 1 2008-05-01 
3 'Structure model' 1 2 2011-07-13 
4 'Structure model' 1 3 2012-06-20 
5 'Structure model' 1 4 2017-10-18 
6 'Structure model' 1 5 2023-12-27 
7 'Structure model' 1 6 2024-04-03 
# 
_pdbx_audit_revision_details.ordinal             1 
_pdbx_audit_revision_details.revision_ordinal    1 
_pdbx_audit_revision_details.data_content_type   'Structure model' 
_pdbx_audit_revision_details.provider            repository 
_pdbx_audit_revision_details.type                'Initial release' 
_pdbx_audit_revision_details.description         ? 
_pdbx_audit_revision_details.details             ? 
# 
loop_
_pdbx_audit_revision_group.ordinal 
_pdbx_audit_revision_group.revision_ordinal 
_pdbx_audit_revision_group.data_content_type 
_pdbx_audit_revision_group.group 
1 2 'Structure model' 'Version format compliance' 
2 3 'Structure model' 'Version format compliance' 
3 4 'Structure model' 'Data collection'           
4 5 'Structure model' 'Refinement description'    
5 6 'Structure model' 'Data collection'           
6 6 'Structure model' 'Database references'       
7 6 'Structure model' 'Derived calculations'      
8 7 'Structure model' 'Refinement description'    
# 
loop_
_pdbx_audit_revision_category.ordinal 
_pdbx_audit_revision_category.revision_ordinal 
_pdbx_audit_revision_category.data_content_type 
_pdbx_audit_revision_category.category 
1 5 'Structure model' software                      
2 6 'Structure model' chem_comp_atom                
3 6 'Structure model' chem_comp_bond                
4 6 'Structure model' database_2                    
5 6 'Structure model' struct_sheet                  
6 6 'Structure model' struct_site                   
7 7 'Structure model' pdbx_initial_refinement_model 
# 
loop_
_pdbx_audit_revision_item.ordinal 
_pdbx_audit_revision_item.revision_ordinal 
_pdbx_audit_revision_item.data_content_type 
_pdbx_audit_revision_item.item 
1 5 'Structure model' '_software.name'                      
2 6 'Structure model' '_database_2.pdbx_DOI'                
3 6 'Structure model' '_database_2.pdbx_database_accession' 
4 6 'Structure model' '_struct_sheet.number_strands'        
5 6 'Structure model' '_struct_site.pdbx_auth_asym_id'      
6 6 'Structure model' '_struct_site.pdbx_auth_comp_id'      
7 6 'Structure model' '_struct_site.pdbx_auth_seq_id'       
# 
_pdbx_database_status.entry_id                        2NNQ 
_pdbx_database_status.deposit_site                    RCSB 
_pdbx_database_status.process_site                    RCSB 
_pdbx_database_status.recvd_initial_deposition_date   2006-10-24 
_pdbx_database_status.status_code                     REL 
_pdbx_database_status.status_code_sf                  REL 
_pdbx_database_status.status_code_mr                  ? 
_pdbx_database_status.SG_entry                        ? 
_pdbx_database_status.status_code_cs                  ? 
_pdbx_database_status.methods_development_category    ? 
_pdbx_database_status.pdb_format_compatible           Y 
_pdbx_database_status.status_code_nmr_data            ? 
# 
_audit_author.name           'Jacobson, B.L.' 
_audit_author.pdbx_ordinal   1 
# 
_citation.id                        primary 
_citation.title                     
'Potent and selective biphenyl azole inhibitors of adipocyte fatty acid binding protein (aFABP).' 
_citation.journal_abbrev            Bioorg.Med.Chem.Lett. 
_citation.journal_volume            17 
_citation.page_first                3511 
_citation.page_last                 3515 
_citation.year                      2007 
_citation.journal_id_ASTM           BMCLE8 
_citation.country                   UK 
_citation.journal_id_ISSN           0960-894X 
_citation.journal_id_CSD            1127 
_citation.book_publisher            ? 
_citation.pdbx_database_id_PubMed   17502136 
_citation.pdbx_database_id_DOI      10.1016/j.bmcl.2006.12.044 
# 
loop_
_citation_author.citation_id 
_citation_author.name 
_citation_author.ordinal 
_citation_author.identifier_ORCID 
primary 'Sulsky, R.'           1  ? 
primary 'Magnin, D.R.'         2  ? 
primary 'Huang, Y.'            3  ? 
primary 'Simpkins, L.'         4  ? 
primary 'Taunk, P.'            5  ? 
primary 'Patel, M.'            6  ? 
primary 'Zhu, Y.'              7  ? 
primary 'Stouch, T.R.'         8  ? 
primary 'Bassolino-Klimas, D.' 9  ? 
primary 'Parker, R.'           10 ? 
primary 'Harrity, T.'          11 ? 
primary 'Stoffel, R.'          12 ? 
primary 'Taylor, D.S.'         13 ? 
primary 'Lavoie, T.B.'         14 ? 
primary 'Kish, K.'             15 ? 
primary 'Jacobson, B.L.'       16 ? 
primary 'Sheriff, S.'          17 ? 
primary 'Adam, L.P.'           18 ? 
primary 'Ewing, W.R.'          19 ? 
primary 'Robl, J.A.'           20 ? 
# 
loop_
_entity.id 
_entity.type 
_entity.src_method 
_entity.pdbx_description 
_entity.formula_weight 
_entity.pdbx_number_of_molecules 
_entity.pdbx_ec 
_entity.pdbx_mutation 
_entity.pdbx_fragment 
_entity.details 
1 polymer     man 'Fatty acid-binding protein, adipocyte'                                    14608.702 1   ? ? ? ? 
2 non-polymer syn 'SULFATE ION'                                                              96.063    2   ? ? ? ? 
3 non-polymer syn 
;((2'-(5-ETHYL-3,4-DIPHENYL-1H-PYRAZOL-1-YL)-3-BIPHENYLYL)OXY)ACETIC ACID
;
474.550   1   ? ? ? ? 
4 water       nat water                                                                      18.015    152 ? ? ? ? 
# 
_entity_name_com.entity_id   1 
_entity_name_com.name        'AFABP, Adipocyte lipid-binding protein, ALBP, A-FABP' 
# 
_entity_poly.entity_id                      1 
_entity_poly.type                           'polypeptide(L)' 
_entity_poly.nstd_linkage                   no 
_entity_poly.nstd_monomer                   no 
_entity_poly.pdbx_seq_one_letter_code       
;CDAFVGTWKLVSSENFDDYMKEVGVGFATRKVAGMAKPNMIISVNGDVITIKSESTFKNTEISFILGQEFDEVTADDRKV
KSTITLDGGVLVHVQKWDGKSTTIKRKREDDKLVVECVMKGVTSTRVYERA
;
_entity_poly.pdbx_seq_one_letter_code_can   
;CDAFVGTWKLVSSENFDDYMKEVGVGFATRKVAGMAKPNMIISVNGDVITIKSESTFKNTEISFILGQEFDEVTADDRKV
KSTITLDGGVLVHVQKWDGKSTTIKRKREDDKLVVECVMKGVTSTRVYERA
;
_entity_poly.pdbx_strand_id                 A 
_entity_poly.pdbx_target_identifier         ? 
# 
loop_
_pdbx_entity_nonpoly.entity_id 
_pdbx_entity_nonpoly.name 
_pdbx_entity_nonpoly.comp_id 
2 'SULFATE ION'                                                              SO4 
3 
;((2'-(5-ETHYL-3,4-DIPHENYL-1H-PYRAZOL-1-YL)-3-BIPHENYLYL)OXY)ACETIC ACID
;
T4B 
4 water                                                                      HOH 
# 
loop_
_entity_poly_seq.entity_id 
_entity_poly_seq.num 
_entity_poly_seq.mon_id 
_entity_poly_seq.hetero 
1 1   CYS n 
1 2   ASP n 
1 3   ALA n 
1 4   PHE n 
1 5   VAL n 
1 6   GLY n 
1 7   THR n 
1 8   TRP n 
1 9   LYS n 
1 10  LEU n 
1 11  VAL n 
1 12  SER n 
1 13  SER n 
1 14  GLU n 
1 15  ASN n 
1 16  PHE n 
1 17  ASP n 
1 18  ASP n 
1 19  TYR n 
1 20  MET n 
1 21  LYS n 
1 22  GLU n 
1 23  VAL n 
1 24  GLY n 
1 25  VAL n 
1 26  GLY n 
1 27  PHE n 
1 28  ALA n 
1 29  THR n 
1 30  ARG n 
1 31  LYS n 
1 32  VAL n 
1 33  ALA n 
1 34  GLY n 
1 35  MET n 
1 36  ALA n 
1 37  LYS n 
1 38  PRO n 
1 39  ASN n 
1 40  MET n 
1 41  ILE n 
1 42  ILE n 
1 43  SER n 
1 44  VAL n 
1 45  ASN n 
1 46  GLY n 
1 47  ASP n 
1 48  VAL n 
1 49  ILE n 
1 50  THR n 
1 51  ILE n 
1 52  LYS n 
1 53  SER n 
1 54  GLU n 
1 55  SER n 
1 56  THR n 
1 57  PHE n 
1 58  LYS n 
1 59  ASN n 
1 60  THR n 
1 61  GLU n 
1 62  ILE n 
1 63  SER n 
1 64  PHE n 
1 65  ILE n 
1 66  LEU n 
1 67  GLY n 
1 68  GLN n 
1 69  GLU n 
1 70  PHE n 
1 71  ASP n 
1 72  GLU n 
1 73  VAL n 
1 74  THR n 
1 75  ALA n 
1 76  ASP n 
1 77  ASP n 
1 78  ARG n 
1 79  LYS n 
1 80  VAL n 
1 81  LYS n 
1 82  SER n 
1 83  THR n 
1 84  ILE n 
1 85  THR n 
1 86  LEU n 
1 87  ASP n 
1 88  GLY n 
1 89  GLY n 
1 90  VAL n 
1 91  LEU n 
1 92  VAL n 
1 93  HIS n 
1 94  VAL n 
1 95  GLN n 
1 96  LYS n 
1 97  TRP n 
1 98  ASP n 
1 99  GLY n 
1 100 LYS n 
1 101 SER n 
1 102 THR n 
1 103 THR n 
1 104 ILE n 
1 105 LYS n 
1 106 ARG n 
1 107 LYS n 
1 108 ARG n 
1 109 GLU n 
1 110 ASP n 
1 111 ASP n 
1 112 LYS n 
1 113 LEU n 
1 114 VAL n 
1 115 VAL n 
1 116 GLU n 
1 117 CYS n 
1 118 VAL n 
1 119 MET n 
1 120 LYS n 
1 121 GLY n 
1 122 VAL n 
1 123 THR n 
1 124 SER n 
1 125 THR n 
1 126 ARG n 
1 127 VAL n 
1 128 TYR n 
1 129 GLU n 
1 130 ARG n 
1 131 ALA n 
# 
_entity_src_gen.entity_id                          1 
_entity_src_gen.pdbx_src_id                        1 
_entity_src_gen.pdbx_alt_source_flag               sample 
_entity_src_gen.pdbx_seq_type                      ? 
_entity_src_gen.pdbx_beg_seq_num                   ? 
_entity_src_gen.pdbx_end_seq_num                   ? 
_entity_src_gen.gene_src_common_name               human 
_entity_src_gen.gene_src_genus                     Homo 
_entity_src_gen.pdbx_gene_src_gene                 FABP4 
_entity_src_gen.gene_src_species                   ? 
_entity_src_gen.gene_src_strain                    ? 
_entity_src_gen.gene_src_tissue                    ? 
_entity_src_gen.gene_src_tissue_fraction           ? 
_entity_src_gen.gene_src_details                   ? 
_entity_src_gen.pdbx_gene_src_fragment             ? 
_entity_src_gen.pdbx_gene_src_scientific_name      'Homo sapiens' 
_entity_src_gen.pdbx_gene_src_ncbi_taxonomy_id     9606 
_entity_src_gen.pdbx_gene_src_variant              ? 
_entity_src_gen.pdbx_gene_src_cell_line            ? 
_entity_src_gen.pdbx_gene_src_atcc                 ? 
_entity_src_gen.pdbx_gene_src_organ                ? 
_entity_src_gen.pdbx_gene_src_organelle            ? 
_entity_src_gen.pdbx_gene_src_cell                 ? 
_entity_src_gen.pdbx_gene_src_cellular_location    ? 
_entity_src_gen.host_org_common_name               ? 
_entity_src_gen.pdbx_host_org_scientific_name      'Escherichia coli' 
_entity_src_gen.pdbx_host_org_ncbi_taxonomy_id     562 
_entity_src_gen.host_org_genus                     Escherichia 
_entity_src_gen.pdbx_host_org_gene                 ? 
_entity_src_gen.pdbx_host_org_organ                ? 
_entity_src_gen.host_org_species                   ? 
_entity_src_gen.pdbx_host_org_tissue               ? 
_entity_src_gen.pdbx_host_org_tissue_fraction      ? 
_entity_src_gen.pdbx_host_org_strain               ? 
_entity_src_gen.pdbx_host_org_variant              ? 
_entity_src_gen.pdbx_host_org_cell_line            ? 
_entity_src_gen.pdbx_host_org_atcc                 ? 
_entity_src_gen.pdbx_host_org_culture_collection   ? 
_entity_src_gen.pdbx_host_org_cell                 ? 
_entity_src_gen.pdbx_host_org_organelle            ? 
_entity_src_gen.pdbx_host_org_cellular_location    ? 
_entity_src_gen.pdbx_host_org_vector_type          ? 
_entity_src_gen.pdbx_host_org_vector               ? 
_entity_src_gen.host_org_details                   ? 
_entity_src_gen.expression_system_id               ? 
_entity_src_gen.plasmid_name                       ? 
_entity_src_gen.plasmid_details                    ? 
_entity_src_gen.pdbx_description                   ? 
# 
loop_
_chem_comp.id 
_chem_comp.type 
_chem_comp.mon_nstd_flag 
_chem_comp.name 
_chem_comp.pdbx_synonyms 
_chem_comp.formula 
_chem_comp.formula_weight 
ALA 'L-peptide linking' y ALANINE                                                                    ? 'C3 H7 N O2'     89.093  
ARG 'L-peptide linking' y ARGININE                                                                   ? 'C6 H15 N4 O2 1' 175.209 
ASN 'L-peptide linking' y ASPARAGINE                                                                 ? 'C4 H8 N2 O3'    132.118 
ASP 'L-peptide linking' y 'ASPARTIC ACID'                                                            ? 'C4 H7 N O4'     133.103 
CYS 'L-peptide linking' y CYSTEINE                                                                   ? 'C3 H7 N O2 S'   121.158 
GLN 'L-peptide linking' y GLUTAMINE                                                                  ? 'C5 H10 N2 O3'   146.144 
GLU 'L-peptide linking' y 'GLUTAMIC ACID'                                                            ? 'C5 H9 N O4'     147.129 
GLY 'peptide linking'   y GLYCINE                                                                    ? 'C2 H5 N O2'     75.067  
HIS 'L-peptide linking' y HISTIDINE                                                                  ? 'C6 H10 N3 O2 1' 156.162 
HOH non-polymer         . WATER                                                                      ? 'H2 O'           18.015  
ILE 'L-peptide linking' y ISOLEUCINE                                                                 ? 'C6 H13 N O2'    131.173 
LEU 'L-peptide linking' y LEUCINE                                                                    ? 'C6 H13 N O2'    131.173 
LYS 'L-peptide linking' y LYSINE                                                                     ? 'C6 H15 N2 O2 1' 147.195 
MET 'L-peptide linking' y METHIONINE                                                                 ? 'C5 H11 N O2 S'  149.211 
PHE 'L-peptide linking' y PHENYLALANINE                                                              ? 'C9 H11 N O2'    165.189 
PRO 'L-peptide linking' y PROLINE                                                                    ? 'C5 H9 N O2'     115.130 
SER 'L-peptide linking' y SERINE                                                                     ? 'C3 H7 N O3'     105.093 
SO4 non-polymer         . 'SULFATE ION'                                                              ? 'O4 S -2'        96.063  
T4B non-polymer         . 
;((2'-(5-ETHYL-3,4-DIPHENYL-1H-PYRAZOL-1-YL)-3-BIPHENYLYL)OXY)ACETIC ACID
;
? 'C31 H26 N2 O3'  474.550 
THR 'L-peptide linking' y THREONINE                                                                  ? 'C4 H9 N O3'     119.119 
TRP 'L-peptide linking' y TRYPTOPHAN                                                                 ? 'C11 H12 N2 O2'  204.225 
TYR 'L-peptide linking' y TYROSINE                                                                   ? 'C9 H11 N O3'    181.189 
VAL 'L-peptide linking' y VALINE                                                                     ? 'C5 H11 N O2'    117.146 
# 
loop_
_pdbx_poly_seq_scheme.asym_id 
_pdbx_poly_seq_scheme.entity_id 
_pdbx_poly_seq_scheme.seq_id 
_pdbx_poly_seq_scheme.mon_id 
_pdbx_poly_seq_scheme.ndb_seq_num 
_pdbx_poly_seq_scheme.pdb_seq_num 
_pdbx_poly_seq_scheme.auth_seq_num 
_pdbx_poly_seq_scheme.pdb_mon_id 
_pdbx_poly_seq_scheme.auth_mon_id 
_pdbx_poly_seq_scheme.pdb_strand_id 
_pdbx_poly_seq_scheme.pdb_ins_code 
_pdbx_poly_seq_scheme.hetero 
A 1 1   CYS 1   1   1   CYS CYS A . n 
A 1 2   ASP 2   2   2   ASP ASP A . n 
A 1 3   ALA 3   3   3   ALA ALA A . n 
A 1 4   PHE 4   4   4   PHE PHE A . n 
A 1 5   VAL 5   5   5   VAL VAL A . n 
A 1 6   GLY 6   6   6   GLY GLY A . n 
A 1 7   THR 7   7   7   THR THR A . n 
A 1 8   TRP 8   8   8   TRP TRP A . n 
A 1 9   LYS 9   9   9   LYS LYS A . n 
A 1 10  LEU 10  10  10  LEU LEU A . n 
A 1 11  VAL 11  11  11  VAL VAL A . n 
A 1 12  SER 12  12  12  SER SER A . n 
A 1 13  SER 13  13  13  SER SER A . n 
A 1 14  GLU 14  14  14  GLU GLU A . n 
A 1 15  ASN 15  15  15  ASN ASN A . n 
A 1 16  PHE 16  16  16  PHE PHE A . n 
A 1 17  ASP 17  17  17  ASP ASP A . n 
A 1 18  ASP 18  18  18  ASP ASP A . n 
A 1 19  TYR 19  19  19  TYR TYR A . n 
A 1 20  MET 20  20  20  MET MET A . n 
A 1 21  LYS 21  21  21  LYS LYS A . n 
A 1 22  GLU 22  22  22  GLU GLU A . n 
A 1 23  VAL 23  23  23  VAL VAL A . n 
A 1 24  GLY 24  24  24  GLY GLY A . n 
A 1 25  VAL 25  25  25  VAL VAL A . n 
A 1 26  GLY 26  26  26  GLY GLY A . n 
A 1 27  PHE 27  27  27  PHE PHE A . n 
A 1 28  ALA 28  28  28  ALA ALA A . n 
A 1 29  THR 29  29  29  THR THR A . n 
A 1 30  ARG 30  30  30  ARG ARG A . n 
A 1 31  LYS 31  31  31  LYS LYS A . n 
A 1 32  VAL 32  32  32  VAL VAL A . n 
A 1 33  ALA 33  33  33  ALA ALA A . n 
A 1 34  GLY 34  34  34  GLY GLY A . n 
A 1 35  MET 35  35  35  MET MET A . n 
A 1 36  ALA 36  36  36  ALA ALA A . n 
A 1 37  LYS 37  37  37  LYS LYS A . n 
A 1 38  PRO 38  38  38  PRO PRO A . n 
A 1 39  ASN 39  39  39  ASN ASN A . n 
A 1 40  MET 40  40  40  MET MET A . n 
A 1 41  ILE 41  41  41  ILE ILE A . n 
A 1 42  ILE 42  42  42  ILE ILE A . n 
A 1 43  SER 43  43  43  SER SER A . n 
A 1 44  VAL 44  44  44  VAL VAL A . n 
A 1 45  ASN 45  45  45  ASN ASN A . n 
A 1 46  GLY 46  46  46  GLY GLY A . n 
A 1 47  ASP 47  47  47  ASP ASP A . n 
A 1 48  VAL 48  48  48  VAL VAL A . n 
A 1 49  ILE 49  49  49  ILE ILE A . n 
A 1 50  THR 50  50  50  THR THR A . n 
A 1 51  ILE 51  51  51  ILE ILE A . n 
A 1 52  LYS 52  52  52  LYS LYS A . n 
A 1 53  SER 53  53  53  SER SER A . n 
A 1 54  GLU 54  54  54  GLU GLU A . n 
A 1 55  SER 55  55  55  SER SER A . n 
A 1 56  THR 56  56  56  THR THR A . n 
A 1 57  PHE 57  57  57  PHE PHE A . n 
A 1 58  LYS 58  58  58  LYS LYS A . n 
A 1 59  ASN 59  59  59  ASN ASN A . n 
A 1 60  THR 60  60  60  THR THR A . n 
A 1 61  GLU 61  61  61  GLU GLU A . n 
A 1 62  ILE 62  62  62  ILE ILE A . n 
A 1 63  SER 63  63  63  SER SER A . n 
A 1 64  PHE 64  64  64  PHE PHE A . n 
A 1 65  ILE 65  65  65  ILE ILE A . n 
A 1 66  LEU 66  66  66  LEU LEU A . n 
A 1 67  GLY 67  67  67  GLY GLY A . n 
A 1 68  GLN 68  68  68  GLN GLN A . n 
A 1 69  GLU 69  69  69  GLU GLU A . n 
A 1 70  PHE 70  70  70  PHE PHE A . n 
A 1 71  ASP 71  71  71  ASP ASP A . n 
A 1 72  GLU 72  72  72  GLU GLU A . n 
A 1 73  VAL 73  73  73  VAL VAL A . n 
A 1 74  THR 74  74  74  THR THR A . n 
A 1 75  ALA 75  75  75  ALA ALA A . n 
A 1 76  ASP 76  76  76  ASP ASP A . n 
A 1 77  ASP 77  77  77  ASP ASP A . n 
A 1 78  ARG 78  78  78  ARG ARG A . n 
A 1 79  LYS 79  79  79  LYS LYS A . n 
A 1 80  VAL 80  80  80  VAL VAL A . n 
A 1 81  LYS 81  81  81  LYS LYS A . n 
A 1 82  SER 82  82  82  SER SER A . n 
A 1 83  THR 83  83  83  THR THR A . n 
A 1 84  ILE 84  84  84  ILE ILE A . n 
A 1 85  THR 85  85  85  THR THR A . n 
A 1 86  LEU 86  86  86  LEU LEU A . n 
A 1 87  ASP 87  87  87  ASP ASP A . n 
A 1 88  GLY 88  88  88  GLY GLY A . n 
A 1 89  GLY 89  89  89  GLY GLY A . n 
A 1 90  VAL 90  90  90  VAL VAL A . n 
A 1 91  LEU 91  91  91  LEU LEU A . n 
A 1 92  VAL 92  92  92  VAL VAL A . n 
A 1 93  HIS 93  93  93  HIS HIS A . n 
A 1 94  VAL 94  94  94  VAL VAL A . n 
A 1 95  GLN 95  95  95  GLN GLN A . n 
A 1 96  LYS 96  96  96  LYS LYS A . n 
A 1 97  TRP 97  97  97  TRP TRP A . n 
A 1 98  ASP 98  98  98  ASP ASP A . n 
A 1 99  GLY 99  99  99  GLY GLY A . n 
A 1 100 LYS 100 100 100 LYS LYS A . n 
A 1 101 SER 101 101 101 SER SER A . n 
A 1 102 THR 102 102 102 THR THR A . n 
A 1 103 THR 103 103 103 THR THR A . n 
A 1 104 ILE 104 104 104 ILE ILE A . n 
A 1 105 LYS 105 105 105 LYS LYS A . n 
A 1 106 ARG 106 106 106 ARG ARG A . n 
A 1 107 LYS 107 107 107 LYS LYS A . n 
A 1 108 ARG 108 108 108 ARG ARG A . n 
A 1 109 GLU 109 109 109 GLU GLU A . n 
A 1 110 ASP 110 110 110 ASP ASP A . n 
A 1 111 ASP 111 111 111 ASP ASP A . n 
A 1 112 LYS 112 112 112 LYS LYS A . n 
A 1 113 LEU 113 113 113 LEU LEU A . n 
A 1 114 VAL 114 114 114 VAL VAL A . n 
A 1 115 VAL 115 115 115 VAL VAL A . n 
A 1 116 GLU 116 116 116 GLU GLU A . n 
A 1 117 CYS 117 117 117 CYS CYS A . n 
A 1 118 VAL 118 118 118 VAL VAL A . n 
A 1 119 MET 119 119 119 MET MET A . n 
A 1 120 LYS 120 120 120 LYS LYS A . n 
A 1 121 GLY 121 121 121 GLY GLY A . n 
A 1 122 VAL 122 122 122 VAL VAL A . n 
A 1 123 THR 123 123 123 THR THR A . n 
A 1 124 SER 124 124 124 SER SER A . n 
A 1 125 THR 125 125 125 THR THR A . n 
A 1 126 ARG 126 126 126 ARG ARG A . n 
A 1 127 VAL 127 127 127 VAL VAL A . n 
A 1 128 TYR 128 128 128 TYR TYR A . n 
A 1 129 GLU 129 129 129 GLU GLU A . n 
A 1 130 ARG 130 130 130 ARG ARG A . n 
A 1 131 ALA 131 131 131 ALA ALA A . n 
# 
loop_
_pdbx_nonpoly_scheme.asym_id 
_pdbx_nonpoly_scheme.entity_id 
_pdbx_nonpoly_scheme.mon_id 
_pdbx_nonpoly_scheme.ndb_seq_num 
_pdbx_nonpoly_scheme.pdb_seq_num 
_pdbx_nonpoly_scheme.auth_seq_num 
_pdbx_nonpoly_scheme.pdb_mon_id 
_pdbx_nonpoly_scheme.auth_mon_id 
_pdbx_nonpoly_scheme.pdb_strand_id 
_pdbx_nonpoly_scheme.pdb_ins_code 
B 2 SO4 1   291 291 SO4 SO4 A . 
C 2 SO4 1   292 292 SO4 SO4 A . 
D 3 T4B 1   293 1   T4B T4B A . 
E 4 HOH 1   301 301 HOH HOH A . 
E 4 HOH 2   302 302 HOH HOH A . 
E 4 HOH 3   303 303 HOH HOH A . 
E 4 HOH 4   305 305 HOH HOH A . 
E 4 HOH 5   306 306 HOH HOH A . 
E 4 HOH 6   307 307 HOH HOH A . 
E 4 HOH 7   308 308 HOH HOH A . 
E 4 HOH 8   309 309 HOH HOH A . 
E 4 HOH 9   310 310 HOH HOH A . 
E 4 HOH 10  311 311 HOH HOH A . 
E 4 HOH 11  313 313 HOH HOH A . 
E 4 HOH 12  314 314 HOH HOH A . 
E 4 HOH 13  316 316 HOH HOH A . 
E 4 HOH 14  317 317 HOH HOH A . 
E 4 HOH 15  318 318 HOH HOH A . 
E 4 HOH 16  320 320 HOH HOH A . 
E 4 HOH 17  321 321 HOH HOH A . 
E 4 HOH 18  323 323 HOH HOH A . 
E 4 HOH 19  324 324 HOH HOH A . 
E 4 HOH 20  328 328 HOH HOH A . 
E 4 HOH 21  331 331 HOH HOH A . 
E 4 HOH 22  332 332 HOH HOH A . 
E 4 HOH 23  333 333 HOH HOH A . 
E 4 HOH 24  334 334 HOH HOH A . 
E 4 HOH 25  335 335 HOH HOH A . 
E 4 HOH 26  336 336 HOH HOH A . 
E 4 HOH 27  337 337 HOH HOH A . 
E 4 HOH 28  339 339 HOH HOH A . 
E 4 HOH 29  340 340 HOH HOH A . 
E 4 HOH 30  341 341 HOH HOH A . 
E 4 HOH 31  344 344 HOH HOH A . 
E 4 HOH 32  345 345 HOH HOH A . 
E 4 HOH 33  346 346 HOH HOH A . 
E 4 HOH 34  347 347 HOH HOH A . 
E 4 HOH 35  348 348 HOH HOH A . 
E 4 HOH 36  350 350 HOH HOH A . 
E 4 HOH 37  357 357 HOH HOH A . 
E 4 HOH 38  361 361 HOH HOH A . 
E 4 HOH 39  364 364 HOH HOH A . 
E 4 HOH 40  365 365 HOH HOH A . 
E 4 HOH 41  366 366 HOH HOH A . 
E 4 HOH 42  368 368 HOH HOH A . 
E 4 HOH 43  369 369 HOH HOH A . 
E 4 HOH 44  370 370 HOH HOH A . 
E 4 HOH 45  371 371 HOH HOH A . 
E 4 HOH 46  372 372 HOH HOH A . 
E 4 HOH 47  373 373 HOH HOH A . 
E 4 HOH 48  374 374 HOH HOH A . 
E 4 HOH 49  375 375 HOH HOH A . 
E 4 HOH 50  378 378 HOH HOH A . 
E 4 HOH 51  380 380 HOH HOH A . 
E 4 HOH 52  386 386 HOH HOH A . 
E 4 HOH 53  390 390 HOH HOH A . 
E 4 HOH 54  392 392 HOH HOH A . 
E 4 HOH 55  393 393 HOH HOH A . 
E 4 HOH 56  394 394 HOH HOH A . 
E 4 HOH 57  395 395 HOH HOH A . 
E 4 HOH 58  401 401 HOH HOH A . 
E 4 HOH 59  406 406 HOH HOH A . 
E 4 HOH 60  407 407 HOH HOH A . 
E 4 HOH 61  408 408 HOH HOH A . 
E 4 HOH 62  411 411 HOH HOH A . 
E 4 HOH 63  424 424 HOH HOH A . 
E 4 HOH 64  429 429 HOH HOH A . 
E 4 HOH 65  430 430 HOH HOH A . 
E 4 HOH 66  435 435 HOH HOH A . 
E 4 HOH 67  436 436 HOH HOH A . 
E 4 HOH 68  451 451 HOH HOH A . 
E 4 HOH 69  453 453 HOH HOH A . 
E 4 HOH 70  455 455 HOH HOH A . 
E 4 HOH 71  468 468 HOH HOH A . 
E 4 HOH 72  476 476 HOH HOH A . 
E 4 HOH 73  477 477 HOH HOH A . 
E 4 HOH 74  478 478 HOH HOH A . 
E 4 HOH 75  481 481 HOH HOH A . 
E 4 HOH 76  482 482 HOH HOH A . 
E 4 HOH 77  483 483 HOH HOH A . 
E 4 HOH 78  490 490 HOH HOH A . 
E 4 HOH 79  491 491 HOH HOH A . 
E 4 HOH 80  492 492 HOH HOH A . 
E 4 HOH 81  493 493 HOH HOH A . 
E 4 HOH 82  496 496 HOH HOH A . 
E 4 HOH 83  498 498 HOH HOH A . 
E 4 HOH 84  503 503 HOH HOH A . 
E 4 HOH 85  504 504 HOH HOH A . 
E 4 HOH 86  505 505 HOH HOH A . 
E 4 HOH 87  538 538 HOH HOH A . 
E 4 HOH 88  539 539 HOH HOH A . 
E 4 HOH 89  540 540 HOH HOH A . 
E 4 HOH 90  541 541 HOH HOH A . 
E 4 HOH 91  542 542 HOH HOH A . 
E 4 HOH 92  547 547 HOH HOH A . 
E 4 HOH 93  549 549 HOH HOH A . 
E 4 HOH 94  551 551 HOH HOH A . 
E 4 HOH 95  553 553 HOH HOH A . 
E 4 HOH 96  561 561 HOH HOH A . 
E 4 HOH 97  562 562 HOH HOH A . 
E 4 HOH 98  563 563 HOH HOH A . 
E 4 HOH 99  564 564 HOH HOH A . 
E 4 HOH 100 567 567 HOH HOH A . 
E 4 HOH 101 573 573 HOH HOH A . 
E 4 HOH 102 581 581 HOH HOH A . 
E 4 HOH 103 582 582 HOH HOH A . 
E 4 HOH 104 592 592 HOH HOH A . 
E 4 HOH 105 593 593 HOH HOH A . 
E 4 HOH 106 597 597 HOH HOH A . 
E 4 HOH 107 607 607 HOH HOH A . 
E 4 HOH 108 608 608 HOH HOH A . 
E 4 HOH 109 609 609 HOH HOH A . 
E 4 HOH 110 618 618 HOH HOH A . 
E 4 HOH 111 622 622 HOH HOH A . 
E 4 HOH 112 623 623 HOH HOH A . 
E 4 HOH 113 624 624 HOH HOH A . 
E 4 HOH 114 625 625 HOH HOH A . 
E 4 HOH 115 631 631 HOH HOH A . 
E 4 HOH 116 633 633 HOH HOH A . 
E 4 HOH 117 634 634 HOH HOH A . 
E 4 HOH 118 635 635 HOH HOH A . 
E 4 HOH 119 636 636 HOH HOH A . 
E 4 HOH 120 638 638 HOH HOH A . 
E 4 HOH 121 639 639 HOH HOH A . 
E 4 HOH 122 640 640 HOH HOH A . 
E 4 HOH 123 641 641 HOH HOH A . 
E 4 HOH 124 643 643 HOH HOH A . 
E 4 HOH 125 645 645 HOH HOH A . 
E 4 HOH 126 646 646 HOH HOH A . 
E 4 HOH 127 647 647 HOH HOH A . 
E 4 HOH 128 650 650 HOH HOH A . 
E 4 HOH 129 652 652 HOH HOH A . 
E 4 HOH 130 653 653 HOH HOH A . 
E 4 HOH 131 657 657 HOH HOH A . 
E 4 HOH 132 659 659 HOH HOH A . 
E 4 HOH 133 664 664 HOH HOH A . 
E 4 HOH 134 665 665 HOH HOH A . 
E 4 HOH 135 666 666 HOH HOH A . 
E 4 HOH 136 667 667 HOH HOH A . 
E 4 HOH 137 668 668 HOH HOH A . 
E 4 HOH 138 670 670 HOH HOH A . 
E 4 HOH 139 671 671 HOH HOH A . 
E 4 HOH 140 673 673 HOH HOH A . 
E 4 HOH 141 674 674 HOH HOH A . 
E 4 HOH 142 675 675 HOH HOH A . 
E 4 HOH 143 677 677 HOH HOH A . 
E 4 HOH 144 678 678 HOH HOH A . 
E 4 HOH 145 681 681 HOH HOH A . 
E 4 HOH 146 682 682 HOH HOH A . 
E 4 HOH 147 683 683 HOH HOH A . 
E 4 HOH 148 684 684 HOH HOH A . 
E 4 HOH 149 685 685 HOH HOH A . 
E 4 HOH 150 686 686 HOH HOH A . 
E 4 HOH 151 690 690 HOH HOH A . 
E 4 HOH 152 692 692 HOH HOH A . 
# 
loop_
_pdbx_unobs_or_zero_occ_atoms.id 
_pdbx_unobs_or_zero_occ_atoms.PDB_model_num 
_pdbx_unobs_or_zero_occ_atoms.polymer_flag 
_pdbx_unobs_or_zero_occ_atoms.occupancy_flag 
_pdbx_unobs_or_zero_occ_atoms.auth_asym_id 
_pdbx_unobs_or_zero_occ_atoms.auth_comp_id 
_pdbx_unobs_or_zero_occ_atoms.auth_seq_id 
_pdbx_unobs_or_zero_occ_atoms.PDB_ins_code 
_pdbx_unobs_or_zero_occ_atoms.auth_atom_id 
_pdbx_unobs_or_zero_occ_atoms.label_alt_id 
_pdbx_unobs_or_zero_occ_atoms.label_asym_id 
_pdbx_unobs_or_zero_occ_atoms.label_comp_id 
_pdbx_unobs_or_zero_occ_atoms.label_seq_id 
_pdbx_unobs_or_zero_occ_atoms.label_atom_id 
1 1 Y 1 A GLU 54 ? CB  ? A GLU 54 CB  
2 1 Y 1 A GLU 54 ? CG  ? A GLU 54 CG  
3 1 Y 1 A GLU 54 ? CD  ? A GLU 54 CD  
4 1 Y 1 A GLU 54 ? OE1 ? A GLU 54 OE1 
5 1 Y 1 A GLU 54 ? OE2 ? A GLU 54 OE2 
6 1 Y 1 A LYS 79 ? CD  ? A LYS 79 CD  
7 1 Y 1 A LYS 79 ? CE  ? A LYS 79 CE  
8 1 Y 1 A LYS 79 ? NZ  ? A LYS 79 NZ  
# 
loop_
_software.name 
_software.version 
_software.date 
_software.type 
_software.contact_author 
_software.contact_author_email 
_software.classification 
_software.location 
_software.language 
_software.citation_id 
_software.pdbx_ordinal 
CNS         .     ?                package 'Axel T. Brunger' axel.brunger@yale.edu    refinement        
http://cns.csb.yale.edu/v1.1/    Fortran_77 ? 1 
PDB_EXTRACT 2.000 'April. 3, 2006' package PDB               sw-help@rcsb.rutgers.edu 'data extraction' 
http://pdb.rutgers.edu/software/ C++        ? 2 
X-GEN       .     ?                ?       ?                 ?                        'data reduction'  ? ?          ? 3 
X-GEN       .     ?                ?       ?                 ?                        'data scaling'    ? ?          ? 4 
AMoRE       .     ?                ?       ?                 ?                        phasing           ? ?          ? 5 
CNX         2005  ?                ?       ?                 ?                        refinement        ? ?          ? 6 
# 
_cell.entry_id           2NNQ 
_cell.length_a           32.620 
_cell.length_b           53.930 
_cell.length_c           74.410 
_cell.angle_alpha        90.00 
_cell.angle_beta         90.00 
_cell.angle_gamma        90.00 
_cell.Z_PDB              4 
_cell.pdbx_unique_axis   ? 
_cell.length_a_esd       ? 
_cell.length_b_esd       ? 
_cell.length_c_esd       ? 
_cell.angle_alpha_esd    ? 
_cell.angle_beta_esd     ? 
_cell.angle_gamma_esd    ? 
# 
_symmetry.entry_id                         2NNQ 
_symmetry.space_group_name_H-M             'P 21 21 21' 
_symmetry.pdbx_full_space_group_name_H-M   ? 
_symmetry.cell_setting                     ? 
_symmetry.Int_Tables_number                19 
_symmetry.space_group_name_Hall            ? 
# 
_exptl.entry_id          2NNQ 
_exptl.method            'X-RAY DIFFRACTION' 
_exptl.crystals_number   1 
# 
_exptl_crystal.id                    1 
_exptl_crystal.density_meas          ? 
_exptl_crystal.density_Matthews      2.25 
_exptl_crystal.density_percent_sol   45.25 
_exptl_crystal.description           ? 
_exptl_crystal.F_000                 ? 
_exptl_crystal.preparation           ? 
# 
_exptl_crystal_grow.crystal_id      1 
_exptl_crystal_grow.method          ? 
_exptl_crystal_grow.temp            293 
_exptl_crystal_grow.temp_details    ? 
_exptl_crystal_grow.pH              5.60 
_exptl_crystal_grow.pdbx_details    
'~70% saturated ammonium sulfate, pH 5.6, vapor diffusion, hanging drop, temperature 293K, pH 5.60' 
_exptl_crystal_grow.pdbx_pH_range   . 
# 
_diffrn.id                     1 
_diffrn.ambient_temp           100.0 
_diffrn.ambient_temp_details   ? 
_diffrn.crystal_id             1 
# 
_diffrn_detector.diffrn_id              1 
_diffrn_detector.detector               'AREA DETECTOR' 
_diffrn_detector.type                   BRUKER 
_diffrn_detector.pdbx_collection_date   1999-04-22 
_diffrn_detector.details                MONOCHROMATOR 
# 
_diffrn_radiation.diffrn_id                        1 
_diffrn_radiation.wavelength_id                    1 
_diffrn_radiation.pdbx_monochromatic_or_laue_m_l   M 
_diffrn_radiation.monochromator                    GRAPHITE 
_diffrn_radiation.pdbx_diffrn_protocol             'SINGLE WAVELENGTH' 
_diffrn_radiation.pdbx_scattering_type             x-ray 
# 
_diffrn_radiation_wavelength.id           1 
_diffrn_radiation_wavelength.wavelength   1.54 
_diffrn_radiation_wavelength.wt           1.0 
# 
_diffrn_source.diffrn_id                   1 
_diffrn_source.source                      'ROTATING ANODE' 
_diffrn_source.type                        'RIGAKU RU200' 
_diffrn_source.pdbx_synchrotron_site       ? 
_diffrn_source.pdbx_synchrotron_beamline   ? 
_diffrn_source.pdbx_wavelength             1.54 
_diffrn_source.pdbx_wavelength_list        ? 
# 
_reflns.entry_id                     2NNQ 
_reflns.observed_criterion_sigma_I   0.000 
_reflns.observed_criterion_sigma_F   ? 
_reflns.d_resolution_low             99.000 
_reflns.d_resolution_high            1.670 
_reflns.number_obs                   12558 
_reflns.number_all                   ? 
_reflns.percent_possible_obs         78.6 
_reflns.pdbx_Rmerge_I_obs            0.095 
_reflns.pdbx_Rsym_value              ? 
_reflns.pdbx_netI_over_sigmaI        13.9000 
_reflns.B_iso_Wilson_estimate        8.70 
_reflns.pdbx_redundancy              3.800 
_reflns.R_free_details               ? 
_reflns.limit_h_max                  ? 
_reflns.limit_h_min                  ? 
_reflns.limit_k_max                  ? 
_reflns.limit_k_min                  ? 
_reflns.limit_l_max                  ? 
_reflns.limit_l_min                  ? 
_reflns.observed_criterion_F_max     ? 
_reflns.observed_criterion_F_min     ? 
_reflns.pdbx_chi_squared             ? 
_reflns.pdbx_scaling_rejects         ? 
_reflns.pdbx_ordinal                 1 
_reflns.pdbx_diffrn_id               1 
# 
_reflns_shell.d_res_high             1.77 
_reflns_shell.d_res_low              1.91 
_reflns_shell.percent_possible_all   64.9 
_reflns_shell.Rmerge_I_obs           0.183 
_reflns_shell.pdbx_Rsym_value        ? 
_reflns_shell.meanI_over_sigI_obs    3.300 
_reflns_shell.pdbx_redundancy        1.70 
_reflns_shell.percent_possible_obs   ? 
_reflns_shell.number_unique_all      ? 
_reflns_shell.number_measured_all    ? 
_reflns_shell.number_measured_obs    ? 
_reflns_shell.number_unique_obs      ? 
_reflns_shell.pdbx_chi_squared       ? 
_reflns_shell.pdbx_ordinal           1 
_reflns_shell.pdbx_diffrn_id         1 
# 
_refine.entry_id                                 2NNQ 
_refine.ls_number_reflns_obs                     10359 
_refine.ls_number_reflns_all                     10359 
_refine.pdbx_ls_sigma_I                          ? 
_refine.pdbx_ls_sigma_F                          0.000 
_refine.pdbx_data_cutoff_high_absF               2022639.620 
_refine.pdbx_data_cutoff_low_absF                0.0000 
_refine.pdbx_data_cutoff_high_rms_absF           ? 
_refine.ls_d_res_low                             5.99 
_refine.ls_d_res_high                            1.80 
_refine.ls_percent_reflns_obs                    84.1 
_refine.ls_R_factor_obs                          0.193 
_refine.ls_R_factor_all                          ? 
_refine.ls_R_factor_R_work                       0.188 
_refine.ls_R_factor_R_free                       0.235 
_refine.ls_R_factor_R_free_error                 0.007 
_refine.ls_R_factor_R_free_error_details         ? 
_refine.ls_percent_reflns_R_free                 10.000 
_refine.ls_number_reflns_R_free                  1032 
_refine.ls_number_parameters                     ? 
_refine.ls_number_restraints                     ? 
_refine.occupancy_min                            ? 
_refine.occupancy_max                            ? 
_refine.correlation_coeff_Fo_to_Fc               ? 
_refine.correlation_coeff_Fo_to_Fc_free          ? 
_refine.B_iso_mean                               13.50 
_refine.aniso_B[1][1]                            2.58000 
_refine.aniso_B[2][2]                            -1.57000 
_refine.aniso_B[3][3]                            -1.01000 
_refine.aniso_B[1][2]                            0.00000 
_refine.aniso_B[1][3]                            0.00000 
_refine.aniso_B[2][3]                            0.00000 
_refine.solvent_model_details                    ? 
_refine.solvent_model_param_ksol                 0.564375 
_refine.solvent_model_param_bsol                 73.1434 
_refine.pdbx_solvent_vdw_probe_radii             ? 
_refine.pdbx_solvent_ion_probe_radii             ? 
_refine.pdbx_solvent_shrinkage_radii             ? 
_refine.pdbx_ls_cross_valid_method               THROUGHOUT 
_refine.details                                  ? 
_refine.pdbx_starting_model                      AP2 
_refine.pdbx_method_to_determine_struct          MR 
_refine.pdbx_isotropic_thermal_model             RESTRAINED 
_refine.pdbx_stereochemistry_target_values       ? 
_refine.pdbx_stereochem_target_val_spec_case     ? 
_refine.pdbx_R_Free_selection_details            RANDOM 
_refine.pdbx_overall_ESU_R                       ? 
_refine.pdbx_overall_ESU_R_Free                  ? 
_refine.overall_SU_ML                            ? 
_refine.overall_SU_B                             ? 
_refine.ls_redundancy_reflns_obs                 ? 
_refine.B_iso_min                                ? 
_refine.B_iso_max                                ? 
_refine.overall_SU_R_Cruickshank_DPI             ? 
_refine.overall_SU_R_free                        ? 
_refine.ls_wR_factor_R_free                      ? 
_refine.ls_wR_factor_R_work                      ? 
_refine.overall_FOM_free_R_set                   ? 
_refine.overall_FOM_work_R_set                   ? 
_refine.pdbx_refine_id                           'X-RAY DIFFRACTION' 
_refine.pdbx_overall_phase_error                 ? 
_refine.pdbx_diffrn_id                           1 
_refine.pdbx_TLS_residual_ADP_flag               ? 
_refine.pdbx_overall_SU_R_free_Cruickshank_DPI   ? 
_refine.pdbx_overall_SU_R_Blow_DPI               ? 
_refine.pdbx_overall_SU_R_free_Blow_DPI          ? 
# 
_refine_analyze.entry_id                        2NNQ 
_refine_analyze.Luzzati_coordinate_error_obs    0.19 
_refine_analyze.Luzzati_sigma_a_obs             0.14 
_refine_analyze.Luzzati_d_res_low_obs           5.00 
_refine_analyze.Luzzati_coordinate_error_free   0.25 
_refine_analyze.Luzzati_sigma_a_free            0.19 
_refine_analyze.Luzzati_d_res_low_free          ? 
_refine_analyze.number_disordered_residues      ? 
_refine_analyze.occupancy_sum_hydrogen          ? 
_refine_analyze.occupancy_sum_non_hydrogen      ? 
_refine_analyze.pdbx_Luzzati_d_res_high_obs     ? 
_refine_analyze.pdbx_refine_id                  'X-RAY DIFFRACTION' 
# 
_refine_hist.pdbx_refine_id                   'X-RAY DIFFRACTION' 
_refine_hist.cycle_id                         LAST 
_refine_hist.pdbx_number_atoms_protein        1014 
_refine_hist.pdbx_number_atoms_nucleic_acid   0 
_refine_hist.pdbx_number_atoms_ligand         46 
_refine_hist.number_atoms_solvent             152 
_refine_hist.number_atoms_total               1212 
_refine_hist.d_res_high                       1.80 
_refine_hist.d_res_low                        5.99 
# 
loop_
_refine_ls_restr.type 
_refine_ls_restr.dev_ideal 
_refine_ls_restr.dev_ideal_target 
_refine_ls_restr.weight 
_refine_ls_restr.number 
_refine_ls_restr.pdbx_refine_id 
_refine_ls_restr.pdbx_restraint_function 
c_bond_d                0.007 ?     ? ? 'X-RAY DIFFRACTION' ? 
c_bond_d_na             ?     ?     ? ? 'X-RAY DIFFRACTION' ? 
c_bond_d_prot           ?     ?     ? ? 'X-RAY DIFFRACTION' ? 
c_angle_d               ?     ?     ? ? 'X-RAY DIFFRACTION' ? 
c_angle_d_na            ?     ?     ? ? 'X-RAY DIFFRACTION' ? 
c_angle_d_prot          ?     ?     ? ? 'X-RAY DIFFRACTION' ? 
c_angle_deg             0.80  ?     ? ? 'X-RAY DIFFRACTION' ? 
c_angle_deg_na          ?     ?     ? ? 'X-RAY DIFFRACTION' ? 
c_angle_deg_prot        ?     ?     ? ? 'X-RAY DIFFRACTION' ? 
c_dihedral_angle_d      22.50 ?     ? ? 'X-RAY DIFFRACTION' ? 
c_dihedral_angle_d_na   ?     ?     ? ? 'X-RAY DIFFRACTION' ? 
c_dihedral_angle_d_prot ?     ?     ? ? 'X-RAY DIFFRACTION' ? 
c_improper_angle_d      0.51  ?     ? ? 'X-RAY DIFFRACTION' ? 
c_improper_angle_d_na   ?     ?     ? ? 'X-RAY DIFFRACTION' ? 
c_improper_angle_d_prot ?     ?     ? ? 'X-RAY DIFFRACTION' ? 
c_mcbond_it             1.010 1.500 ? ? 'X-RAY DIFFRACTION' ? 
c_mcangle_it            1.490 2.000 ? ? 'X-RAY DIFFRACTION' ? 
c_scbond_it             1.750 2.000 ? ? 'X-RAY DIFFRACTION' ? 
c_scangle_it            2.530 2.500 ? ? 'X-RAY DIFFRACTION' ? 
# 
_refine_ls_shell.pdbx_total_number_of_bins_used   8 
_refine_ls_shell.d_res_high                       1.80 
_refine_ls_shell.d_res_low                        1.88 
_refine_ls_shell.number_reflns_R_work             890 
_refine_ls_shell.R_factor_R_work                  0.236 
_refine_ls_shell.percent_reflns_obs               64.10 
_refine_ls_shell.R_factor_R_free                  0.274 
_refine_ls_shell.R_factor_R_free_error            0.028 
_refine_ls_shell.percent_reflns_R_free            9.60 
_refine_ls_shell.number_reflns_R_free             95 
_refine_ls_shell.number_reflns_all                ? 
_refine_ls_shell.R_factor_all                     ? 
_refine_ls_shell.redundancy_reflns_obs            ? 
_refine_ls_shell.number_reflns_obs                ? 
_refine_ls_shell.pdbx_refine_id                   'X-RAY DIFFRACTION' 
# 
_pdbx_refine.entry_id                                    2NNQ 
_pdbx_refine.R_factor_all_no_cutoff                      0.193 
_pdbx_refine.R_factor_obs_no_cutoff                      0.188 
_pdbx_refine.free_R_factor_no_cutoff                     0.235 
_pdbx_refine.free_R_error_no_cutoff                      0.007 
_pdbx_refine.free_R_val_test_set_size_perc_no_cutoff     10.0 
_pdbx_refine.free_R_val_test_set_ct_no_cutoff            1032 
_pdbx_refine.R_factor_all_4sig_cutoff                    ? 
_pdbx_refine.R_factor_obs_4sig_cutoff                    ? 
_pdbx_refine.free_R_factor_4sig_cutoff                   ? 
_pdbx_refine.free_R_val_test_set_size_perc_4sig_cutoff   ? 
_pdbx_refine.free_R_val_test_set_ct_4sig_cutoff          ? 
_pdbx_refine.number_reflns_obs_4sig_cutoff               ? 
_pdbx_refine.pdbx_refine_id                              'X-RAY DIFFRACTION' 
# 
loop_
_pdbx_xplor_file.serial_no 
_pdbx_xplor_file.param_file 
_pdbx_xplor_file.topol_file 
_pdbx_xplor_file.pdbx_refine_id 
1 PROTEIN_REP.PARAM PROTEIN.TOP 'X-RAY DIFFRACTION' 
2 WATER_REP.PARAM   WATER.TOP   'X-RAY DIFFRACTION' 
3 ION.PARAM         ION.TOP     'X-RAY DIFFRACTION' 
4 T4B.PAR           T4B.TOP     'X-RAY DIFFRACTION' 
# 
_struct.entry_id                  2NNQ 
_struct.title                     
;Crystal structure of human adipocyte fatty acid binding protein in complex with ((2'-(5-ethyl-3,4-diphenyl-1H-pyrazol-1-yl)-3-biphenylyl)oxy)acetic acid
;
_struct.pdbx_model_details        ? 
_struct.pdbx_CASP_flag            ? 
_struct.pdbx_model_type_details   ? 
# 
_struct_keywords.entry_id        2NNQ 
_struct_keywords.text            'TRANSPORT, LIPID-BINDING, LIPID TRANSPORT' 
_struct_keywords.pdbx_keywords   'LIPID TRANSPORT' 
# 
loop_
_struct_asym.id 
_struct_asym.pdbx_blank_PDB_chainid_flag 
_struct_asym.pdbx_modified 
_struct_asym.entity_id 
_struct_asym.details 
A N N 1 ? 
B N N 2 ? 
C N N 2 ? 
D N N 3 ? 
E N N 4 ? 
# 
_struct_ref.id                         1 
_struct_ref.db_name                    UNP 
_struct_ref.db_code                    FABPA_HUMAN 
_struct_ref.pdbx_db_accession          P15090 
_struct_ref.entity_id                  1 
_struct_ref.pdbx_seq_one_letter_code   
;CDAFVGTWKLVSSENFDDYMKEVGVGFATRKVAGMAKPNMIISVNGDVITIKSESTFKNTEISFILGQEFDEVTADDRKV
KSTITLDGGVLVHVQKWDGKSTTIKRKREDDKLVVECVMKGVTSTRVYERA
;
_struct_ref.pdbx_align_begin           1 
_struct_ref.pdbx_db_isoform            ? 
# 
_struct_ref_seq.align_id                      1 
_struct_ref_seq.ref_id                        1 
_struct_ref_seq.pdbx_PDB_id_code              2NNQ 
_struct_ref_seq.pdbx_strand_id                A 
_struct_ref_seq.seq_align_beg                 1 
_struct_ref_seq.pdbx_seq_align_beg_ins_code   ? 
_struct_ref_seq.seq_align_end                 131 
_struct_ref_seq.pdbx_seq_align_end_ins_code   ? 
_struct_ref_seq.pdbx_db_accession             P15090 
_struct_ref_seq.db_align_beg                  1 
_struct_ref_seq.pdbx_db_align_beg_ins_code    ? 
_struct_ref_seq.db_align_end                  131 
_struct_ref_seq.pdbx_db_align_end_ins_code    ? 
_struct_ref_seq.pdbx_auth_seq_align_beg       1 
_struct_ref_seq.pdbx_auth_seq_align_end       131 
# 
_pdbx_struct_assembly.id                   1 
_pdbx_struct_assembly.details              author_defined_assembly 
_pdbx_struct_assembly.method_details       ? 
_pdbx_struct_assembly.oligomeric_details   monomeric 
_pdbx_struct_assembly.oligomeric_count     1 
# 
_pdbx_struct_assembly_gen.assembly_id       1 
_pdbx_struct_assembly_gen.oper_expression   1 
_pdbx_struct_assembly_gen.asym_id_list      A,B,C,D,E 
# 
_pdbx_struct_oper_list.id                   1 
_pdbx_struct_oper_list.type                 'identity operation' 
_pdbx_struct_oper_list.name                 1_555 
_pdbx_struct_oper_list.symmetry_operation   x,y,z 
_pdbx_struct_oper_list.matrix[1][1]         1.0000000000 
_pdbx_struct_oper_list.matrix[1][2]         0.0000000000 
_pdbx_struct_oper_list.matrix[1][3]         0.0000000000 
_pdbx_struct_oper_list.vector[1]            0.0000000000 
_pdbx_struct_oper_list.matrix[2][1]         0.0000000000 
_pdbx_struct_oper_list.matrix[2][2]         1.0000000000 
_pdbx_struct_oper_list.matrix[2][3]         0.0000000000 
_pdbx_struct_oper_list.vector[2]            0.0000000000 
_pdbx_struct_oper_list.matrix[3][1]         0.0000000000 
_pdbx_struct_oper_list.matrix[3][2]         0.0000000000 
_pdbx_struct_oper_list.matrix[3][3]         1.0000000000 
_pdbx_struct_oper_list.vector[3]            0.0000000000 
# 
_struct_biol.id                    1 
_struct_biol.details               ? 
_struct_biol.pdbx_parent_biol_id   ? 
# 
loop_
_struct_conf.conf_type_id 
_struct_conf.id 
_struct_conf.pdbx_PDB_helix_id 
_struct_conf.beg_label_comp_id 
_struct_conf.beg_label_asym_id 
_struct_conf.beg_label_seq_id 
_struct_conf.pdbx_beg_PDB_ins_code 
_struct_conf.end_label_comp_id 
_struct_conf.end_label_asym_id 
_struct_conf.end_label_seq_id 
_struct_conf.pdbx_end_PDB_ins_code 
_struct_conf.beg_auth_comp_id 
_struct_conf.beg_auth_asym_id 
_struct_conf.beg_auth_seq_id 
_struct_conf.end_auth_comp_id 
_struct_conf.end_auth_asym_id 
_struct_conf.end_auth_seq_id 
_struct_conf.pdbx_PDB_helix_class 
_struct_conf.details 
_struct_conf.pdbx_PDB_helix_length 
HELX_P HELX_P1 1 CYS A 1  ? VAL A 5  ? CYS A 1  VAL A 5  5 ? 5  
HELX_P HELX_P2 2 ASN A 15 ? GLY A 24 ? ASN A 15 GLY A 24 1 ? 10 
HELX_P HELX_P3 3 GLY A 26 ? ALA A 36 ? GLY A 26 ALA A 36 1 ? 11 
# 
_struct_conf_type.id          HELX_P 
_struct_conf_type.criteria    ? 
_struct_conf_type.reference   ? 
# 
_struct_sheet.id               A 
_struct_sheet.type             ? 
_struct_sheet.number_strands   9 
_struct_sheet.details          ? 
# 
loop_
_struct_sheet_order.sheet_id 
_struct_sheet_order.range_id_1 
_struct_sheet_order.range_id_2 
_struct_sheet_order.offset 
_struct_sheet_order.sense 
A 1 2 ? anti-parallel 
A 2 3 ? anti-parallel 
A 3 4 ? anti-parallel 
A 4 5 ? anti-parallel 
A 5 6 ? anti-parallel 
A 6 7 ? anti-parallel 
A 7 8 ? anti-parallel 
A 8 9 ? anti-parallel 
# 
loop_
_struct_sheet_range.sheet_id 
_struct_sheet_range.id 
_struct_sheet_range.beg_label_comp_id 
_struct_sheet_range.beg_label_asym_id 
_struct_sheet_range.beg_label_seq_id 
_struct_sheet_range.pdbx_beg_PDB_ins_code 
_struct_sheet_range.end_label_comp_id 
_struct_sheet_range.end_label_asym_id 
_struct_sheet_range.end_label_seq_id 
_struct_sheet_range.pdbx_end_PDB_ins_code 
_struct_sheet_range.beg_auth_comp_id 
_struct_sheet_range.beg_auth_asym_id 
_struct_sheet_range.beg_auth_seq_id 
_struct_sheet_range.end_auth_comp_id 
_struct_sheet_range.end_auth_asym_id 
_struct_sheet_range.end_auth_seq_id 
A 1 THR A 60  ? PHE A 64  ? THR A 60  PHE A 64  
A 2 VAL A 48  ? SER A 53  ? VAL A 48  SER A 53  
A 3 ASN A 39  ? ASN A 45  ? ASN A 39  ASN A 45  
A 4 GLY A 6   ? GLU A 14  ? GLY A 6   GLU A 14  
A 5 VAL A 122 ? ARG A 130 ? VAL A 122 ARG A 130 
A 6 LYS A 112 ? MET A 119 ? LYS A 112 MET A 119 
A 7 LYS A 100 ? GLU A 109 ? LYS A 100 GLU A 109 
A 8 VAL A 90  ? TRP A 97  ? VAL A 90  TRP A 97  
A 9 PHE A 70  ? VAL A 73  ? PHE A 70  VAL A 73  
# 
loop_
_pdbx_struct_sheet_hbond.sheet_id 
_pdbx_struct_sheet_hbond.range_id_1 
_pdbx_struct_sheet_hbond.range_id_2 
_pdbx_struct_sheet_hbond.range_1_label_atom_id 
_pdbx_struct_sheet_hbond.range_1_label_comp_id 
_pdbx_struct_sheet_hbond.range_1_label_asym_id 
_pdbx_struct_sheet_hbond.range_1_label_seq_id 
_pdbx_struct_sheet_hbond.range_1_PDB_ins_code 
_pdbx_struct_sheet_hbond.range_1_auth_atom_id 
_pdbx_struct_sheet_hbond.range_1_auth_comp_id 
_pdbx_struct_sheet_hbond.range_1_auth_asym_id 
_pdbx_struct_sheet_hbond.range_1_auth_seq_id 
_pdbx_struct_sheet_hbond.range_2_label_atom_id 
_pdbx_struct_sheet_hbond.range_2_label_comp_id 
_pdbx_struct_sheet_hbond.range_2_label_asym_id 
_pdbx_struct_sheet_hbond.range_2_label_seq_id 
_pdbx_struct_sheet_hbond.range_2_PDB_ins_code 
_pdbx_struct_sheet_hbond.range_2_auth_atom_id 
_pdbx_struct_sheet_hbond.range_2_auth_comp_id 
_pdbx_struct_sheet_hbond.range_2_auth_asym_id 
_pdbx_struct_sheet_hbond.range_2_auth_seq_id 
A 1 2 O THR A 60  ? O THR A 60  N SER A 53  ? N SER A 53  
A 2 3 O THR A 50  ? O THR A 50  N SER A 43  ? N SER A 43  
A 3 4 O MET A 40  ? O MET A 40  N TRP A 8   ? N TRP A 8   
A 4 5 N VAL A 11  ? N VAL A 11  O VAL A 127 ? O VAL A 127 
A 5 6 O ARG A 126 ? O ARG A 126 N VAL A 115 ? N VAL A 115 
A 6 7 O LYS A 112 ? O LYS A 112 N GLU A 109 ? N GLU A 109 
A 7 8 O LYS A 100 ? O LYS A 100 N TRP A 97  ? N TRP A 97  
A 8 9 O SER A 82  ? O SER A 82  N PHE A 70  ? N PHE A 70  
# 
loop_
_struct_site.id 
_struct_site.pdbx_evidence_code 
_struct_site.pdbx_auth_asym_id 
_struct_site.pdbx_auth_comp_id 
_struct_site.pdbx_auth_seq_id 
_struct_site.pdbx_auth_ins_code 
_struct_site.pdbx_num_residues 
_struct_site.details 
AC1 Software A SO4 291 ? 8  'BINDING SITE FOR RESIDUE SO4 A 291' 
AC2 Software A SO4 292 ? 10 'BINDING SITE FOR RESIDUE SO4 A 292' 
AC3 Software A T4B 293 ? 14 'BINDING SITE FOR RESIDUE T4B A 293' 
# 
loop_
_struct_site_gen.id 
_struct_site_gen.site_id 
_struct_site_gen.pdbx_num_res 
_struct_site_gen.label_comp_id 
_struct_site_gen.label_asym_id 
_struct_site_gen.label_seq_id 
_struct_site_gen.pdbx_auth_ins_code 
_struct_site_gen.auth_comp_id 
_struct_site_gen.auth_asym_id 
_struct_site_gen.auth_seq_id 
_struct_site_gen.label_atom_id 
_struct_site_gen.label_alt_id 
_struct_site_gen.symmetry 
_struct_site_gen.details 
1  AC1 8  SER A 13  ? SER A 13  . ? 1_555 ? 
2  AC1 8  GLU A 14  ? GLU A 14  . ? 1_555 ? 
3  AC1 8  ASN A 15  ? ASN A 15  . ? 1_555 ? 
4  AC1 8  PHE A 16  ? PHE A 16  . ? 1_555 ? 
5  AC1 8  ASP A 17  ? ASP A 17  . ? 1_555 ? 
6  AC1 8  HOH E .   ? HOH A 302 . ? 1_555 ? 
7  AC1 8  HOH E .   ? HOH A 335 . ? 1_555 ? 
8  AC1 8  HOH E .   ? HOH A 368 . ? 1_555 ? 
9  AC2 10 LYS A 21  ? LYS A 21  . ? 2_554 ? 
10 AC2 10 PHE A 27  ? PHE A 27  . ? 2_554 ? 
11 AC2 10 ARG A 30  ? ARG A 30  . ? 2_554 ? 
12 AC2 10 ARG A 108 ? ARG A 108 . ? 1_555 ? 
13 AC2 10 ASP A 111 ? ASP A 111 . ? 1_555 ? 
14 AC2 10 ARG A 130 ? ARG A 130 . ? 1_555 ? 
15 AC2 10 HOH E .   ? HOH A 336 . ? 1_555 ? 
16 AC2 10 HOH E .   ? HOH A 345 . ? 1_555 ? 
17 AC2 10 HOH E .   ? HOH A 563 . ? 1_555 ? 
18 AC2 10 HOH E .   ? HOH A 682 . ? 2_554 ? 
19 AC3 14 ALA A 33  ? ALA A 33  . ? 1_555 ? 
20 AC3 14 ALA A 36  ? ALA A 36  . ? 1_555 ? 
21 AC3 14 PRO A 38  ? PRO A 38  . ? 1_555 ? 
22 AC3 14 ILE A 51  ? ILE A 51  . ? 1_555 ? 
23 AC3 14 SER A 53  ? SER A 53  . ? 1_555 ? 
24 AC3 14 ALA A 75  ? ALA A 75  . ? 1_555 ? 
25 AC3 14 ASP A 76  ? ASP A 76  . ? 1_555 ? 
26 AC3 14 ARG A 106 ? ARG A 106 . ? 1_555 ? 
27 AC3 14 VAL A 115 ? VAL A 115 . ? 1_555 ? 
28 AC3 14 CYS A 117 ? CYS A 117 . ? 1_555 ? 
29 AC3 14 ARG A 126 ? ARG A 126 . ? 1_555 ? 
30 AC3 14 TYR A 128 ? TYR A 128 . ? 1_555 ? 
31 AC3 14 HOH E .   ? HOH A 634 . ? 1_555 ? 
32 AC3 14 HOH E .   ? HOH A 664 . ? 1_555 ? 
# 
_pdbx_validate_torsion.id              1 
_pdbx_validate_torsion.PDB_model_num   1 
_pdbx_validate_torsion.auth_comp_id    ASP 
_pdbx_validate_torsion.auth_asym_id    A 
_pdbx_validate_torsion.auth_seq_id     110 
_pdbx_validate_torsion.PDB_ins_code    ? 
_pdbx_validate_torsion.label_alt_id    ? 
_pdbx_validate_torsion.phi             45.62 
_pdbx_validate_torsion.psi             -128.80 
# 
loop_
_chem_comp_atom.comp_id 
_chem_comp_atom.atom_id 
_chem_comp_atom.type_symbol 
_chem_comp_atom.pdbx_aromatic_flag 
_chem_comp_atom.pdbx_stereo_config 
_chem_comp_atom.pdbx_ordinal 
ALA N    N N N 1   
ALA CA   C N S 2   
ALA C    C N N 3   
ALA O    O N N 4   
ALA CB   C N N 5   
ALA OXT  O N N 6   
ALA H    H N N 7   
ALA H2   H N N 8   
ALA HA   H N N 9   
ALA HB1  H N N 10  
ALA HB2  H N N 11  
ALA HB3  H N N 12  
ALA HXT  H N N 13  
ARG N    N N N 14  
ARG CA   C N S 15  
ARG C    C N N 16  
ARG O    O N N 17  
ARG CB   C N N 18  
ARG CG   C N N 19  
ARG CD   C N N 20  
ARG NE   N N N 21  
ARG CZ   C N N 22  
ARG NH1  N N N 23  
ARG NH2  N N N 24  
ARG OXT  O N N 25  
ARG H    H N N 26  
ARG H2   H N N 27  
ARG HA   H N N 28  
ARG HB2  H N N 29  
ARG HB3  H N N 30  
ARG HG2  H N N 31  
ARG HG3  H N N 32  
ARG HD2  H N N 33  
ARG HD3  H N N 34  
ARG HE   H N N 35  
ARG HH11 H N N 36  
ARG HH12 H N N 37  
ARG HH21 H N N 38  
ARG HH22 H N N 39  
ARG HXT  H N N 40  
ASN N    N N N 41  
ASN CA   C N S 42  
ASN C    C N N 43  
ASN O    O N N 44  
ASN CB   C N N 45  
ASN CG   C N N 46  
ASN OD1  O N N 47  
ASN ND2  N N N 48  
ASN OXT  O N N 49  
ASN H    H N N 50  
ASN H2   H N N 51  
ASN HA   H N N 52  
ASN HB2  H N N 53  
ASN HB3  H N N 54  
ASN HD21 H N N 55  
ASN HD22 H N N 56  
ASN HXT  H N N 57  
ASP N    N N N 58  
ASP CA   C N S 59  
ASP C    C N N 60  
ASP O    O N N 61  
ASP CB   C N N 62  
ASP CG   C N N 63  
ASP OD1  O N N 64  
ASP OD2  O N N 65  
ASP OXT  O N N 66  
ASP H    H N N 67  
ASP H2   H N N 68  
ASP HA   H N N 69  
ASP HB2  H N N 70  
ASP HB3  H N N 71  
ASP HD2  H N N 72  
ASP HXT  H N N 73  
CYS N    N N N 74  
CYS CA   C N R 75  
CYS C    C N N 76  
CYS O    O N N 77  
CYS CB   C N N 78  
CYS SG   S N N 79  
CYS OXT  O N N 80  
CYS H    H N N 81  
CYS H2   H N N 82  
CYS HA   H N N 83  
CYS HB2  H N N 84  
CYS HB3  H N N 85  
CYS HG   H N N 86  
CYS HXT  H N N 87  
GLN N    N N N 88  
GLN CA   C N S 89  
GLN C    C N N 90  
GLN O    O N N 91  
GLN CB   C N N 92  
GLN CG   C N N 93  
GLN CD   C N N 94  
GLN OE1  O N N 95  
GLN NE2  N N N 96  
GLN OXT  O N N 97  
GLN H    H N N 98  
GLN H2   H N N 99  
GLN HA   H N N 100 
GLN HB2  H N N 101 
GLN HB3  H N N 102 
GLN HG2  H N N 103 
GLN HG3  H N N 104 
GLN HE21 H N N 105 
GLN HE22 H N N 106 
GLN HXT  H N N 107 
GLU N    N N N 108 
GLU CA   C N S 109 
GLU C    C N N 110 
GLU O    O N N 111 
GLU CB   C N N 112 
GLU CG   C N N 113 
GLU CD   C N N 114 
GLU OE1  O N N 115 
GLU OE2  O N N 116 
GLU OXT  O N N 117 
GLU H    H N N 118 
GLU H2   H N N 119 
GLU HA   H N N 120 
GLU HB2  H N N 121 
GLU HB3  H N N 122 
GLU HG2  H N N 123 
GLU HG3  H N N 124 
GLU HE2  H N N 125 
GLU HXT  H N N 126 
GLY N    N N N 127 
GLY CA   C N N 128 
GLY C    C N N 129 
GLY O    O N N 130 
GLY OXT  O N N 131 
GLY H    H N N 132 
GLY H2   H N N 133 
GLY HA2  H N N 134 
GLY HA3  H N N 135 
GLY HXT  H N N 136 
HIS N    N N N 137 
HIS CA   C N S 138 
HIS C    C N N 139 
HIS O    O N N 140 
HIS CB   C N N 141 
HIS CG   C Y N 142 
HIS ND1  N Y N 143 
HIS CD2  C Y N 144 
HIS CE1  C Y N 145 
HIS NE2  N Y N 146 
HIS OXT  O N N 147 
HIS H    H N N 148 
HIS H2   H N N 149 
HIS HA   H N N 150 
HIS HB2  H N N 151 
HIS HB3  H N N 152 
HIS HD1  H N N 153 
HIS HD2  H N N 154 
HIS HE1  H N N 155 
HIS HE2  H N N 156 
HIS HXT  H N N 157 
HOH O    O N N 158 
HOH H1   H N N 159 
HOH H2   H N N 160 
ILE N    N N N 161 
ILE CA   C N S 162 
ILE C    C N N 163 
ILE O    O N N 164 
ILE CB   C N S 165 
ILE CG1  C N N 166 
ILE CG2  C N N 167 
ILE CD1  C N N 168 
ILE OXT  O N N 169 
ILE H    H N N 170 
ILE H2   H N N 171 
ILE HA   H N N 172 
ILE HB   H N N 173 
ILE HG12 H N N 174 
ILE HG13 H N N 175 
ILE HG21 H N N 176 
ILE HG22 H N N 177 
ILE HG23 H N N 178 
ILE HD11 H N N 179 
ILE HD12 H N N 180 
ILE HD13 H N N 181 
ILE HXT  H N N 182 
LEU N    N N N 183 
LEU CA   C N S 184 
LEU C    C N N 185 
LEU O    O N N 186 
LEU CB   C N N 187 
LEU CG   C N N 188 
LEU CD1  C N N 189 
LEU CD2  C N N 190 
LEU OXT  O N N 191 
LEU H    H N N 192 
LEU H2   H N N 193 
LEU HA   H N N 194 
LEU HB2  H N N 195 
LEU HB3  H N N 196 
LEU HG   H N N 197 
LEU HD11 H N N 198 
LEU HD12 H N N 199 
LEU HD13 H N N 200 
LEU HD21 H N N 201 
LEU HD22 H N N 202 
LEU HD23 H N N 203 
LEU HXT  H N N 204 
LYS N    N N N 205 
LYS CA   C N S 206 
LYS C    C N N 207 
LYS O    O N N 208 
LYS CB   C N N 209 
LYS CG   C N N 210 
LYS CD   C N N 211 
LYS CE   C N N 212 
LYS NZ   N N N 213 
LYS OXT  O N N 214 
LYS H    H N N 215 
LYS H2   H N N 216 
LYS HA   H N N 217 
LYS HB2  H N N 218 
LYS HB3  H N N 219 
LYS HG2  H N N 220 
LYS HG3  H N N 221 
LYS HD2  H N N 222 
LYS HD3  H N N 223 
LYS HE2  H N N 224 
LYS HE3  H N N 225 
LYS HZ1  H N N 226 
LYS HZ2  H N N 227 
LYS HZ3  H N N 228 
LYS HXT  H N N 229 
MET N    N N N 230 
MET CA   C N S 231 
MET C    C N N 232 
MET O    O N N 233 
MET CB   C N N 234 
MET CG   C N N 235 
MET SD   S N N 236 
MET CE   C N N 237 
MET OXT  O N N 238 
MET H    H N N 239 
MET H2   H N N 240 
MET HA   H N N 241 
MET HB2  H N N 242 
MET HB3  H N N 243 
MET HG2  H N N 244 
MET HG3  H N N 245 
MET HE1  H N N 246 
MET HE2  H N N 247 
MET HE3  H N N 248 
MET HXT  H N N 249 
PHE N    N N N 250 
PHE CA   C N S 251 
PHE C    C N N 252 
PHE O    O N N 253 
PHE CB   C N N 254 
PHE CG   C Y N 255 
PHE CD1  C Y N 256 
PHE CD2  C Y N 257 
PHE CE1  C Y N 258 
PHE CE2  C Y N 259 
PHE CZ   C Y N 260 
PHE OXT  O N N 261 
PHE H    H N N 262 
PHE H2   H N N 263 
PHE HA   H N N 264 
PHE HB2  H N N 265 
PHE HB3  H N N 266 
PHE HD1  H N N 267 
PHE HD2  H N N 268 
PHE HE1  H N N 269 
PHE HE2  H N N 270 
PHE HZ   H N N 271 
PHE HXT  H N N 272 
PRO N    N N N 273 
PRO CA   C N S 274 
PRO C    C N N 275 
PRO O    O N N 276 
PRO CB   C N N 277 
PRO CG   C N N 278 
PRO CD   C N N 279 
PRO OXT  O N N 280 
PRO H    H N N 281 
PRO HA   H N N 282 
PRO HB2  H N N 283 
PRO HB3  H N N 284 
PRO HG2  H N N 285 
PRO HG3  H N N 286 
PRO HD2  H N N 287 
PRO HD3  H N N 288 
PRO HXT  H N N 289 
SER N    N N N 290 
SER CA   C N S 291 
SER C    C N N 292 
SER O    O N N 293 
SER CB   C N N 294 
SER OG   O N N 295 
SER OXT  O N N 296 
SER H    H N N 297 
SER H2   H N N 298 
SER HA   H N N 299 
SER HB2  H N N 300 
SER HB3  H N N 301 
SER HG   H N N 302 
SER HXT  H N N 303 
SO4 S    S N N 304 
SO4 O1   O N N 305 
SO4 O2   O N N 306 
SO4 O3   O N N 307 
SO4 O4   O N N 308 
T4B C1   C Y N 309 
T4B C2   C Y N 310 
T4B C3   C Y N 311 
T4B C7   C Y N 312 
T4B C8   C Y N 313 
T4B C9   C N N 314 
T4B C10  C N N 315 
T4B C11  C Y N 316 
T4B C12  C Y N 317 
T4B C13  C Y N 318 
T4B C14  C Y N 319 
T4B C15  C N N 320 
T4B C16  C Y N 321 
T4B C19  C Y N 322 
T4B C20  C Y N 323 
T4B C21  C N N 324 
T4B C22  C Y N 325 
T4B C24  C Y N 326 
T4B C27  C Y N 327 
T4B C30  C Y N 328 
T4B C    C Y N 329 
T4B C4   C Y N 330 
T4B C5   C Y N 331 
T4B C6   C Y N 332 
T4B O    O N N 333 
T4B O1   O N N 334 
T4B O2   O N N 335 
T4B C17  C Y N 336 
T4B N    N Y N 337 
T4B N1   N Y N 338 
T4B C18  C Y N 339 
T4B C23  C Y N 340 
T4B C25  C Y N 341 
T4B C26  C Y N 342 
T4B C28  C Y N 343 
T4B C29  C Y N 344 
T4B HO   H N N 345 
T4B H91  H N N 346 
T4B H92  H N N 347 
T4B H3   H N N 348 
T4B H14  H N N 349 
T4B H13  H N N 350 
T4B H12  H N N 351 
T4B H1   H N N 352 
T4B H    H N N 353 
T4B H8   H N N 354 
T4B H7   H N N 355 
T4B H4   H N N 356 
T4B H26  H N N 357 
T4B H25  H N N 358 
T4B H24  H N N 359 
T4B H23  H N N 360 
T4B H17  H N N 361 
T4B H22  H N N 362 
T4B H28  H N N 363 
T4B H29  H N N 364 
T4B H30  H N N 365 
T4B H211 H N N 366 
T4B H212 H N N 367 
T4B H151 H N N 368 
T4B H152 H N N 369 
T4B H153 H N N 370 
THR N    N N N 371 
THR CA   C N S 372 
THR C    C N N 373 
THR O    O N N 374 
THR CB   C N R 375 
THR OG1  O N N 376 
THR CG2  C N N 377 
THR OXT  O N N 378 
THR H    H N N 379 
THR H2   H N N 380 
THR HA   H N N 381 
THR HB   H N N 382 
THR HG1  H N N 383 
THR HG21 H N N 384 
THR HG22 H N N 385 
THR HG23 H N N 386 
THR HXT  H N N 387 
TRP N    N N N 388 
TRP CA   C N S 389 
TRP C    C N N 390 
TRP O    O N N 391 
TRP CB   C N N 392 
TRP CG   C Y N 393 
TRP CD1  C Y N 394 
TRP CD2  C Y N 395 
TRP NE1  N Y N 396 
TRP CE2  C Y N 397 
TRP CE3  C Y N 398 
TRP CZ2  C Y N 399 
TRP CZ3  C Y N 400 
TRP CH2  C Y N 401 
TRP OXT  O N N 402 
TRP H    H N N 403 
TRP H2   H N N 404 
TRP HA   H N N 405 
TRP HB2  H N N 406 
TRP HB3  H N N 407 
TRP HD1  H N N 408 
TRP HE1  H N N 409 
TRP HE3  H N N 410 
TRP HZ2  H N N 411 
TRP HZ3  H N N 412 
TRP HH2  H N N 413 
TRP HXT  H N N 414 
TYR N    N N N 415 
TYR CA   C N S 416 
TYR C    C N N 417 
TYR O    O N N 418 
TYR CB   C N N 419 
TYR CG   C Y N 420 
TYR CD1  C Y N 421 
TYR CD2  C Y N 422 
TYR CE1  C Y N 423 
TYR CE2  C Y N 424 
TYR CZ   C Y N 425 
TYR OH   O N N 426 
TYR OXT  O N N 427 
TYR H    H N N 428 
TYR H2   H N N 429 
TYR HA   H N N 430 
TYR HB2  H N N 431 
TYR HB3  H N N 432 
TYR HD1  H N N 433 
TYR HD2  H N N 434 
TYR HE1  H N N 435 
TYR HE2  H N N 436 
TYR HH   H N N 437 
TYR HXT  H N N 438 
VAL N    N N N 439 
VAL CA   C N S 440 
VAL C    C N N 441 
VAL O    O N N 442 
VAL CB   C N N 443 
VAL CG1  C N N 444 
VAL CG2  C N N 445 
VAL OXT  O N N 446 
VAL H    H N N 447 
VAL H2   H N N 448 
VAL HA   H N N 449 
VAL HB   H N N 450 
VAL HG11 H N N 451 
VAL HG12 H N N 452 
VAL HG13 H N N 453 
VAL HG21 H N N 454 
VAL HG22 H N N 455 
VAL HG23 H N N 456 
VAL HXT  H N N 457 
# 
loop_
_chem_comp_bond.comp_id 
_chem_comp_bond.atom_id_1 
_chem_comp_bond.atom_id_2 
_chem_comp_bond.value_order 
_chem_comp_bond.pdbx_aromatic_flag 
_chem_comp_bond.pdbx_stereo_config 
_chem_comp_bond.pdbx_ordinal 
ALA N   CA   sing N N 1   
ALA N   H    sing N N 2   
ALA N   H2   sing N N 3   
ALA CA  C    sing N N 4   
ALA CA  CB   sing N N 5   
ALA CA  HA   sing N N 6   
ALA C   O    doub N N 7   
ALA C   OXT  sing N N 8   
ALA CB  HB1  sing N N 9   
ALA CB  HB2  sing N N 10  
ALA CB  HB3  sing N N 11  
ALA OXT HXT  sing N N 12  
ARG N   CA   sing N N 13  
ARG N   H    sing N N 14  
ARG N   H2   sing N N 15  
ARG CA  C    sing N N 16  
ARG CA  CB   sing N N 17  
ARG CA  HA   sing N N 18  
ARG C   O    doub N N 19  
ARG C   OXT  sing N N 20  
ARG CB  CG   sing N N 21  
ARG CB  HB2  sing N N 22  
ARG CB  HB3  sing N N 23  
ARG CG  CD   sing N N 24  
ARG CG  HG2  sing N N 25  
ARG CG  HG3  sing N N 26  
ARG CD  NE   sing N N 27  
ARG CD  HD2  sing N N 28  
ARG CD  HD3  sing N N 29  
ARG NE  CZ   sing N N 30  
ARG NE  HE   sing N N 31  
ARG CZ  NH1  sing N N 32  
ARG CZ  NH2  doub N N 33  
ARG NH1 HH11 sing N N 34  
ARG NH1 HH12 sing N N 35  
ARG NH2 HH21 sing N N 36  
ARG NH2 HH22 sing N N 37  
ARG OXT HXT  sing N N 38  
ASN N   CA   sing N N 39  
ASN N   H    sing N N 40  
ASN N   H2   sing N N 41  
ASN CA  C    sing N N 42  
ASN CA  CB   sing N N 43  
ASN CA  HA   sing N N 44  
ASN C   O    doub N N 45  
ASN C   OXT  sing N N 46  
ASN CB  CG   sing N N 47  
ASN CB  HB2  sing N N 48  
ASN CB  HB3  sing N N 49  
ASN CG  OD1  doub N N 50  
ASN CG  ND2  sing N N 51  
ASN ND2 HD21 sing N N 52  
ASN ND2 HD22 sing N N 53  
ASN OXT HXT  sing N N 54  
ASP N   CA   sing N N 55  
ASP N   H    sing N N 56  
ASP N   H2   sing N N 57  
ASP CA  C    sing N N 58  
ASP CA  CB   sing N N 59  
ASP CA  HA   sing N N 60  
ASP C   O    doub N N 61  
ASP C   OXT  sing N N 62  
ASP CB  CG   sing N N 63  
ASP CB  HB2  sing N N 64  
ASP CB  HB3  sing N N 65  
ASP CG  OD1  doub N N 66  
ASP CG  OD2  sing N N 67  
ASP OD2 HD2  sing N N 68  
ASP OXT HXT  sing N N 69  
CYS N   CA   sing N N 70  
CYS N   H    sing N N 71  
CYS N   H2   sing N N 72  
CYS CA  C    sing N N 73  
CYS CA  CB   sing N N 74  
CYS CA  HA   sing N N 75  
CYS C   O    doub N N 76  
CYS C   OXT  sing N N 77  
CYS CB  SG   sing N N 78  
CYS CB  HB2  sing N N 79  
CYS CB  HB3  sing N N 80  
CYS SG  HG   sing N N 81  
CYS OXT HXT  sing N N 82  
GLN N   CA   sing N N 83  
GLN N   H    sing N N 84  
GLN N   H2   sing N N 85  
GLN CA  C    sing N N 86  
GLN CA  CB   sing N N 87  
GLN CA  HA   sing N N 88  
GLN C   O    doub N N 89  
GLN C   OXT  sing N N 90  
GLN CB  CG   sing N N 91  
GLN CB  HB2  sing N N 92  
GLN CB  HB3  sing N N 93  
GLN CG  CD   sing N N 94  
GLN CG  HG2  sing N N 95  
GLN CG  HG3  sing N N 96  
GLN CD  OE1  doub N N 97  
GLN CD  NE2  sing N N 98  
GLN NE2 HE21 sing N N 99  
GLN NE2 HE22 sing N N 100 
GLN OXT HXT  sing N N 101 
GLU N   CA   sing N N 102 
GLU N   H    sing N N 103 
GLU N   H2   sing N N 104 
GLU CA  C    sing N N 105 
GLU CA  CB   sing N N 106 
GLU CA  HA   sing N N 107 
GLU C   O    doub N N 108 
GLU C   OXT  sing N N 109 
GLU CB  CG   sing N N 110 
GLU CB  HB2  sing N N 111 
GLU CB  HB3  sing N N 112 
GLU CG  CD   sing N N 113 
GLU CG  HG2  sing N N 114 
GLU CG  HG3  sing N N 115 
GLU CD  OE1  doub N N 116 
GLU CD  OE2  sing N N 117 
GLU OE2 HE2  sing N N 118 
GLU OXT HXT  sing N N 119 
GLY N   CA   sing N N 120 
GLY N   H    sing N N 121 
GLY N   H2   sing N N 122 
GLY CA  C    sing N N 123 
GLY CA  HA2  sing N N 124 
GLY CA  HA3  sing N N 125 
GLY C   O    doub N N 126 
GLY C   OXT  sing N N 127 
GLY OXT HXT  sing N N 128 
HIS N   CA   sing N N 129 
HIS N   H    sing N N 130 
HIS N   H2   sing N N 131 
HIS CA  C    sing N N 132 
HIS CA  CB   sing N N 133 
HIS CA  HA   sing N N 134 
HIS C   O    doub N N 135 
HIS C   OXT  sing N N 136 
HIS CB  CG   sing N N 137 
HIS CB  HB2  sing N N 138 
HIS CB  HB3  sing N N 139 
HIS CG  ND1  sing Y N 140 
HIS CG  CD2  doub Y N 141 
HIS ND1 CE1  doub Y N 142 
HIS ND1 HD1  sing N N 143 
HIS CD2 NE2  sing Y N 144 
HIS CD2 HD2  sing N N 145 
HIS CE1 NE2  sing Y N 146 
HIS CE1 HE1  sing N N 147 
HIS NE2 HE2  sing N N 148 
HIS OXT HXT  sing N N 149 
HOH O   H1   sing N N 150 
HOH O   H2   sing N N 151 
ILE N   CA   sing N N 152 
ILE N   H    sing N N 153 
ILE N   H2   sing N N 154 
ILE CA  C    sing N N 155 
ILE CA  CB   sing N N 156 
ILE CA  HA   sing N N 157 
ILE C   O    doub N N 158 
ILE C   OXT  sing N N 159 
ILE CB  CG1  sing N N 160 
ILE CB  CG2  sing N N 161 
ILE CB  HB   sing N N 162 
ILE CG1 CD1  sing N N 163 
ILE CG1 HG12 sing N N 164 
ILE CG1 HG13 sing N N 165 
ILE CG2 HG21 sing N N 166 
ILE CG2 HG22 sing N N 167 
ILE CG2 HG23 sing N N 168 
ILE CD1 HD11 sing N N 169 
ILE CD1 HD12 sing N N 170 
ILE CD1 HD13 sing N N 171 
ILE OXT HXT  sing N N 172 
LEU N   CA   sing N N 173 
LEU N   H    sing N N 174 
LEU N   H2   sing N N 175 
LEU CA  C    sing N N 176 
LEU CA  CB   sing N N 177 
LEU CA  HA   sing N N 178 
LEU C   O    doub N N 179 
LEU C   OXT  sing N N 180 
LEU CB  CG   sing N N 181 
LEU CB  HB2  sing N N 182 
LEU CB  HB3  sing N N 183 
LEU CG  CD1  sing N N 184 
LEU CG  CD2  sing N N 185 
LEU CG  HG   sing N N 186 
LEU CD1 HD11 sing N N 187 
LEU CD1 HD12 sing N N 188 
LEU CD1 HD13 sing N N 189 
LEU CD2 HD21 sing N N 190 
LEU CD2 HD22 sing N N 191 
LEU CD2 HD23 sing N N 192 
LEU OXT HXT  sing N N 193 
LYS N   CA   sing N N 194 
LYS N   H    sing N N 195 
LYS N   H2   sing N N 196 
LYS CA  C    sing N N 197 
LYS CA  CB   sing N N 198 
LYS CA  HA   sing N N 199 
LYS C   O    doub N N 200 
LYS C   OXT  sing N N 201 
LYS CB  CG   sing N N 202 
LYS CB  HB2  sing N N 203 
LYS CB  HB3  sing N N 204 
LYS CG  CD   sing N N 205 
LYS CG  HG2  sing N N 206 
LYS CG  HG3  sing N N 207 
LYS CD  CE   sing N N 208 
LYS CD  HD2  sing N N 209 
LYS CD  HD3  sing N N 210 
LYS CE  NZ   sing N N 211 
LYS CE  HE2  sing N N 212 
LYS CE  HE3  sing N N 213 
LYS NZ  HZ1  sing N N 214 
LYS NZ  HZ2  sing N N 215 
LYS NZ  HZ3  sing N N 216 
LYS OXT HXT  sing N N 217 
MET N   CA   sing N N 218 
MET N   H    sing N N 219 
MET N   H2   sing N N 220 
MET CA  C    sing N N 221 
MET CA  CB   sing N N 222 
MET CA  HA   sing N N 223 
MET C   O    doub N N 224 
MET C   OXT  sing N N 225 
MET CB  CG   sing N N 226 
MET CB  HB2  sing N N 227 
MET CB  HB3  sing N N 228 
MET CG  SD   sing N N 229 
MET CG  HG2  sing N N 230 
MET CG  HG3  sing N N 231 
MET SD  CE   sing N N 232 
MET CE  HE1  sing N N 233 
MET CE  HE2  sing N N 234 
MET CE  HE3  sing N N 235 
MET OXT HXT  sing N N 236 
PHE N   CA   sing N N 237 
PHE N   H    sing N N 238 
PHE N   H2   sing N N 239 
PHE CA  C    sing N N 240 
PHE CA  CB   sing N N 241 
PHE CA  HA   sing N N 242 
PHE C   O    doub N N 243 
PHE C   OXT  sing N N 244 
PHE CB  CG   sing N N 245 
PHE CB  HB2  sing N N 246 
PHE CB  HB3  sing N N 247 
PHE CG  CD1  doub Y N 248 
PHE CG  CD2  sing Y N 249 
PHE CD1 CE1  sing Y N 250 
PHE CD1 HD1  sing N N 251 
PHE CD2 CE2  doub Y N 252 
PHE CD2 HD2  sing N N 253 
PHE CE1 CZ   doub Y N 254 
PHE CE1 HE1  sing N N 255 
PHE CE2 CZ   sing Y N 256 
PHE CE2 HE2  sing N N 257 
PHE CZ  HZ   sing N N 258 
PHE OXT HXT  sing N N 259 
PRO N   CA   sing N N 260 
PRO N   CD   sing N N 261 
PRO N   H    sing N N 262 
PRO CA  C    sing N N 263 
PRO CA  CB   sing N N 264 
PRO CA  HA   sing N N 265 
PRO C   O    doub N N 266 
PRO C   OXT  sing N N 267 
PRO CB  CG   sing N N 268 
PRO CB  HB2  sing N N 269 
PRO CB  HB3  sing N N 270 
PRO CG  CD   sing N N 271 
PRO CG  HG2  sing N N 272 
PRO CG  HG3  sing N N 273 
PRO CD  HD2  sing N N 274 
PRO CD  HD3  sing N N 275 
PRO OXT HXT  sing N N 276 
SER N   CA   sing N N 277 
SER N   H    sing N N 278 
SER N   H2   sing N N 279 
SER CA  C    sing N N 280 
SER CA  CB   sing N N 281 
SER CA  HA   sing N N 282 
SER C   O    doub N N 283 
SER C   OXT  sing N N 284 
SER CB  OG   sing N N 285 
SER CB  HB2  sing N N 286 
SER CB  HB3  sing N N 287 
SER OG  HG   sing N N 288 
SER OXT HXT  sing N N 289 
SO4 S   O1   doub N N 290 
SO4 S   O2   doub N N 291 
SO4 S   O3   sing N N 292 
SO4 S   O4   sing N N 293 
T4B C1  C5   sing Y N 294 
T4B C1  H1   sing N N 295 
T4B C1  C    doub Y N 296 
T4B C2  C3   sing Y N 297 
T4B C2  C14  doub Y N 298 
T4B C2  C6   sing Y N 299 
T4B C3  C11  doub Y N 300 
T4B C3  H3   sing N N 301 
T4B C7  C8   doub Y N 302 
T4B C7  C6   sing Y N 303 
T4B C7  H7   sing N N 304 
T4B C8  C    sing Y N 305 
T4B C8  H8   sing N N 306 
T4B C9  C10  sing N N 307 
T4B C9  H91  sing N N 308 
T4B C9  H92  sing N N 309 
T4B C9  O2   sing N N 310 
T4B C10 O    sing N N 311 
T4B C10 O1   doub N N 312 
T4B C11 O2   sing N N 313 
T4B C11 C12  sing Y N 314 
T4B C12 C13  doub Y N 315 
T4B C12 H12  sing N N 316 
T4B C13 C14  sing Y N 317 
T4B C13 H13  sing N N 318 
T4B C14 H14  sing N N 319 
T4B C15 C21  sing N N 320 
T4B C15 H151 sing N N 321 
T4B C15 H152 sing N N 322 
T4B C15 H153 sing N N 323 
T4B C16 C19  sing Y N 324 
T4B C16 C17  doub Y N 325 
T4B C16 C30  sing Y N 326 
T4B C19 C18  sing Y N 327 
T4B C19 C20  doub Y N 328 
T4B C20 N    sing Y N 329 
T4B C20 C21  sing N N 330 
T4B C21 H211 sing N N 331 
T4B C21 H212 sing N N 332 
T4B C22 C17  sing Y N 333 
T4B C22 H22  sing N N 334 
T4B C22 C28  doub Y N 335 
T4B C24 C25  sing Y N 336 
T4B C24 H24  sing N N 337 
T4B C24 C23  doub Y N 338 
T4B C27 C18  sing Y N 339 
T4B C27 C4   doub Y N 340 
T4B C27 C23  sing Y N 341 
T4B C30 C29  doub Y N 342 
T4B C30 H30  sing N N 343 
T4B C   H    sing N N 344 
T4B C4  H4   sing N N 345 
T4B C4  C26  sing Y N 346 
T4B C5  C6   doub Y N 347 
T4B C5  N    sing Y N 348 
T4B O   HO   sing N N 349 
T4B C17 H17  sing N N 350 
T4B N   N1   sing Y N 351 
T4B N1  C18  doub Y N 352 
T4B C23 H23  sing N N 353 
T4B C25 C26  doub Y N 354 
T4B C25 H25  sing N N 355 
T4B C26 H26  sing N N 356 
T4B C28 H28  sing N N 357 
T4B C28 C29  sing Y N 358 
T4B C29 H29  sing N N 359 
THR N   CA   sing N N 360 
THR N   H    sing N N 361 
THR N   H2   sing N N 362 
THR CA  C    sing N N 363 
THR CA  CB   sing N N 364 
THR CA  HA   sing N N 365 
THR C   O    doub N N 366 
THR C   OXT  sing N N 367 
THR CB  OG1  sing N N 368 
THR CB  CG2  sing N N 369 
THR CB  HB   sing N N 370 
THR OG1 HG1  sing N N 371 
THR CG2 HG21 sing N N 372 
THR CG2 HG22 sing N N 373 
THR CG2 HG23 sing N N 374 
THR OXT HXT  sing N N 375 
TRP N   CA   sing N N 376 
TRP N   H    sing N N 377 
TRP N   H2   sing N N 378 
TRP CA  C    sing N N 379 
TRP CA  CB   sing N N 380 
TRP CA  HA   sing N N 381 
TRP C   O    doub N N 382 
TRP C   OXT  sing N N 383 
TRP CB  CG   sing N N 384 
TRP CB  HB2  sing N N 385 
TRP CB  HB3  sing N N 386 
TRP CG  CD1  doub Y N 387 
TRP CG  CD2  sing Y N 388 
TRP CD1 NE1  sing Y N 389 
TRP CD1 HD1  sing N N 390 
TRP CD2 CE2  doub Y N 391 
TRP CD2 CE3  sing Y N 392 
TRP NE1 CE2  sing Y N 393 
TRP NE1 HE1  sing N N 394 
TRP CE2 CZ2  sing Y N 395 
TRP CE3 CZ3  doub Y N 396 
TRP CE3 HE3  sing N N 397 
TRP CZ2 CH2  doub Y N 398 
TRP CZ2 HZ2  sing N N 399 
TRP CZ3 CH2  sing Y N 400 
TRP CZ3 HZ3  sing N N 401 
TRP CH2 HH2  sing N N 402 
TRP OXT HXT  sing N N 403 
TYR N   CA   sing N N 404 
TYR N   H    sing N N 405 
TYR N   H2   sing N N 406 
TYR CA  C    sing N N 407 
TYR CA  CB   sing N N 408 
TYR CA  HA   sing N N 409 
TYR C   O    doub N N 410 
TYR C   OXT  sing N N 411 
TYR CB  CG   sing N N 412 
TYR CB  HB2  sing N N 413 
TYR CB  HB3  sing N N 414 
TYR CG  CD1  doub Y N 415 
TYR CG  CD2  sing Y N 416 
TYR CD1 CE1  sing Y N 417 
TYR CD1 HD1  sing N N 418 
TYR CD2 CE2  doub Y N 419 
TYR CD2 HD2  sing N N 420 
TYR CE1 CZ   doub Y N 421 
TYR CE1 HE1  sing N N 422 
TYR CE2 CZ   sing Y N 423 
TYR CE2 HE2  sing N N 424 
TYR CZ  OH   sing N N 425 
TYR OH  HH   sing N N 426 
TYR OXT HXT  sing N N 427 
VAL N   CA   sing N N 428 
VAL N   H    sing N N 429 
VAL N   H2   sing N N 430 
VAL CA  C    sing N N 431 
VAL CA  CB   sing N N 432 
VAL CA  HA   sing N N 433 
VAL C   O    doub N N 434 
VAL C   OXT  sing N N 435 
VAL CB  CG1  sing N N 436 
VAL CB  CG2  sing N N 437 
VAL CB  HB   sing N N 438 
VAL CG1 HG11 sing N N 439 
VAL CG1 HG12 sing N N 440 
VAL CG1 HG13 sing N N 441 
VAL CG2 HG21 sing N N 442 
VAL CG2 HG22 sing N N 443 
VAL CG2 HG23 sing N N 444 
VAL OXT HXT  sing N N 445 
# 
_pdbx_initial_refinement_model.accession_code   ? 
_pdbx_initial_refinement_model.id               1 
_pdbx_initial_refinement_model.entity_id_list   ? 
_pdbx_initial_refinement_model.type             other 
_pdbx_initial_refinement_model.source_name      ? 
_pdbx_initial_refinement_model.details          AP2 
# 
_atom_sites.entry_id                    2NNQ 
_atom_sites.fract_transf_matrix[1][1]   0.02306553 
_atom_sites.fract_transf_matrix[1][2]   -0.02001860 
_atom_sites.fract_transf_matrix[1][3]   0.00265088 
_atom_sites.fract_transf_matrix[2][1]   0.01206465 
_atom_sites.fract_transf_matrix[2][2]   0.01404143 
_atom_sites.fract_transf_matrix[2][3]   0.00106083 
_atom_sites.fract_transf_matrix[3][1]   -0.00138203 
_atom_sites.fract_transf_matrix[3][2]   0.00017763 
_atom_sites.fract_transf_matrix[3][3]   0.01336657 
_atom_sites.fract_transf_vector[1]      0.241309 
_atom_sites.fract_transf_vector[2]      0.177324 
_atom_sites.fract_transf_vector[3]      0.204238 
# 
loop_
_atom_type.symbol 
C 
N 
O 
S 
# 
loop_
_atom_site.group_PDB 
_atom_site.id 
_atom_site.type_symbol 
_atom_site.label_atom_id 
_atom_site.label_alt_id 
_atom_site.label_comp_id 
_atom_site.label_asym_id 
_atom_site.label_entity_id 
_atom_site.label_seq_id 
_atom_site.pdbx_PDB_ins_code 
_atom_site.Cartn_x 
_atom_site.Cartn_y 
_atom_site.Cartn_z 
_atom_site.occupancy 
_atom_site.B_iso_or_equiv 
_atom_site.pdbx_formal_charge 
_atom_site.auth_seq_id 
_atom_site.auth_comp_id 
_atom_site.auth_asym_id 
_atom_site.auth_atom_id 
_atom_site.pdbx_PDB_model_num 
ATOM   1    N N   . CYS A 1 1   ? 8.479   2.492   -13.627 1.00 30.50 ? 1   CYS A N   1 
ATOM   2    C CA  . CYS A 1 1   ? 7.125   2.188   -13.078 1.00 29.81 ? 1   CYS A CA  1 
ATOM   3    C C   . CYS A 1 1   ? 6.049   2.152   -14.147 1.00 27.54 ? 1   CYS A C   1 
ATOM   4    O O   . CYS A 1 1   ? 4.864   2.133   -13.824 1.00 27.55 ? 1   CYS A O   1 
ATOM   5    C CB  . CYS A 1 1   ? 6.726   3.231   -12.039 1.00 31.21 ? 1   CYS A CB  1 
ATOM   6    S SG  . CYS A 1 1   ? 7.962   3.503   -10.801 1.00 35.02 ? 1   CYS A SG  1 
ATOM   7    N N   . ASP A 1 2   ? 6.450   2.157   -15.415 1.00 25.59 ? 2   ASP A N   1 
ATOM   8    C CA  . ASP A 1 2   ? 5.478   2.179   -16.501 1.00 23.79 ? 2   ASP A CA  1 
ATOM   9    C C   . ASP A 1 2   ? 4.424   1.089   -16.316 1.00 20.51 ? 2   ASP A C   1 
ATOM   10   O O   . ASP A 1 2   ? 3.257   1.292   -16.641 1.00 19.53 ? 2   ASP A O   1 
ATOM   11   C CB  . ASP A 1 2   ? 6.178   1.998   -17.853 1.00 26.44 ? 2   ASP A CB  1 
ATOM   12   C CG  . ASP A 1 2   ? 6.906   3.255   -18.310 1.00 30.05 ? 2   ASP A CG  1 
ATOM   13   O OD1 . ASP A 1 2   ? 6.760   4.304   -17.642 1.00 30.52 ? 2   ASP A OD1 1 
ATOM   14   O OD2 . ASP A 1 2   ? 7.620   3.194   -19.336 1.00 31.35 ? 2   ASP A OD2 1 
ATOM   15   N N   . ALA A 1 3   ? 4.838   -0.057  -15.780 1.00 16.77 ? 3   ALA A N   1 
ATOM   16   C CA  . ALA A 1 3   ? 3.958   -1.218  -15.671 1.00 15.38 ? 3   ALA A CA  1 
ATOM   17   C C   . ALA A 1 3   ? 2.978   -1.105  -14.499 1.00 13.37 ? 3   ALA A C   1 
ATOM   18   O O   . ALA A 1 3   ? 1.998   -1.852  -14.427 1.00 11.49 ? 3   ALA A O   1 
ATOM   19   C CB  . ALA A 1 3   ? 4.792   -2.492  -15.529 1.00 16.41 ? 3   ALA A CB  1 
ATOM   20   N N   . PHE A 1 4   ? 3.254   -0.177  -13.585 1.00 10.20 ? 4   PHE A N   1 
ATOM   21   C CA  . PHE A 1 4   ? 2.390   0.052   -12.429 1.00 10.79 ? 4   PHE A CA  1 
ATOM   22   C C   . PHE A 1 4   ? 1.317   1.087   -12.728 1.00 10.09 ? 4   PHE A C   1 
ATOM   23   O O   . PHE A 1 4   ? 0.284   1.134   -12.058 1.00 9.93  ? 4   PHE A O   1 
ATOM   24   C CB  . PHE A 1 4   ? 3.213   0.525   -11.230 1.00 11.21 ? 4   PHE A CB  1 
ATOM   25   C CG  . PHE A 1 4   ? 4.091   -0.537  -10.647 1.00 12.09 ? 4   PHE A CG  1 
ATOM   26   C CD1 . PHE A 1 4   ? 5.442   -0.586  -10.956 1.00 12.84 ? 4   PHE A CD1 1 
ATOM   27   C CD2 . PHE A 1 4   ? 3.563   -1.501  -9.804  1.00 11.59 ? 4   PHE A CD2 1 
ATOM   28   C CE1 . PHE A 1 4   ? 6.248   -1.581  -10.432 1.00 13.02 ? 4   PHE A CE1 1 
ATOM   29   C CE2 . PHE A 1 4   ? 4.363   -2.496  -9.280  1.00 11.04 ? 4   PHE A CE2 1 
ATOM   30   C CZ  . PHE A 1 4   ? 5.707   -2.537  -9.594  1.00 9.33  ? 4   PHE A CZ  1 
ATOM   31   N N   . VAL A 1 5   ? 1.570   1.916   -13.736 1.00 7.90  ? 5   VAL A N   1 
ATOM   32   C CA  . VAL A 1 5   ? 0.707   3.048   -14.039 1.00 8.25  ? 5   VAL A CA  1 
ATOM   33   C C   . VAL A 1 5   ? -0.679  2.612   -14.502 1.00 9.42  ? 5   VAL A C   1 
ATOM   34   O O   . VAL A 1 5   ? -0.822  1.746   -15.371 1.00 10.50 ? 5   VAL A O   1 
ATOM   35   C CB  . VAL A 1 5   ? 1.350   3.954   -15.115 1.00 8.72  ? 5   VAL A CB  1 
ATOM   36   C CG1 . VAL A 1 5   ? 0.376   5.033   -15.550 1.00 9.30  ? 5   VAL A CG1 1 
ATOM   37   C CG2 . VAL A 1 5   ? 2.619   4.598   -14.551 1.00 8.89  ? 5   VAL A CG2 1 
ATOM   38   N N   . GLY A 1 6   ? -1.701  3.212   -13.907 1.00 9.23  ? 6   GLY A N   1 
ATOM   39   C CA  . GLY A 1 6   ? -3.055  2.932   -14.333 1.00 10.70 ? 6   GLY A CA  1 
ATOM   40   C C   . GLY A 1 6   ? -4.056  2.955   -13.198 1.00 10.59 ? 6   GLY A C   1 
ATOM   41   O O   . GLY A 1 6   ? -3.755  3.398   -12.089 1.00 9.39  ? 6   GLY A O   1 
ATOM   42   N N   . THR A 1 7   ? -5.261  2.485   -13.486 1.00 9.90  ? 7   THR A N   1 
ATOM   43   C CA  . THR A 1 7   ? -6.288  2.356   -12.464 1.00 10.56 ? 7   THR A CA  1 
ATOM   44   C C   . THR A 1 7   ? -6.499  0.884   -12.146 1.00 10.88 ? 7   THR A C   1 
ATOM   45   O O   . THR A 1 7   ? -6.704  0.064   -13.044 1.00 10.40 ? 7   THR A O   1 
ATOM   46   C CB  . THR A 1 7   ? -7.612  2.982   -12.938 1.00 12.35 ? 7   THR A CB  1 
ATOM   47   O OG1 . THR A 1 7   ? -7.431  4.395   -13.112 1.00 11.82 ? 7   THR A OG1 1 
ATOM   48   C CG2 . THR A 1 7   ? -8.717  2.724   -11.922 1.00 9.88  ? 7   THR A CG2 1 
ATOM   49   N N   . TRP A 1 8   ? -6.428  0.554   -10.860 1.00 10.55 ? 8   TRP A N   1 
ATOM   50   C CA  . TRP A 1 8   ? -6.461  -0.830  -10.421 1.00 9.00  ? 8   TRP A CA  1 
ATOM   51   C C   . TRP A 1 8   ? -7.613  -1.027  -9.449  1.00 10.07 ? 8   TRP A C   1 
ATOM   52   O O   . TRP A 1 8   ? -7.976  -0.115  -8.709  1.00 10.21 ? 8   TRP A O   1 
ATOM   53   C CB  . TRP A 1 8   ? -5.140  -1.195  -9.741  1.00 8.61  ? 8   TRP A CB  1 
ATOM   54   C CG  . TRP A 1 8   ? -3.955  -1.040  -10.637 1.00 6.73  ? 8   TRP A CG  1 
ATOM   55   C CD1 . TRP A 1 8   ? -3.210  0.085   -10.821 1.00 7.80  ? 8   TRP A CD1 1 
ATOM   56   C CD2 . TRP A 1 8   ? -3.403  -2.036  -11.504 1.00 7.74  ? 8   TRP A CD2 1 
ATOM   57   N NE1 . TRP A 1 8   ? -2.227  -0.146  -11.755 1.00 8.59  ? 8   TRP A NE1 1 
ATOM   58   C CE2 . TRP A 1 8   ? -2.325  -1.442  -12.189 1.00 7.90  ? 8   TRP A CE2 1 
ATOM   59   C CE3 . TRP A 1 8   ? -3.716  -3.374  -11.770 1.00 7.53  ? 8   TRP A CE3 1 
ATOM   60   C CZ2 . TRP A 1 8   ? -1.558  -2.139  -13.123 1.00 7.99  ? 8   TRP A CZ2 1 
ATOM   61   C CZ3 . TRP A 1 8   ? -2.954  -4.063  -12.697 1.00 6.26  ? 8   TRP A CZ3 1 
ATOM   62   C CH2 . TRP A 1 8   ? -1.891  -3.446  -13.361 1.00 7.53  ? 8   TRP A CH2 1 
ATOM   63   N N   . LYS A 1 9   ? -8.185  -2.224  -9.458  1.00 11.15 ? 9   LYS A N   1 
ATOM   64   C CA  . LYS A 1 9   ? -9.281  -2.546  -8.554  1.00 11.76 ? 9   LYS A CA  1 
ATOM   65   C C   . LYS A 1 9   ? -8.937  -3.807  -7.769  1.00 10.61 ? 9   LYS A C   1 
ATOM   66   O O   . LYS A 1 9   ? -8.365  -4.750  -8.314  1.00 10.10 ? 9   LYS A O   1 
ATOM   67   C CB  . LYS A 1 9   ? -10.566 -2.766  -9.355  1.00 13.39 ? 9   LYS A CB  1 
ATOM   68   C CG  . LYS A 1 9   ? -10.464 -3.905  -10.342 1.00 17.34 ? 9   LYS A CG  1 
ATOM   69   C CD  . LYS A 1 9   ? -11.745 -4.103  -11.134 1.00 20.51 ? 9   LYS A CD  1 
ATOM   70   C CE  . LYS A 1 9   ? -11.582 -5.260  -12.110 1.00 22.04 ? 9   LYS A CE  1 
ATOM   71   N NZ  . LYS A 1 9   ? -12.711 -5.342  -13.080 1.00 24.66 ? 9   LYS A NZ  1 
ATOM   72   N N   . LEU A 1 10  ? -9.292  -3.814  -6.488  1.00 10.39 ? 10  LEU A N   1 
ATOM   73   C CA  . LEU A 1 10  ? -9.014  -4.950  -5.616  1.00 11.16 ? 10  LEU A CA  1 
ATOM   74   C C   . LEU A 1 10  ? -9.860  -6.156  -5.996  1.00 10.82 ? 10  LEU A C   1 
ATOM   75   O O   . LEU A 1 10  ? -11.080 -6.079  -5.996  1.00 12.24 ? 10  LEU A O   1 
ATOM   76   C CB  . LEU A 1 10  ? -9.305  -4.578  -4.161  1.00 11.59 ? 10  LEU A CB  1 
ATOM   77   C CG  . LEU A 1 10  ? -8.967  -5.658  -3.139  1.00 11.59 ? 10  LEU A CG  1 
ATOM   78   C CD1 . LEU A 1 10  ? -7.466  -5.862  -3.102  1.00 13.16 ? 10  LEU A CD1 1 
ATOM   79   C CD2 . LEU A 1 10  ? -9.480  -5.244  -1.772  1.00 12.40 ? 10  LEU A CD2 1 
ATOM   80   N N   . VAL A 1 11  ? -9.213  -7.274  -6.310  1.00 10.81 ? 11  VAL A N   1 
ATOM   81   C CA  . VAL A 1 11  ? -9.942  -8.478  -6.683  1.00 11.44 ? 11  VAL A CA  1 
ATOM   82   C C   . VAL A 1 11  ? -9.936  -9.542  -5.581  1.00 12.30 ? 11  VAL A C   1 
ATOM   83   O O   . VAL A 1 11  ? -10.855 -10.353 -5.491  1.00 12.23 ? 11  VAL A O   1 
ATOM   84   C CB  . VAL A 1 11  ? -9.385  -9.085  -7.994  1.00 12.92 ? 11  VAL A CB  1 
ATOM   85   C CG1 . VAL A 1 11  ? -9.589  -8.106  -9.148  1.00 11.11 ? 11  VAL A CG1 1 
ATOM   86   C CG2 . VAL A 1 11  ? -7.911  -9.410  -7.835  1.00 14.92 ? 11  VAL A CG2 1 
ATOM   87   N N   . SER A 1 12  ? -8.908  -9.540  -4.739  1.00 10.22 ? 12  SER A N   1 
ATOM   88   C CA  . SER A 1 12  ? -8.882  -10.462 -3.609  1.00 9.92  ? 12  SER A CA  1 
ATOM   89   C C   . SER A 1 12  ? -7.972  -10.007 -2.478  1.00 9.30  ? 12  SER A C   1 
ATOM   90   O O   . SER A 1 12  ? -7.058  -9.205  -2.673  1.00 7.42  ? 12  SER A O   1 
ATOM   91   C CB  . SER A 1 12  ? -8.478  -11.869 -4.070  1.00 10.79 ? 12  SER A CB  1 
ATOM   92   O OG  . SER A 1 12  ? -7.155  -11.909 -4.566  1.00 8.91  ? 12  SER A OG  1 
ATOM   93   N N   . SER A 1 13  ? -8.245  -10.522 -1.285  1.00 9.03  ? 13  SER A N   1 
ATOM   94   C CA  . SER A 1 13  ? -7.477  -10.174 -0.103  1.00 8.73  ? 13  SER A CA  1 
ATOM   95   C C   . SER A 1 13  ? -7.302  -11.413 0.760   1.00 8.38  ? 13  SER A C   1 
ATOM   96   O O   . SER A 1 13  ? -8.217  -12.225 0.888   1.00 8.31  ? 13  SER A O   1 
ATOM   97   C CB  . SER A 1 13  ? -8.207  -9.086  0.688   1.00 8.93  ? 13  SER A CB  1 
ATOM   98   O OG  . SER A 1 13  ? -7.466  -8.705  1.831   1.00 8.78  ? 13  SER A OG  1 
ATOM   99   N N   . GLU A 1 14  ? -6.118  -11.564 1.337   1.00 9.51  ? 14  GLU A N   1 
ATOM   100  C CA  . GLU A 1 14  ? -5.863  -12.652 2.266   1.00 9.86  ? 14  GLU A CA  1 
ATOM   101  C C   . GLU A 1 14  ? -5.115  -12.134 3.489   1.00 9.66  ? 14  GLU A C   1 
ATOM   102  O O   . GLU A 1 14  ? -4.109  -11.434 3.362   1.00 8.81  ? 14  GLU A O   1 
ATOM   103  C CB  . GLU A 1 14  ? -5.048  -13.756 1.586   1.00 12.53 ? 14  GLU A CB  1 
ATOM   104  C CG  . GLU A 1 14  ? -5.789  -14.467 0.443   1.00 18.10 ? 14  GLU A CG  1 
ATOM   105  C CD  . GLU A 1 14  ? -6.886  -15.410 0.936   1.00 21.81 ? 14  GLU A CD  1 
ATOM   106  O OE1 . GLU A 1 14  ? -7.093  -15.518 2.166   1.00 24.19 ? 14  GLU A OE1 1 
ATOM   107  O OE2 . GLU A 1 14  ? -7.544  -16.052 0.087   1.00 24.57 ? 14  GLU A OE2 1 
ATOM   108  N N   . ASN A 1 15  ? -5.630  -12.477 4.667   1.00 8.90  ? 15  ASN A N   1 
ATOM   109  C CA  . ASN A 1 15  ? -4.963  -12.189 5.936   1.00 10.04 ? 15  ASN A CA  1 
ATOM   110  C C   . ASN A 1 15  ? -4.774  -10.705 6.225   1.00 9.97  ? 15  ASN A C   1 
ATOM   111  O O   . ASN A 1 15  ? -3.924  -10.338 7.039   1.00 9.30  ? 15  ASN A O   1 
ATOM   112  C CB  . ASN A 1 15  ? -3.602  -12.880 5.980   1.00 11.16 ? 15  ASN A CB  1 
ATOM   113  C CG  . ASN A 1 15  ? -3.708  -14.379 5.820   1.00 12.79 ? 15  ASN A CG  1 
ATOM   114  O OD1 . ASN A 1 15  ? -3.162  -14.951 4.878   1.00 17.97 ? 15  ASN A OD1 1 
ATOM   115  N ND2 . ASN A 1 15  ? -4.410  -15.026 6.739   1.00 12.87 ? 15  ASN A ND2 1 
ATOM   116  N N   . PHE A 1 16  ? -5.549  -9.844  5.572   1.00 7.70  ? 16  PHE A N   1 
ATOM   117  C CA  . PHE A 1 16  ? -5.363  -8.420  5.793   1.00 7.55  ? 16  PHE A CA  1 
ATOM   118  C C   . PHE A 1 16  ? -5.817  -7.975  7.181   1.00 7.12  ? 16  PHE A C   1 
ATOM   119  O O   . PHE A 1 16  ? -5.255  -7.036  7.745   1.00 7.42  ? 16  PHE A O   1 
ATOM   120  C CB  . PHE A 1 16  ? -6.085  -7.593  4.726   1.00 8.74  ? 16  PHE A CB  1 
ATOM   121  C CG  . PHE A 1 16  ? -5.708  -6.137  4.748   1.00 8.19  ? 16  PHE A CG  1 
ATOM   122  C CD1 . PHE A 1 16  ? -4.418  -5.741  4.422   1.00 7.16  ? 16  PHE A CD1 1 
ATOM   123  C CD2 . PHE A 1 16  ? -6.630  -5.168  5.123   1.00 9.51  ? 16  PHE A CD2 1 
ATOM   124  C CE1 . PHE A 1 16  ? -4.048  -4.405  4.474   1.00 8.06  ? 16  PHE A CE1 1 
ATOM   125  C CE2 . PHE A 1 16  ? -6.270  -3.829  5.176   1.00 9.50  ? 16  PHE A CE2 1 
ATOM   126  C CZ  . PHE A 1 16  ? -4.974  -3.447  4.852   1.00 7.86  ? 16  PHE A CZ  1 
ATOM   127  N N   . ASP A 1 17  ? -6.822  -8.642  7.740   1.00 7.93  ? 17  ASP A N   1 
ATOM   128  C CA  . ASP A 1 17  ? -7.229  -8.334  9.109   1.00 8.56  ? 17  ASP A CA  1 
ATOM   129  C C   . ASP A 1 17  ? -6.118  -8.661  10.104  1.00 8.24  ? 17  ASP A C   1 
ATOM   130  O O   . ASP A 1 17  ? -5.902  -7.922  11.064  1.00 9.92  ? 17  ASP A O   1 
ATOM   131  C CB  . ASP A 1 17  ? -8.492  -9.106  9.500   1.00 9.29  ? 17  ASP A CB  1 
ATOM   132  C CG  . ASP A 1 17  ? -8.942  -8.789  10.915  1.00 12.38 ? 17  ASP A CG  1 
ATOM   133  O OD1 . ASP A 1 17  ? -9.283  -7.615  11.176  1.00 12.62 ? 17  ASP A OD1 1 
ATOM   134  O OD2 . ASP A 1 17  ? -8.941  -9.705  11.767  1.00 13.11 ? 17  ASP A OD2 1 
ATOM   135  N N   . ASP A 1 18  ? -5.408  -9.763  9.877   1.00 8.04  ? 18  ASP A N   1 
ATOM   136  C CA  . ASP A 1 18  ? -4.308  -10.143 10.766  1.00 9.49  ? 18  ASP A CA  1 
ATOM   137  C C   . ASP A 1 18  ? -3.144  -9.166  10.646  1.00 8.59  ? 18  ASP A C   1 
ATOM   138  O O   . ASP A 1 18  ? -2.533  -8.781  11.645  1.00 8.85  ? 18  ASP A O   1 
ATOM   139  C CB  . ASP A 1 18  ? -3.818  -11.554 10.437  1.00 11.99 ? 18  ASP A CB  1 
ATOM   140  C CG  . ASP A 1 18  ? -4.745  -12.627 10.961  1.00 16.64 ? 18  ASP A CG  1 
ATOM   141  O OD1 . ASP A 1 18  ? -5.091  -12.582 12.156  1.00 19.96 ? 18  ASP A OD1 1 
ATOM   142  O OD2 . ASP A 1 18  ? -5.124  -13.515 10.173  1.00 21.27 ? 18  ASP A OD2 1 
ATOM   143  N N   . TYR A 1 19  ? -2.835  -8.762  9.419   1.00 7.96  ? 19  TYR A N   1 
ATOM   144  C CA  . TYR A 1 19  ? -1.774  -7.789  9.205   1.00 7.16  ? 19  TYR A CA  1 
ATOM   145  C C   . TYR A 1 19  ? -2.113  -6.497  9.935   1.00 7.39  ? 19  TYR A C   1 
ATOM   146  O O   . TYR A 1 19  ? -1.269  -5.922  10.621  1.00 7.77  ? 19  TYR A O   1 
ATOM   147  C CB  . TYR A 1 19  ? -1.592  -7.516  7.710   1.00 7.79  ? 19  TYR A CB  1 
ATOM   148  C CG  . TYR A 1 19  ? -0.706  -6.324  7.423   1.00 7.44  ? 19  TYR A CG  1 
ATOM   149  C CD1 . TYR A 1 19  ? 0.677   -6.417  7.531   1.00 6.36  ? 19  TYR A CD1 1 
ATOM   150  C CD2 . TYR A 1 19  ? -1.257  -5.098  7.069   1.00 7.63  ? 19  TYR A CD2 1 
ATOM   151  C CE1 . TYR A 1 19  ? 1.488   -5.319  7.301   1.00 5.42  ? 19  TYR A CE1 1 
ATOM   152  C CE2 . TYR A 1 19  ? -0.456  -3.996  6.836   1.00 6.94  ? 19  TYR A CE2 1 
ATOM   153  C CZ  . TYR A 1 19  ? 0.915   -4.108  6.956   1.00 7.50  ? 19  TYR A CZ  1 
ATOM   154  O OH  . TYR A 1 19  ? 1.707   -2.995  6.747   1.00 8.83  ? 19  TYR A OH  1 
ATOM   155  N N   . MET A 1 20  ? -3.355  -6.044  9.797   1.00 6.56  ? 20  MET A N   1 
ATOM   156  C CA  . MET A 1 20  ? -3.797  -4.846  10.497  1.00 8.22  ? 20  MET A CA  1 
ATOM   157  C C   . MET A 1 20  ? -3.701  -4.984  12.020  1.00 8.41  ? 20  MET A C   1 
ATOM   158  O O   . MET A 1 20  ? -3.293  -4.046  12.703  1.00 9.42  ? 20  MET A O   1 
ATOM   159  C CB  . MET A 1 20  ? -5.232  -4.495  10.095  1.00 7.52  ? 20  MET A CB  1 
ATOM   160  C CG  . MET A 1 20  ? -5.342  -3.869  8.717   1.00 8.74  ? 20  MET A CG  1 
ATOM   161  S SD  . MET A 1 20  ? -6.910  -3.003  8.459   1.00 10.32 ? 20  MET A SD  1 
ATOM   162  C CE  . MET A 1 20  ? -8.027  -4.390  8.283   1.00 8.05  ? 20  MET A CE  1 
ATOM   163  N N   . LYS A 1 21  ? -4.059  -6.147  12.555  1.00 9.44  ? 21  LYS A N   1 
ATOM   164  C CA  . LYS A 1 21  ? -3.940  -6.361  13.996  1.00 9.67  ? 21  LYS A CA  1 
ATOM   165  C C   . LYS A 1 21  ? -2.486  -6.233  14.415  1.00 11.15 ? 21  LYS A C   1 
ATOM   166  O O   . LYS A 1 21  ? -2.182  -5.726  15.495  1.00 12.32 ? 21  LYS A O   1 
ATOM   167  C CB  . LYS A 1 21  ? -4.442  -7.751  14.392  1.00 12.20 ? 21  LYS A CB  1 
ATOM   168  C CG  . LYS A 1 21  ? -5.951  -7.908  14.426  1.00 13.19 ? 21  LYS A CG  1 
ATOM   169  C CD  . LYS A 1 21  ? -6.330  -9.247  15.046  1.00 13.41 ? 21  LYS A CD  1 
ATOM   170  C CE  . LYS A 1 21  ? -7.838  -9.386  15.174  1.00 15.60 ? 21  LYS A CE  1 
ATOM   171  N NZ  . LYS A 1 21  ? -8.239  -10.776 15.532  1.00 16.73 ? 21  LYS A NZ  1 
ATOM   172  N N   . GLU A 1 22  ? -1.590  -6.701  13.550  1.00 10.65 ? 22  GLU A N   1 
ATOM   173  C CA  . GLU A 1 22  ? -0.164  -6.712  13.841  1.00 11.81 ? 22  GLU A CA  1 
ATOM   174  C C   . GLU A 1 22  ? 0.392   -5.287  13.787  1.00 12.54 ? 22  GLU A C   1 
ATOM   175  O O   . GLU A 1 22  ? 1.304   -4.933  14.544  1.00 12.99 ? 22  GLU A O   1 
ATOM   176  C CB  . GLU A 1 22  ? 0.555   -7.605  12.822  1.00 13.48 ? 22  GLU A CB  1 
ATOM   177  C CG  . GLU A 1 22  ? 1.898   -8.135  13.281  1.00 16.37 ? 22  GLU A CG  1 
ATOM   178  C CD  . GLU A 1 22  ? 1.797   -8.984  14.531  1.00 17.99 ? 22  GLU A CD  1 
ATOM   179  O OE1 . GLU A 1 22  ? 0.729   -9.587  14.780  1.00 16.70 ? 22  GLU A OE1 1 
ATOM   180  O OE2 . GLU A 1 22  ? 2.798   -9.046  15.271  1.00 19.96 ? 22  GLU A OE2 1 
ATOM   181  N N   . VAL A 1 23  ? -0.173  -4.474  12.895  1.00 11.24 ? 23  VAL A N   1 
ATOM   182  C CA  . VAL A 1 23  ? 0.195   -3.068  12.766  1.00 11.33 ? 23  VAL A CA  1 
ATOM   183  C C   . VAL A 1 23  ? -0.320  -2.246  13.944  1.00 11.90 ? 23  VAL A C   1 
ATOM   184  O O   . VAL A 1 23  ? 0.258   -1.214  14.287  1.00 14.11 ? 23  VAL A O   1 
ATOM   185  C CB  . VAL A 1 23  ? -0.362  -2.463  11.443  1.00 11.54 ? 23  VAL A CB  1 
ATOM   186  C CG1 . VAL A 1 23  ? -0.197  -0.951  11.437  1.00 12.11 ? 23  VAL A CG1 1 
ATOM   187  C CG2 . VAL A 1 23  ? 0.374   -3.054  10.251  1.00 10.90 ? 23  VAL A CG2 1 
ATOM   188  N N   . GLY A 1 24  ? -1.407  -2.704  14.560  1.00 10.71 ? 24  GLY A N   1 
ATOM   189  C CA  . GLY A 1 24  ? -1.942  -2.019  15.725  1.00 10.11 ? 24  GLY A CA  1 
ATOM   190  C C   . GLY A 1 24  ? -3.269  -1.326  15.463  1.00 10.96 ? 24  GLY A C   1 
ATOM   191  O O   . GLY A 1 24  ? -3.714  -0.507  16.264  1.00 11.71 ? 24  GLY A O   1 
ATOM   192  N N   . VAL A 1 25  ? -3.902  -1.653  14.341  1.00 10.07 ? 25  VAL A N   1 
ATOM   193  C CA  . VAL A 1 25  ? -5.170  -1.033  13.965  1.00 8.91  ? 25  VAL A CA  1 
ATOM   194  C C   . VAL A 1 25  ? -6.290  -1.553  14.865  1.00 9.11  ? 25  VAL A C   1 
ATOM   195  O O   . VAL A 1 25  ? -6.420  -2.759  15.073  1.00 8.19  ? 25  VAL A O   1 
ATOM   196  C CB  . VAL A 1 25  ? -5.533  -1.351  12.497  1.00 8.68  ? 25  VAL A CB  1 
ATOM   197  C CG1 . VAL A 1 25  ? -6.758  -0.567  12.086  1.00 8.52  ? 25  VAL A CG1 1 
ATOM   198  C CG2 . VAL A 1 25  ? -4.361  -1.021  11.579  1.00 8.99  ? 25  VAL A CG2 1 
ATOM   199  N N   . GLY A 1 26  ? -7.100  -0.638  15.388  1.00 8.89  ? 26  GLY A N   1 
ATOM   200  C CA  . GLY A 1 26  ? -8.129  -1.018  16.340  1.00 8.98  ? 26  GLY A CA  1 
ATOM   201  C C   . GLY A 1 26  ? -9.326  -1.684  15.688  1.00 10.45 ? 26  GLY A C   1 
ATOM   202  O O   . GLY A 1 26  ? -9.491  -1.627  14.470  1.00 9.67  ? 26  GLY A O   1 
ATOM   203  N N   . PHE A 1 27  ? -10.174 -2.299  16.510  1.00 9.39  ? 27  PHE A N   1 
ATOM   204  C CA  . PHE A 1 27  ? -11.270 -3.132  16.026  1.00 9.79  ? 27  PHE A CA  1 
ATOM   205  C C   . PHE A 1 27  ? -12.127 -2.487  14.939  1.00 9.87  ? 27  PHE A C   1 
ATOM   206  O O   . PHE A 1 27  ? -12.287 -3.050  13.852  1.00 10.03 ? 27  PHE A O   1 
ATOM   207  C CB  . PHE A 1 27  ? -12.180 -3.536  17.192  1.00 11.07 ? 27  PHE A CB  1 
ATOM   208  C CG  . PHE A 1 27  ? -13.347 -4.384  16.778  1.00 10.43 ? 27  PHE A CG  1 
ATOM   209  C CD1 . PHE A 1 27  ? -14.594 -3.816  16.556  1.00 11.80 ? 27  PHE A CD1 1 
ATOM   210  C CD2 . PHE A 1 27  ? -13.196 -5.751  16.597  1.00 10.63 ? 27  PHE A CD2 1 
ATOM   211  C CE1 . PHE A 1 27  ? -15.672 -4.602  16.157  1.00 9.76  ? 27  PHE A CE1 1 
ATOM   212  C CE2 . PHE A 1 27  ? -14.270 -6.540  16.197  1.00 11.14 ? 27  PHE A CE2 1 
ATOM   213  C CZ  . PHE A 1 27  ? -15.507 -5.963  15.978  1.00 9.49  ? 27  PHE A CZ  1 
ATOM   214  N N   . ALA A 1 28  ? -12.684 -1.318  15.235  1.00 9.65  ? 28  ALA A N   1 
ATOM   215  C CA  . ALA A 1 28  ? -13.701 -0.731  14.368  1.00 10.09 ? 28  ALA A CA  1 
ATOM   216  C C   . ALA A 1 28  ? -13.114 -0.344  13.018  1.00 9.56  ? 28  ALA A C   1 
ATOM   217  O O   . ALA A 1 28  ? -13.730 -0.569  11.978  1.00 8.82  ? 28  ALA A O   1 
ATOM   218  C CB  . ALA A 1 28  ? -14.328 0.484   15.035  1.00 9.88  ? 28  ALA A CB  1 
ATOM   219  N N   . THR A 1 29  ? -11.917 0.234   13.037  1.00 9.76  ? 29  THR A N   1 
ATOM   220  C CA  . THR A 1 29  ? -11.225 0.575   11.798  1.00 10.39 ? 29  THR A CA  1 
ATOM   221  C C   . THR A 1 29  ? -10.936 -0.689  10.993  1.00 9.71  ? 29  THR A C   1 
ATOM   222  O O   . THR A 1 29  ? -11.118 -0.713  9.772   1.00 10.31 ? 29  THR A O   1 
ATOM   223  C CB  . THR A 1 29  ? -9.901  1.314   12.087  1.00 10.42 ? 29  THR A CB  1 
ATOM   224  O OG1 . THR A 1 29  ? -10.176 2.532   12.790  1.00 12.37 ? 29  THR A OG1 1 
ATOM   225  C CG2 . THR A 1 29  ? -9.175  1.641   10.792  1.00 11.76 ? 29  THR A CG2 1 
ATOM   226  N N   . ARG A 1 30  ? -10.497 -1.744  11.674  1.00 9.11  ? 30  ARG A N   1 
ATOM   227  C CA  . ARG A 1 30  ? -10.222 -3.013  11.000  1.00 9.12  ? 30  ARG A CA  1 
ATOM   228  C C   . ARG A 1 30  ? -11.466 -3.561  10.306  1.00 9.49  ? 30  ARG A C   1 
ATOM   229  O O   . ARG A 1 30  ? -11.391 -4.049  9.181   1.00 7.78  ? 30  ARG A O   1 
ATOM   230  C CB  . ARG A 1 30  ? -9.701  -4.060  11.994  1.00 8.83  ? 30  ARG A CB  1 
ATOM   231  C CG  . ARG A 1 30  ? -8.251  -3.870  12.415  1.00 8.62  ? 30  ARG A CG  1 
ATOM   232  C CD  . ARG A 1 30  ? -7.610  -5.192  12.829  1.00 7.56  ? 30  ARG A CD  1 
ATOM   233  N NE  . ARG A 1 30  ? -8.513  -6.023  13.620  1.00 8.61  ? 30  ARG A NE  1 
ATOM   234  C CZ  . ARG A 1 30  ? -8.737  -5.855  14.920  1.00 9.75  ? 30  ARG A CZ  1 
ATOM   235  N NH1 . ARG A 1 30  ? -8.117  -4.885  15.579  1.00 10.34 ? 30  ARG A NH1 1 
ATOM   236  N NH2 . ARG A 1 30  ? -9.589  -6.649  15.559  1.00 8.49  ? 30  ARG A NH2 1 
ATOM   237  N N   . LYS A 1 31  ? -12.605 -3.486  10.986  1.00 8.89  ? 31  LYS A N   1 
ATOM   238  C CA  . LYS A 1 31  ? -13.861 -3.985  10.432  1.00 10.13 ? 31  LYS A CA  1 
ATOM   239  C C   . LYS A 1 31  ? -14.267 -3.219  9.176   1.00 10.22 ? 31  LYS A C   1 
ATOM   240  O O   . LYS A 1 31  ? -14.614 -3.817  8.156   1.00 9.35  ? 31  LYS A O   1 
ATOM   241  C CB  . LYS A 1 31  ? -14.979 -3.870  11.470  1.00 10.28 ? 31  LYS A CB  1 
ATOM   242  C CG  . LYS A 1 31  ? -14.697 -4.600  12.774  1.00 12.74 ? 31  LYS A CG  1 
ATOM   243  C CD  . LYS A 1 31  ? -14.695 -6.106  12.587  1.00 14.88 ? 31  LYS A CD  1 
ATOM   244  C CE  . LYS A 1 31  ? -13.277 -6.662  12.573  1.00 17.11 ? 31  LYS A CE  1 
ATOM   245  N NZ  . LYS A 1 31  ? -13.283 -8.144  12.431  1.00 19.06 ? 31  LYS A NZ  1 
ATOM   246  N N   . VAL A 1 32  ? -14.223 -1.896  9.258   1.00 10.73 ? 32  VAL A N   1 
ATOM   247  C CA  . VAL A 1 32  ? -14.668 -1.059  8.155   1.00 10.81 ? 32  VAL A CA  1 
ATOM   248  C C   . VAL A 1 32  ? -13.708 -1.135  6.974   1.00 10.87 ? 32  VAL A C   1 
ATOM   249  O O   . VAL A 1 32  ? -14.134 -1.206  5.825   1.00 10.52 ? 32  VAL A O   1 
ATOM   250  C CB  . VAL A 1 32  ? -14.806 0.414   8.586   1.00 11.58 ? 32  VAL A CB  1 
ATOM   251  C CG1 . VAL A 1 32  ? -15.131 1.272   7.373   1.00 12.19 ? 32  VAL A CG1 1 
ATOM   252  C CG2 . VAL A 1 32  ? -15.910 0.552   9.629   1.00 12.54 ? 32  VAL A CG2 1 
ATOM   253  N N   . ALA A 1 33  ? -12.409 -1.123  7.257   1.00 9.48  ? 33  ALA A N   1 
ATOM   254  C CA  . ALA A 1 33  ? -11.415 -1.187  6.191   1.00 9.72  ? 33  ALA A CA  1 
ATOM   255  C C   . ALA A 1 33  ? -11.439 -2.559  5.517   1.00 9.16  ? 33  ALA A C   1 
ATOM   256  O O   . ALA A 1 33  ? -11.326 -2.659  4.296   1.00 9.01  ? 33  ALA A O   1 
ATOM   257  C CB  . ALA A 1 33  ? -10.029 -0.899  6.750   1.00 8.10  ? 33  ALA A CB  1 
ATOM   258  N N   . GLY A 1 34  ? -11.582 -3.612  6.317   1.00 8.42  ? 34  GLY A N   1 
ATOM   259  C CA  . GLY A 1 34  ? -11.654 -4.951  5.767   1.00 10.69 ? 34  GLY A CA  1 
ATOM   260  C C   . GLY A 1 34  ? -12.775 -5.117  4.756   1.00 11.47 ? 34  GLY A C   1 
ATOM   261  O O   . GLY A 1 34  ? -12.648 -5.883  3.799   1.00 10.09 ? 34  GLY A O   1 
ATOM   262  N N   . MET A 1 35  ? -13.873 -4.392  4.964   1.00 11.17 ? 35  MET A N   1 
ATOM   263  C CA  . MET A 1 35  ? -15.033 -4.469  4.080   1.00 11.05 ? 35  MET A CA  1 
ATOM   264  C C   . MET A 1 35  ? -14.839 -3.696  2.777   1.00 10.10 ? 35  MET A C   1 
ATOM   265  O O   . MET A 1 35  ? -15.443 -4.027  1.758   1.00 9.94  ? 35  MET A O   1 
ATOM   266  C CB  . MET A 1 35  ? -16.280 -3.927  4.788   1.00 11.86 ? 35  MET A CB  1 
ATOM   267  C CG  . MET A 1 35  ? -16.909 -4.879  5.786   1.00 12.24 ? 35  MET A CG  1 
ATOM   268  S SD  . MET A 1 35  ? -17.817 -6.216  4.989   1.00 14.26 ? 35  MET A SD  1 
ATOM   269  C CE  . MET A 1 35  ? -18.960 -5.324  3.994   1.00 12.72 ? 35  MET A CE  1 
ATOM   270  N N   . ALA A 1 36  ? -14.010 -2.659  2.810   1.00 10.65 ? 36  ALA A N   1 
ATOM   271  C CA  . ALA A 1 36  ? -13.858 -1.792  1.647   1.00 9.92  ? 36  ALA A CA  1 
ATOM   272  C C   . ALA A 1 36  ? -13.191 -2.512  0.474   1.00 9.99  ? 36  ALA A C   1 
ATOM   273  O O   . ALA A 1 36  ? -12.459 -3.482  0.656   1.00 10.18 ? 36  ALA A O   1 
ATOM   274  C CB  . ALA A 1 36  ? -13.063 -0.556  2.024   1.00 9.69  ? 36  ALA A CB  1 
ATOM   275  N N   . LYS A 1 37  ? -13.463 -2.029  -0.734  1.00 9.76  ? 37  LYS A N   1 
ATOM   276  C CA  . LYS A 1 37  ? -12.855 -2.574  -1.940  1.00 10.04 ? 37  LYS A CA  1 
ATOM   277  C C   . LYS A 1 37  ? -12.176 -1.438  -2.690  1.00 9.66  ? 37  LYS A C   1 
ATOM   278  O O   . LYS A 1 37  ? -12.656 -0.988  -3.730  1.00 10.44 ? 37  LYS A O   1 
ATOM   279  C CB  . LYS A 1 37  ? -13.926 -3.224  -2.818  1.00 10.30 ? 37  LYS A CB  1 
ATOM   280  C CG  . LYS A 1 37  ? -14.575 -4.446  -2.176  1.00 15.81 ? 37  LYS A CG  1 
ATOM   281  C CD  . LYS A 1 37  ? -13.590 -5.610  -2.074  1.00 17.63 ? 37  LYS A CD  1 
ATOM   282  C CE  . LYS A 1 37  ? -14.260 -6.872  -1.539  1.00 18.88 ? 37  LYS A CE  1 
ATOM   283  N NZ  . LYS A 1 37  ? -14.568 -6.773  -0.079  1.00 21.99 ? 37  LYS A NZ  1 
ATOM   284  N N   . PRO A 1 38  ? -11.047 -0.952  -2.156  1.00 10.05 ? 38  PRO A N   1 
ATOM   285  C CA  . PRO A 1 38  ? -10.394 0.245   -2.690  1.00 8.65  ? 38  PRO A CA  1 
ATOM   286  C C   . PRO A 1 38  ? -9.874  0.028   -4.097  1.00 9.08  ? 38  PRO A C   1 
ATOM   287  O O   . PRO A 1 38  ? -9.593  -1.103  -4.500  1.00 7.32  ? 38  PRO A O   1 
ATOM   288  C CB  . PRO A 1 38  ? -9.259  0.508   -1.706  1.00 10.09 ? 38  PRO A CB  1 
ATOM   289  C CG  . PRO A 1 38  ? -8.957  -0.833  -1.129  1.00 10.68 ? 38  PRO A CG  1 
ATOM   290  C CD  . PRO A 1 38  ? -10.278 -1.554  -1.055  1.00 8.68  ? 38  PRO A CD  1 
ATOM   291  N N   . ASN A 1 39  ? -9.747  1.116   -4.847  1.00 8.62  ? 39  ASN A N   1 
ATOM   292  C CA  . ASN A 1 39  ? -8.992  1.068   -6.087  1.00 11.50 ? 39  ASN A CA  1 
ATOM   293  C C   . ASN A 1 39  ? -7.610  1.663   -5.832  1.00 11.12 ? 39  ASN A C   1 
ATOM   294  O O   . ASN A 1 39  ? -7.309  2.115   -4.723  1.00 11.03 ? 39  ASN A O   1 
ATOM   295  C CB  . ASN A 1 39  ? -9.716  1.854   -7.185  1.00 13.95 ? 39  ASN A CB  1 
ATOM   296  C CG  . ASN A 1 39  ? -9.816  3.331   -6.876  1.00 14.91 ? 39  ASN A CG  1 
ATOM   297  O OD1 . ASN A 1 39  ? -9.193  3.823   -5.936  1.00 16.78 ? 39  ASN A OD1 1 
ATOM   298  N ND2 . ASN A 1 39  ? -10.605 4.050   -7.668  1.00 16.59 ? 39  ASN A ND2 1 
ATOM   299  N N   . MET A 1 40  ? -6.767  1.644   -6.853  1.00 10.47 ? 40  MET A N   1 
ATOM   300  C CA  . MET A 1 40  ? -5.524  2.400   -6.824  1.00 11.18 ? 40  MET A CA  1 
ATOM   301  C C   . MET A 1 40  ? -5.394  3.081   -8.171  1.00 10.32 ? 40  MET A C   1 
ATOM   302  O O   . MET A 1 40  ? -5.609  2.452   -9.207  1.00 12.50 ? 40  MET A O   1 
ATOM   303  C CB  . MET A 1 40  ? -4.322  1.474   -6.603  1.00 10.39 ? 40  MET A CB  1 
ATOM   304  C CG  . MET A 1 40  ? -3.999  1.169   -5.153  1.00 11.54 ? 40  MET A CG  1 
ATOM   305  S SD  . MET A 1 40  ? -2.346  0.449   -5.005  1.00 11.41 ? 40  MET A SD  1 
ATOM   306  C CE  . MET A 1 40  ? -2.542  -1.046  -5.990  1.00 10.18 ? 40  MET A CE  1 
ATOM   307  N N   . ILE A 1 41  ? -5.061  4.366   -8.149  1.00 9.62  ? 41  ILE A N   1 
ATOM   308  C CA  . ILE A 1 41  ? -4.792  5.125   -9.360  1.00 9.51  ? 41  ILE A CA  1 
ATOM   309  C C   . ILE A 1 41  ? -3.324  5.511   -9.289  1.00 8.91  ? 41  ILE A C   1 
ATOM   310  O O   . ILE A 1 41  ? -2.945  6.380   -8.503  1.00 10.14 ? 41  ILE A O   1 
ATOM   311  C CB  . ILE A 1 41  ? -5.618  6.428   -9.414  1.00 10.73 ? 41  ILE A CB  1 
ATOM   312  C CG1 . ILE A 1 41  ? -7.097  6.134   -9.147  1.00 12.50 ? 41  ILE A CG1 1 
ATOM   313  C CG2 . ILE A 1 41  ? -5.434  7.094   -10.774 1.00 10.28 ? 41  ILE A CG2 1 
ATOM   314  C CD1 . ILE A 1 41  ? -7.749  5.263   -10.185 1.00 15.83 ? 41  ILE A CD1 1 
ATOM   315  N N   . ILE A 1 42  ? -2.494  4.854   -10.087 1.00 7.49  ? 42  ILE A N   1 
ATOM   316  C CA  . ILE A 1 42  ? -1.060  5.089   -10.030 1.00 7.73  ? 42  ILE A CA  1 
ATOM   317  C C   . ILE A 1 42  ? -0.607  5.887   -11.239 1.00 7.37  ? 42  ILE A C   1 
ATOM   318  O O   . ILE A 1 42  ? -0.900  5.522   -12.376 1.00 9.17  ? 42  ILE A O   1 
ATOM   319  C CB  . ILE A 1 42  ? -0.282  3.759   -9.981  1.00 7.45  ? 42  ILE A CB  1 
ATOM   320  C CG1 . ILE A 1 42  ? -0.646  3.002   -8.695  1.00 9.12  ? 42  ILE A CG1 1 
ATOM   321  C CG2 . ILE A 1 42  ? 1.216   4.029   -10.043 1.00 6.69  ? 42  ILE A CG2 1 
ATOM   322  C CD1 . ILE A 1 42  ? -0.048  1.608   -8.597  1.00 8.41  ? 42  ILE A CD1 1 
ATOM   323  N N   . SER A 1 43  ? 0.103   6.981   -10.989 1.00 7.01  ? 43  SER A N   1 
ATOM   324  C CA  . SER A 1 43  ? 0.578   7.837   -12.067 1.00 7.72  ? 43  SER A CA  1 
ATOM   325  C C   . SER A 1 43  ? 2.018   8.269   -11.827 1.00 8.16  ? 43  SER A C   1 
ATOM   326  O O   . SER A 1 43  ? 2.494   8.268   -10.692 1.00 8.23  ? 43  SER A O   1 
ATOM   327  C CB  . SER A 1 43  ? -0.332  9.066   -12.209 1.00 6.76  ? 43  SER A CB  1 
ATOM   328  O OG  . SER A 1 43  ? -0.417  9.806   -11.000 1.00 9.40  ? 43  SER A OG  1 
ATOM   329  N N   . VAL A 1 44  ? 2.709   8.621   -12.907 1.00 9.00  ? 44  VAL A N   1 
ATOM   330  C CA  . VAL A 1 44  ? 4.077   9.116   -12.830 1.00 9.60  ? 44  VAL A CA  1 
ATOM   331  C C   . VAL A 1 44  ? 4.201   10.401  -13.642 1.00 10.96 ? 44  VAL A C   1 
ATOM   332  O O   . VAL A 1 44  ? 3.773   10.460  -14.796 1.00 11.23 ? 44  VAL A O   1 
ATOM   333  C CB  . VAL A 1 44  ? 5.088   8.092   -13.401 1.00 9.93  ? 44  VAL A CB  1 
ATOM   334  C CG1 . VAL A 1 44  ? 6.504   8.640   -13.284 1.00 11.31 ? 44  VAL A CG1 1 
ATOM   335  C CG2 . VAL A 1 44  ? 4.967   6.764   -12.668 1.00 10.27 ? 44  VAL A CG2 1 
ATOM   336  N N   . ASN A 1 45  ? 4.796   11.422  -13.038 1.00 10.10 ? 45  ASN A N   1 
ATOM   337  C CA  . ASN A 1 45  ? 5.045   12.683  -13.727 1.00 9.17  ? 45  ASN A CA  1 
ATOM   338  C C   . ASN A 1 45  ? 6.490   13.096  -13.445 1.00 8.50  ? 45  ASN A C   1 
ATOM   339  O O   . ASN A 1 45  ? 6.818   13.527  -12.339 1.00 7.91  ? 45  ASN A O   1 
ATOM   340  C CB  . ASN A 1 45  ? 4.061   13.745  -13.219 1.00 9.11  ? 45  ASN A CB  1 
ATOM   341  C CG  . ASN A 1 45  ? 4.226   15.085  -13.908 1.00 8.08  ? 45  ASN A CG  1 
ATOM   342  O OD1 . ASN A 1 45  ? 3.248   15.792  -14.141 1.00 10.38 ? 45  ASN A OD1 1 
ATOM   343  N ND2 . ASN A 1 45  ? 5.463   15.446  -14.227 1.00 7.18  ? 45  ASN A ND2 1 
ATOM   344  N N   . GLY A 1 46  ? 7.354   12.948  -14.443 1.00 8.81  ? 46  GLY A N   1 
ATOM   345  C CA  . GLY A 1 46  ? 8.772   13.125  -14.201 1.00 9.23  ? 46  GLY A CA  1 
ATOM   346  C C   . GLY A 1 46  ? 9.279   12.093  -13.211 1.00 10.35 ? 46  GLY A C   1 
ATOM   347  O O   . GLY A 1 46  ? 9.099   10.892  -13.418 1.00 11.00 ? 46  GLY A O   1 
ATOM   348  N N   . ASP A 1 47  ? 9.904   12.556  -12.130 1.00 10.04 ? 47  ASP A N   1 
ATOM   349  C CA  . ASP A 1 47  ? 10.428  11.653  -11.113 1.00 10.70 ? 47  ASP A CA  1 
ATOM   350  C C   . ASP A 1 47  ? 9.413   11.414  -9.996  1.00 10.97 ? 47  ASP A C   1 
ATOM   351  O O   . ASP A 1 47  ? 9.700   10.691  -9.039  1.00 10.92 ? 47  ASP A O   1 
ATOM   352  C CB  . ASP A 1 47  ? 11.707  12.214  -10.489 1.00 13.39 ? 47  ASP A CB  1 
ATOM   353  C CG  . ASP A 1 47  ? 12.821  12.410  -11.497 1.00 14.31 ? 47  ASP A CG  1 
ATOM   354  O OD1 . ASP A 1 47  ? 13.594  13.375  -11.330 1.00 18.33 ? 47  ASP A OD1 1 
ATOM   355  O OD2 . ASP A 1 47  ? 12.932  11.610  -12.443 1.00 16.33 ? 47  ASP A OD2 1 
ATOM   356  N N   . VAL A 1 48  ? 8.239   12.035  -10.097 1.00 8.75  ? 48  VAL A N   1 
ATOM   357  C CA  . VAL A 1 48  ? 7.269   11.941  -9.012  1.00 7.55  ? 48  VAL A CA  1 
ATOM   358  C C   . VAL A 1 48  ? 6.223   10.880  -9.296  1.00 7.09  ? 48  VAL A C   1 
ATOM   359  O O   . VAL A 1 48  ? 5.525   10.925  -10.309 1.00 7.67  ? 48  VAL A O   1 
ATOM   360  C CB  . VAL A 1 48  ? 6.548   13.284  -8.752  1.00 7.92  ? 48  VAL A CB  1 
ATOM   361  C CG1 . VAL A 1 48  ? 5.593   13.135  -7.576  1.00 7.97  ? 48  VAL A CG1 1 
ATOM   362  C CG2 . VAL A 1 48  ? 7.565   14.376  -8.463  1.00 7.77  ? 48  VAL A CG2 1 
ATOM   363  N N   . ILE A 1 49  ? 6.130   9.921   -8.386  1.00 6.10  ? 49  ILE A N   1 
ATOM   364  C CA  . ILE A 1 49  ? 5.154   8.858   -8.487  1.00 7.33  ? 49  ILE A CA  1 
ATOM   365  C C   . ILE A 1 49  ? 4.015   9.197   -7.539  1.00 6.85  ? 49  ILE A C   1 
ATOM   366  O O   . ILE A 1 49  ? 4.240   9.665   -6.425  1.00 7.24  ? 49  ILE A O   1 
ATOM   367  C CB  . ILE A 1 49  ? 5.782   7.503   -8.089  1.00 8.67  ? 49  ILE A CB  1 
ATOM   368  C CG1 . ILE A 1 49  ? 7.027   7.246   -8.946  1.00 10.32 ? 49  ILE A CG1 1 
ATOM   369  C CG2 . ILE A 1 49  ? 4.768   6.380   -8.265  1.00 8.22  ? 49  ILE A CG2 1 
ATOM   370  C CD1 . ILE A 1 49  ? 7.839   6.039   -8.516  1.00 9.29  ? 49  ILE A CD1 1 
ATOM   371  N N   . THR A 1 50  ? 2.788   8.984   -7.989  1.00 6.68  ? 50  THR A N   1 
ATOM   372  C CA  . THR A 1 50  ? 1.638   9.185   -7.126  1.00 6.62  ? 50  THR A CA  1 
ATOM   373  C C   . THR A 1 50  ? 0.826   7.907   -7.057  1.00 7.06  ? 50  THR A C   1 
ATOM   374  O O   . THR A 1 50  ? 0.493   7.319   -8.085  1.00 6.91  ? 50  THR A O   1 
ATOM   375  C CB  . THR A 1 50  ? 0.724   10.319  -7.642  1.00 6.36  ? 50  THR A CB  1 
ATOM   376  O OG1 . THR A 1 50  ? 1.431   11.563  -7.595  1.00 8.51  ? 50  THR A OG1 1 
ATOM   377  C CG2 . THR A 1 50  ? -0.523  10.427  -6.775  1.00 7.90  ? 50  THR A CG2 1 
ATOM   378  N N   . ILE A 1 51  ? 0.519   7.478   -5.838  1.00 7.07  ? 51  ILE A N   1 
ATOM   379  C CA  . ILE A 1 51  ? -0.423  6.390   -5.637  1.00 7.67  ? 51  ILE A CA  1 
ATOM   380  C C   . ILE A 1 51  ? -1.641  6.947   -4.920  1.00 7.65  ? 51  ILE A C   1 
ATOM   381  O O   . ILE A 1 51  ? -1.564  7.366   -3.766  1.00 7.88  ? 51  ILE A O   1 
ATOM   382  C CB  . ILE A 1 51  ? 0.189   5.249   -4.790  1.00 7.26  ? 51  ILE A CB  1 
ATOM   383  C CG1 . ILE A 1 51  ? 1.474   4.743   -5.450  1.00 7.51  ? 51  ILE A CG1 1 
ATOM   384  C CG2 . ILE A 1 51  ? -0.809  4.100   -4.672  1.00 6.79  ? 51  ILE A CG2 1 
ATOM   385  C CD1 . ILE A 1 51  ? 2.156   3.620   -4.684  1.00 5.54  ? 51  ILE A CD1 1 
ATOM   386  N N   . LYS A 1 52  ? -2.760  6.963   -5.632  1.00 9.56  ? 52  LYS A N   1 
ATOM   387  C CA  . LYS A 1 52  ? -4.010  7.501   -5.116  1.00 11.17 ? 52  LYS A CA  1 
ATOM   388  C C   . LYS A 1 52  ? -5.007  6.359   -4.927  1.00 9.87  ? 52  LYS A C   1 
ATOM   389  O O   . LYS A 1 52  ? -4.994  5.382   -5.674  1.00 10.03 ? 52  LYS A O   1 
ATOM   390  C CB  . LYS A 1 52  ? -4.558  8.530   -6.109  1.00 13.13 ? 52  LYS A CB  1 
ATOM   391  C CG  . LYS A 1 52  ? -5.910  9.122   -5.762  1.00 14.35 ? 52  LYS A CG  1 
ATOM   392  C CD  . LYS A 1 52  ? -6.225  10.254  -6.729  1.00 16.85 ? 52  LYS A CD  1 
ATOM   393  C CE  . LYS A 1 52  ? -7.590  10.875  -6.469  1.00 19.64 ? 52  LYS A CE  1 
ATOM   394  N NZ  . LYS A 1 52  ? -7.816  12.071  -7.345  1.00 18.96 ? 52  LYS A NZ  1 
ATOM   395  N N   . SER A 1 53  ? -5.861  6.473   -3.920  1.00 10.16 ? 53  SER A N   1 
ATOM   396  C CA  . SER A 1 53  ? -6.887  5.465   -3.706  1.00 11.29 ? 53  SER A CA  1 
ATOM   397  C C   . SER A 1 53  ? -8.199  6.092   -3.272  1.00 11.90 ? 53  SER A C   1 
ATOM   398  O O   . SER A 1 53  ? -8.230  6.917   -2.363  1.00 13.60 ? 53  SER A O   1 
ATOM   399  C CB  . SER A 1 53  ? -6.437  4.468   -2.644  1.00 8.89  ? 53  SER A CB  1 
ATOM   400  O OG  . SER A 1 53  ? -7.470  3.539   -2.363  1.00 11.45 ? 53  SER A OG  1 
ATOM   401  N N   . GLU A 1 54  ? -9.279  5.693   -3.930  1.00 11.89 ? 54  GLU A N   1 
ATOM   402  C CA  . GLU A 1 54  ? -10.616 6.029   -3.464  1.00 12.52 ? 54  GLU A CA  1 
ATOM   403  C C   . GLU A 1 54  ? -11.297 4.778   -2.923  1.00 11.52 ? 54  GLU A C   1 
ATOM   404  O O   . GLU A 1 54  ? -11.233 3.713   -3.534  1.00 12.69 ? 54  GLU A O   1 
ATOM   405  N N   . SER A 1 55  ? -11.936 4.909   -1.767  1.00 12.74 ? 55  SER A N   1 
ATOM   406  C CA  . SER A 1 55  ? -12.803 3.851   -1.258  1.00 12.18 ? 55  SER A CA  1 
ATOM   407  C C   . SER A 1 55  ? -13.837 4.437   -0.313  1.00 12.68 ? 55  SER A C   1 
ATOM   408  O O   . SER A 1 55  ? -13.767 5.608   0.050   1.00 11.95 ? 55  SER A O   1 
ATOM   409  C CB  . SER A 1 55  ? -11.987 2.783   -0.524  1.00 11.95 ? 55  SER A CB  1 
ATOM   410  O OG  . SER A 1 55  ? -11.448 3.282   0.690   1.00 11.16 ? 55  SER A OG  1 
ATOM   411  N N   . THR A 1 56  ? -14.799 3.613   0.084   1.00 13.45 ? 56  THR A N   1 
ATOM   412  C CA  . THR A 1 56  ? -15.791 4.020   1.068   1.00 14.76 ? 56  THR A CA  1 
ATOM   413  C C   . THR A 1 56  ? -15.170 4.210   2.452   1.00 15.89 ? 56  THR A C   1 
ATOM   414  O O   . THR A 1 56  ? -15.738 4.898   3.297   1.00 17.28 ? 56  THR A O   1 
ATOM   415  C CB  . THR A 1 56  ? -16.918 2.976   1.186   1.00 15.69 ? 56  THR A CB  1 
ATOM   416  O OG1 . THR A 1 56  ? -16.351 1.706   1.523   1.00 17.70 ? 56  THR A OG1 1 
ATOM   417  C CG2 . THR A 1 56  ? -17.682 2.853   -0.133  1.00 13.14 ? 56  THR A CG2 1 
ATOM   418  N N   . PHE A 1 57  ? -14.013 3.594   2.687   1.00 16.34 ? 57  PHE A N   1 
ATOM   419  C CA  . PHE A 1 57  ? -13.315 3.732   3.966   1.00 16.35 ? 57  PHE A CA  1 
ATOM   420  C C   . PHE A 1 57  ? -12.601 5.075   4.051   1.00 17.00 ? 57  PHE A C   1 
ATOM   421  O O   . PHE A 1 57  ? -12.797 5.841   4.996   1.00 16.41 ? 57  PHE A O   1 
ATOM   422  C CB  . PHE A 1 57  ? -12.289 2.603   4.148   1.00 15.94 ? 57  PHE A CB  1 
ATOM   423  C CG  . PHE A 1 57  ? -11.403 2.773   5.355   1.00 15.26 ? 57  PHE A CG  1 
ATOM   424  C CD1 . PHE A 1 57  ? -11.949 2.932   6.618   1.00 14.85 ? 57  PHE A CD1 1 
ATOM   425  C CD2 . PHE A 1 57  ? -10.021 2.763   5.227   1.00 16.63 ? 57  PHE A CD2 1 
ATOM   426  C CE1 . PHE A 1 57  ? -11.134 3.076   7.733   1.00 16.13 ? 57  PHE A CE1 1 
ATOM   427  C CE2 . PHE A 1 57  ? -9.202  2.907   6.338   1.00 16.56 ? 57  PHE A CE2 1 
ATOM   428  C CZ  . PHE A 1 57  ? -9.761  3.063   7.593   1.00 14.59 ? 57  PHE A CZ  1 
ATOM   429  N N   . LYS A 1 58  ? -11.768 5.356   3.057   1.00 17.30 ? 58  LYS A N   1 
ATOM   430  C CA  . LYS A 1 58  ? -11.011 6.595   3.038   1.00 17.72 ? 58  LYS A CA  1 
ATOM   431  C C   . LYS A 1 58  ? -10.480 6.880   1.641   1.00 16.94 ? 58  LYS A C   1 
ATOM   432  O O   . LYS A 1 58  ? -10.197 5.969   0.867   1.00 15.75 ? 58  LYS A O   1 
ATOM   433  C CB  . LYS A 1 58  ? -9.846  6.516   4.030   1.00 20.06 ? 58  LYS A CB  1 
ATOM   434  C CG  . LYS A 1 58  ? -9.031  7.796   4.130   1.00 23.81 ? 58  LYS A CG  1 
ATOM   435  C CD  . LYS A 1 58  ? -8.120  7.794   5.349   1.00 27.72 ? 58  LYS A CD  1 
ATOM   436  C CE  . LYS A 1 58  ? -7.103  8.931   5.268   1.00 30.74 ? 58  LYS A CE  1 
ATOM   437  N NZ  . LYS A 1 58  ? -6.013  8.811   6.292   1.00 32.04 ? 58  LYS A NZ  1 
ATOM   438  N N   . ASN A 1 59  ? -10.367 8.158   1.317   1.00 17.16 ? 59  ASN A N   1 
ATOM   439  C CA  . ASN A 1 59  ? -9.659  8.563   0.122   1.00 16.20 ? 59  ASN A CA  1 
ATOM   440  C C   . ASN A 1 59  ? -8.304  9.078   0.576   1.00 15.64 ? 59  ASN A C   1 
ATOM   441  O O   . ASN A 1 59  ? -8.224  10.019  1.368   1.00 16.01 ? 59  ASN A O   1 
ATOM   442  C CB  . ASN A 1 59  ? -10.442 9.656   -0.604  1.00 16.86 ? 59  ASN A CB  1 
ATOM   443  C CG  . ASN A 1 59  ? -11.867 9.231   -0.924  1.00 18.61 ? 59  ASN A CG  1 
ATOM   444  O OD1 . ASN A 1 59  ? -12.817 9.999   -0.738  1.00 21.98 ? 59  ASN A OD1 1 
ATOM   445  N ND2 . ASN A 1 59  ? -12.025 8.004   -1.395  1.00 16.03 ? 59  ASN A ND2 1 
ATOM   446  N N   . THR A 1 60  ? -7.244  8.434   0.101   1.00 13.34 ? 60  THR A N   1 
ATOM   447  C CA  . THR A 1 60  ? -5.890  8.846   0.448   1.00 14.62 ? 60  THR A CA  1 
ATOM   448  C C   . THR A 1 60  ? -4.998  8.858   -0.785  1.00 13.26 ? 60  THR A C   1 
ATOM   449  O O   . THR A 1 60  ? -5.342  8.297   -1.828  1.00 12.59 ? 60  THR A O   1 
ATOM   450  C CB  . THR A 1 60  ? -5.232  7.898   1.465   1.00 15.02 ? 60  THR A CB  1 
ATOM   451  O OG1 . THR A 1 60  ? -6.225  7.336   2.327   1.00 20.78 ? 60  THR A OG1 1 
ATOM   452  C CG2 . THR A 1 60  ? -4.240  8.672   2.318   1.00 17.72 ? 60  THR A CG2 1 
ATOM   453  N N   . GLU A 1 61  ? -3.838  9.486   -0.646  1.00 12.42 ? 61  GLU A N   1 
ATOM   454  C CA  . GLU A 1 61  ? -2.915  9.631   -1.758  1.00 12.67 ? 61  GLU A CA  1 
ATOM   455  C C   . GLU A 1 61  ? -1.515  9.943   -1.243  1.00 11.13 ? 61  GLU A C   1 
ATOM   456  O O   . GLU A 1 61  ? -1.348  10.754  -0.332  1.00 10.69 ? 61  GLU A O   1 
ATOM   457  C CB  . GLU A 1 61  ? -3.417  10.748  -2.672  1.00 14.74 ? 61  GLU A CB  1 
ATOM   458  C CG  . GLU A 1 61  ? -2.355  11.459  -3.474  1.00 18.08 ? 61  GLU A CG  1 
ATOM   459  C CD  . GLU A 1 61  ? -2.932  12.632  -4.241  1.00 19.55 ? 61  GLU A CD  1 
ATOM   460  O OE1 . GLU A 1 61  ? -4.139  12.590  -4.555  1.00 22.55 ? 61  GLU A OE1 1 
ATOM   461  O OE2 . GLU A 1 61  ? -2.195  13.596  -4.518  1.00 20.07 ? 61  GLU A OE2 1 
ATOM   462  N N   . ILE A 1 62  ? -0.511  9.282   -1.811  1.00 9.27  ? 62  ILE A N   1 
ATOM   463  C CA  . ILE A 1 62  ? 0.871   9.627   -1.519  1.00 8.58  ? 62  ILE A CA  1 
ATOM   464  C C   . ILE A 1 62  ? 1.611   9.930   -2.813  1.00 8.78  ? 62  ILE A C   1 
ATOM   465  O O   . ILE A 1 62  ? 1.404   9.258   -3.823  1.00 8.90  ? 62  ILE A O   1 
ATOM   466  C CB  . ILE A 1 62  ? 1.609   8.487   -0.780  1.00 9.58  ? 62  ILE A CB  1 
ATOM   467  C CG1 . ILE A 1 62  ? 1.619   7.222   -1.639  1.00 9.52  ? 62  ILE A CG1 1 
ATOM   468  C CG2 . ILE A 1 62  ? 0.941   8.225   0.568   1.00 10.19 ? 62  ILE A CG2 1 
ATOM   469  C CD1 . ILE A 1 62  ? 2.474   6.108   -1.068  1.00 10.31 ? 62  ILE A CD1 1 
ATOM   470  N N   . SER A 1 63  ? 2.452   10.959  -2.779  1.00 7.42  ? 63  SER A N   1 
ATOM   471  C CA  . SER A 1 63  ? 3.337   11.284  -3.894  1.00 8.19  ? 63  SER A CA  1 
ATOM   472  C C   . SER A 1 63  ? 4.763   11.281  -3.370  1.00 8.59  ? 63  SER A C   1 
ATOM   473  O O   . SER A 1 63  ? 5.024   11.744  -2.254  1.00 10.42 ? 63  SER A O   1 
ATOM   474  C CB  . SER A 1 63  ? 3.002   12.660  -4.472  1.00 8.62  ? 63  SER A CB  1 
ATOM   475  O OG  . SER A 1 63  ? 1.773   12.635  -5.179  1.00 8.30  ? 63  SER A OG  1 
ATOM   476  N N   . PHE A 1 64  ? 5.683   10.752  -4.164  1.00 7.31  ? 64  PHE A N   1 
ATOM   477  C CA  . PHE A 1 64  ? 7.026   10.506  -3.673  1.00 8.13  ? 64  PHE A CA  1 
ATOM   478  C C   . PHE A 1 64  ? 8.031   10.342  -4.805  1.00 7.85  ? 64  PHE A C   1 
ATOM   479  O O   . PHE A 1 64  ? 7.666   10.088  -5.956  1.00 7.48  ? 64  PHE A O   1 
ATOM   480  C CB  . PHE A 1 64  ? 7.030   9.251   -2.796  1.00 6.38  ? 64  PHE A CB  1 
ATOM   481  C CG  . PHE A 1 64  ? 6.554   8.015   -3.512  1.00 7.64  ? 64  PHE A CG  1 
ATOM   482  C CD1 . PHE A 1 64  ? 5.213   7.657   -3.494  1.00 7.62  ? 64  PHE A CD1 1 
ATOM   483  C CD2 . PHE A 1 64  ? 7.442   7.225   -4.223  1.00 7.59  ? 64  PHE A CD2 1 
ATOM   484  C CE1 . PHE A 1 64  ? 4.769   6.533   -4.174  1.00 5.59  ? 64  PHE A CE1 1 
ATOM   485  C CE2 . PHE A 1 64  ? 7.003   6.097   -4.906  1.00 6.66  ? 64  PHE A CE2 1 
ATOM   486  C CZ  . PHE A 1 64  ? 5.666   5.755   -4.880  1.00 6.62  ? 64  PHE A CZ  1 
ATOM   487  N N   . ILE A 1 65  ? 9.305   10.495  -4.466  1.00 8.10  ? 65  ILE A N   1 
ATOM   488  C CA  . ILE A 1 65  ? 10.381  10.206  -5.398  1.00 8.31  ? 65  ILE A CA  1 
ATOM   489  C C   . ILE A 1 65  ? 11.181  9.030   -4.841  1.00 7.86  ? 65  ILE A C   1 
ATOM   490  O O   . ILE A 1 65  ? 11.512  8.999   -3.658  1.00 7.48  ? 65  ILE A O   1 
ATOM   491  C CB  . ILE A 1 65  ? 11.298  11.438  -5.576  1.00 8.16  ? 65  ILE A CB  1 
ATOM   492  C CG1 . ILE A 1 65  ? 10.502  12.592  -6.194  1.00 7.29  ? 65  ILE A CG1 1 
ATOM   493  C CG2 . ILE A 1 65  ? 12.486  11.086  -6.455  1.00 6.37  ? 65  ILE A CG2 1 
ATOM   494  C CD1 . ILE A 1 65  ? 11.241  13.916  -6.193  1.00 9.11  ? 65  ILE A CD1 1 
ATOM   495  N N   . LEU A 1 66  ? 11.471  8.052   -5.691  1.00 7.19  ? 66  LEU A N   1 
ATOM   496  C CA  . LEU A 1 66  ? 12.171  6.853   -5.249  1.00 8.15  ? 66  LEU A CA  1 
ATOM   497  C C   . LEU A 1 66  ? 13.443  7.228   -4.497  1.00 8.71  ? 66  LEU A C   1 
ATOM   498  O O   . LEU A 1 66  ? 14.215  8.070   -4.955  1.00 8.06  ? 66  LEU A O   1 
ATOM   499  C CB  . LEU A 1 66  ? 12.529  5.976   -6.448  1.00 8.24  ? 66  LEU A CB  1 
ATOM   500  C CG  . LEU A 1 66  ? 11.361  5.383   -7.236  1.00 9.46  ? 66  LEU A CG  1 
ATOM   501  C CD1 . LEU A 1 66  ? 11.889  4.684   -8.477  1.00 11.81 ? 66  LEU A CD1 1 
ATOM   502  C CD2 . LEU A 1 66  ? 10.588  4.413   -6.361  1.00 10.11 ? 66  LEU A CD2 1 
ATOM   503  N N   . GLY A 1 67  ? 13.648  6.602   -3.342  1.00 8.51  ? 67  GLY A N   1 
ATOM   504  C CA  . GLY A 1 67  ? 14.869  6.815   -2.583  1.00 8.40  ? 67  GLY A CA  1 
ATOM   505  C C   . GLY A 1 67  ? 14.828  7.996   -1.629  1.00 9.55  ? 67  GLY A C   1 
ATOM   506  O O   . GLY A 1 67  ? 15.764  8.208   -0.854  1.00 9.97  ? 67  GLY A O   1 
ATOM   507  N N   . GLN A 1 68  ? 13.752  8.772   -1.671  1.00 8.84  ? 68  GLN A N   1 
ATOM   508  C CA  . GLN A 1 68  ? 13.673  9.972   -0.847  1.00 10.00 ? 68  GLN A CA  1 
ATOM   509  C C   . GLN A 1 68  ? 12.575  9.844   0.202   1.00 9.92  ? 68  GLN A C   1 
ATOM   510  O O   . GLN A 1 68  ? 11.394  9.719   -0.124  1.00 10.54 ? 68  GLN A O   1 
ATOM   511  C CB  . GLN A 1 68  ? 13.431  11.202  -1.732  1.00 10.39 ? 68  GLN A CB  1 
ATOM   512  C CG  . GLN A 1 68  ? 14.463  11.352  -2.851  1.00 12.83 ? 68  GLN A CG  1 
ATOM   513  C CD  . GLN A 1 68  ? 14.424  12.719  -3.527  1.00 14.48 ? 68  GLN A CD  1 
ATOM   514  O OE1 . GLN A 1 68  ? 13.628  13.586  -3.164  1.00 12.98 ? 68  GLN A OE1 1 
ATOM   515  N NE2 . GLN A 1 68  ? 15.286  12.911  -4.520  1.00 14.48 ? 68  GLN A NE2 1 
ATOM   516  N N   . GLU A 1 69  ? 12.974  9.882   1.465   1.00 10.45 ? 69  GLU A N   1 
ATOM   517  C CA  . GLU A 1 69  ? 12.055  9.656   2.573   1.00 10.98 ? 69  GLU A CA  1 
ATOM   518  C C   . GLU A 1 69  ? 11.010  10.766  2.663   1.00 10.84 ? 69  GLU A C   1 
ATOM   519  O O   . GLU A 1 69  ? 11.288  11.923  2.345   1.00 9.38  ? 69  GLU A O   1 
ATOM   520  C CB  . GLU A 1 69  ? 12.847  9.562   3.877   1.00 11.01 ? 69  GLU A CB  1 
ATOM   521  C CG  . GLU A 1 69  ? 12.015  9.336   5.126   1.00 14.97 ? 69  GLU A CG  1 
ATOM   522  C CD  . GLU A 1 69  ? 12.878  9.283   6.370   1.00 18.53 ? 69  GLU A CD  1 
ATOM   523  O OE1 . GLU A 1 69  ? 13.372  10.349  6.792   1.00 19.74 ? 69  GLU A OE1 1 
ATOM   524  O OE2 . GLU A 1 69  ? 13.070  8.175   6.918   1.00 19.80 ? 69  GLU A OE2 1 
ATOM   525  N N   . PHE A 1 70  ? 9.803   10.404  3.084   1.00 9.50  ? 70  PHE A N   1 
ATOM   526  C CA  . PHE A 1 70  ? 8.711   11.361  3.186   1.00 9.87  ? 70  PHE A CA  1 
ATOM   527  C C   . PHE A 1 70  ? 7.816   11.057  4.385   1.00 10.45 ? 70  PHE A C   1 
ATOM   528  O O   . PHE A 1 70  ? 7.821   9.944   4.906   1.00 8.53  ? 70  PHE A O   1 
ATOM   529  C CB  . PHE A 1 70  ? 7.875   11.366  1.893   1.00 7.85  ? 70  PHE A CB  1 
ATOM   530  C CG  . PHE A 1 70  ? 7.285   10.024  1.528   1.00 8.89  ? 70  PHE A CG  1 
ATOM   531  C CD1 . PHE A 1 70  ? 8.040   9.077   0.852   1.00 7.95  ? 70  PHE A CD1 1 
ATOM   532  C CD2 . PHE A 1 70  ? 5.967   9.724   1.835   1.00 9.27  ? 70  PHE A CD2 1 
ATOM   533  C CE1 . PHE A 1 70  ? 7.492   7.857   0.487   1.00 8.76  ? 70  PHE A CE1 1 
ATOM   534  C CE2 . PHE A 1 70  ? 5.411   8.501   1.472   1.00 7.99  ? 70  PHE A CE2 1 
ATOM   535  C CZ  . PHE A 1 70  ? 6.179   7.569   0.796   1.00 9.46  ? 70  PHE A CZ  1 
ATOM   536  N N   . ASP A 1 71  ? 7.061   12.063  4.822   1.00 11.46 ? 71  ASP A N   1 
ATOM   537  C CA  . ASP A 1 71  ? 6.066   11.881  5.871   1.00 11.50 ? 71  ASP A CA  1 
ATOM   538  C C   . ASP A 1 71  ? 4.822   11.285  5.238   1.00 10.62 ? 71  ASP A C   1 
ATOM   539  O O   . ASP A 1 71  ? 4.387   11.731  4.177   1.00 11.71 ? 71  ASP A O   1 
ATOM   540  C CB  . ASP A 1 71  ? 5.699   13.223  6.511   1.00 12.57 ? 71  ASP A CB  1 
ATOM   541  C CG  . ASP A 1 71  ? 6.886   13.923  7.130   1.00 16.19 ? 71  ASP A CG  1 
ATOM   542  O OD1 . ASP A 1 71  ? 7.559   13.310  7.987   1.00 15.88 ? 71  ASP A OD1 1 
ATOM   543  O OD2 . ASP A 1 71  ? 7.140   15.094  6.761   1.00 17.69 ? 71  ASP A OD2 1 
ATOM   544  N N   . GLU A 1 72  ? 4.249   10.279  5.888   1.00 10.18 ? 72  GLU A N   1 
ATOM   545  C CA  . GLU A 1 72  ? 3.042   9.639   5.382   1.00 10.65 ? 72  GLU A CA  1 
ATOM   546  C C   . GLU A 1 72  ? 2.006   9.495   6.494   1.00 11.00 ? 72  GLU A C   1 
ATOM   547  O O   . GLU A 1 72  ? 2.310   8.994   7.572   1.00 11.46 ? 72  GLU A O   1 
ATOM   548  C CB  . GLU A 1 72  ? 3.383   8.255   4.806   1.00 8.43  ? 72  GLU A CB  1 
ATOM   549  C CG  . GLU A 1 72  ? 2.216   7.558   4.108   1.00 9.58  ? 72  GLU A CG  1 
ATOM   550  C CD  . GLU A 1 72  ? 2.563   6.154   3.626   1.00 8.52  ? 72  GLU A CD  1 
ATOM   551  O OE1 . GLU A 1 72  ? 3.689   5.691   3.896   1.00 10.76 ? 72  GLU A OE1 1 
ATOM   552  O OE2 . GLU A 1 72  ? 1.712   5.511   2.977   1.00 8.51  ? 72  GLU A OE2 1 
ATOM   553  N N   . VAL A 1 73  ? 0.784   9.946   6.235   1.00 11.96 ? 73  VAL A N   1 
ATOM   554  C CA  . VAL A 1 73  ? -0.326  9.642   7.125   1.00 12.71 ? 73  VAL A CA  1 
ATOM   555  C C   . VAL A 1 73  ? -1.114  8.490   6.516   1.00 12.12 ? 73  VAL A C   1 
ATOM   556  O O   . VAL A 1 73  ? -1.825  8.673   5.527   1.00 12.37 ? 73  VAL A O   1 
ATOM   557  C CB  . VAL A 1 73  ? -1.267  10.853  7.298   1.00 14.62 ? 73  VAL A CB  1 
ATOM   558  C CG1 . VAL A 1 73  ? -2.377  10.504  8.279   1.00 14.89 ? 73  VAL A CG1 1 
ATOM   559  C CG2 . VAL A 1 73  ? -0.485  12.062  7.782   1.00 14.70 ? 73  VAL A CG2 1 
ATOM   560  N N   . THR A 1 74  ? -0.980  7.306   7.105   1.00 11.37 ? 74  THR A N   1 
ATOM   561  C CA  . THR A 1 74  ? -1.600  6.105   6.556   1.00 11.50 ? 74  THR A CA  1 
ATOM   562  C C   . THR A 1 74  ? -3.113  6.176   6.716   1.00 12.39 ? 74  THR A C   1 
ATOM   563  O O   . THR A 1 74  ? -3.624  7.019   7.453   1.00 12.56 ? 74  THR A O   1 
ATOM   564  C CB  . THR A 1 74  ? -1.066  4.829   7.254   1.00 9.77  ? 74  THR A CB  1 
ATOM   565  O OG1 . THR A 1 74  ? -1.464  4.821   8.632   1.00 12.90 ? 74  THR A OG1 1 
ATOM   566  C CG2 . THR A 1 74  ? 0.450   4.785   7.182   1.00 8.54  ? 74  THR A CG2 1 
ATOM   567  N N   . ALA A 1 75  ? -3.829  5.300   6.018   1.00 12.25 ? 75  ALA A N   1 
ATOM   568  C CA  . ALA A 1 75  ? -5.286  5.354   6.009   1.00 12.84 ? 75  ALA A CA  1 
ATOM   569  C C   . ALA A 1 75  ? -5.858  5.049   7.390   1.00 13.17 ? 75  ALA A C   1 
ATOM   570  O O   . ALA A 1 75  ? -6.970  5.469   7.714   1.00 12.77 ? 75  ALA A O   1 
ATOM   571  C CB  . ALA A 1 75  ? -5.843  4.376   4.980   1.00 12.64 ? 75  ALA A CB  1 
ATOM   572  N N   . ASP A 1 76  ? -5.093  4.321   8.202   1.00 11.93 ? 76  ASP A N   1 
ATOM   573  C CA  . ASP A 1 76  ? -5.491  4.045   9.575   1.00 13.22 ? 76  ASP A CA  1 
ATOM   574  C C   . ASP A 1 76  ? -4.939  5.080   10.554  1.00 13.95 ? 76  ASP A C   1 
ATOM   575  O O   . ASP A 1 76  ? -5.032  4.906   11.767  1.00 14.60 ? 76  ASP A O   1 
ATOM   576  C CB  . ASP A 1 76  ? -5.048  2.633   9.990   1.00 12.45 ? 76  ASP A CB  1 
ATOM   577  C CG  . ASP A 1 76  ? -3.541  2.449   9.946   1.00 12.48 ? 76  ASP A CG  1 
ATOM   578  O OD1 . ASP A 1 76  ? -2.946  2.646   8.864   1.00 10.92 ? 76  ASP A OD1 1 
ATOM   579  O OD2 . ASP A 1 76  ? -2.954  2.101   10.995  1.00 10.67 ? 76  ASP A OD2 1 
ATOM   580  N N   . ASP A 1 77  ? -4.363  6.154   10.016  1.00 15.65 ? 77  ASP A N   1 
ATOM   581  C CA  . ASP A 1 77  ? -4.014  7.344   10.797  1.00 17.51 ? 77  ASP A CA  1 
ATOM   582  C C   . ASP A 1 77  ? -2.715  7.220   11.592  1.00 17.31 ? 77  ASP A C   1 
ATOM   583  O O   . ASP A 1 77  ? -2.547  7.872   12.623  1.00 16.51 ? 77  ASP A O   1 
ATOM   584  C CB  . ASP A 1 77  ? -5.160  7.709   11.749  1.00 19.84 ? 77  ASP A CB  1 
ATOM   585  C CG  . ASP A 1 77  ? -5.254  9.199   12.012  1.00 22.57 ? 77  ASP A CG  1 
ATOM   586  O OD1 . ASP A 1 77  ? -4.710  9.992   11.213  1.00 23.80 ? 77  ASP A OD1 1 
ATOM   587  O OD2 . ASP A 1 77  ? -5.880  9.582   13.026  1.00 25.17 ? 77  ASP A OD2 1 
ATOM   588  N N   . ARG A 1 78  ? -1.795  6.382   11.125  1.00 16.08 ? 78  ARG A N   1 
ATOM   589  C CA  . ARG A 1 78  ? -0.435  6.401   11.652  1.00 15.17 ? 78  ARG A CA  1 
ATOM   590  C C   . ARG A 1 78  ? 0.356   7.484   10.926  1.00 14.71 ? 78  ARG A C   1 
ATOM   591  O O   . ARG A 1 78  ? 0.230   7.641   9.712   1.00 15.13 ? 78  ARG A O   1 
ATOM   592  C CB  . ARG A 1 78  ? 0.246   5.045   11.435  1.00 14.42 ? 78  ARG A CB  1 
ATOM   593  C CG  . ARG A 1 78  ? -0.235  3.939   12.356  1.00 13.48 ? 78  ARG A CG  1 
ATOM   594  C CD  . ARG A 1 78  ? 0.296   2.582   11.906  1.00 12.67 ? 78  ARG A CD  1 
ATOM   595  N NE  . ARG A 1 78  ? -0.323  2.170   10.650  1.00 11.90 ? 78  ARG A NE  1 
ATOM   596  C CZ  . ARG A 1 78  ? 0.346   1.766   9.576   1.00 11.24 ? 78  ARG A CZ  1 
ATOM   597  N NH1 . ARG A 1 78  ? 1.671   1.709   9.598   1.00 11.69 ? 78  ARG A NH1 1 
ATOM   598  N NH2 . ARG A 1 78  ? -0.313  1.436   8.473   1.00 9.09  ? 78  ARG A NH2 1 
ATOM   599  N N   . LYS A 1 79  ? 1.161   8.240   11.667  1.00 13.74 ? 79  LYS A N   1 
ATOM   600  C CA  . LYS A 1 79  ? 2.116   9.144   11.039  1.00 14.03 ? 79  LYS A CA  1 
ATOM   601  C C   . LYS A 1 79  ? 3.478   8.463   11.021  1.00 13.35 ? 79  LYS A C   1 
ATOM   602  O O   . LYS A 1 79  ? 4.092   8.231   12.066  1.00 11.97 ? 79  LYS A O   1 
ATOM   603  C CB  . LYS A 1 79  ? 2.186   10.466  11.807  1.00 14.52 ? 79  LYS A CB  1 
ATOM   604  C CG  . LYS A 1 79  ? 2.422   10.306  13.284  1.00 16.88 ? 79  LYS A CG  1 
ATOM   605  N N   . VAL A 1 80  ? 3.944   8.129   9.824   1.00 11.30 ? 80  VAL A N   1 
ATOM   606  C CA  . VAL A 1 80  ? 5.130   7.300   9.697   1.00 11.50 ? 80  VAL A CA  1 
ATOM   607  C C   . VAL A 1 80  ? 6.173   7.994   8.822   1.00 10.84 ? 80  VAL A C   1 
ATOM   608  O O   . VAL A 1 80  ? 5.859   8.930   8.090   1.00 11.09 ? 80  VAL A O   1 
ATOM   609  C CB  . VAL A 1 80  ? 4.780   5.931   9.070   1.00 9.63  ? 80  VAL A CB  1 
ATOM   610  C CG1 . VAL A 1 80  ? 3.626   5.293   9.836   1.00 8.92  ? 80  VAL A CG1 1 
ATOM   611  C CG2 . VAL A 1 80  ? 4.417   6.104   7.600   1.00 9.37  ? 80  VAL A CG2 1 
ATOM   612  N N   . LYS A 1 81  ? 7.414   7.536   8.917   1.00 11.08 ? 81  LYS A N   1 
ATOM   613  C CA  . LYS A 1 81  ? 8.451   7.973   7.995   1.00 12.12 ? 81  LYS A CA  1 
ATOM   614  C C   . LYS A 1 81  ? 8.661   6.895   6.941   1.00 10.72 ? 81  LYS A C   1 
ATOM   615  O O   . LYS A 1 81  ? 9.039   5.769   7.264   1.00 8.77  ? 81  LYS A O   1 
ATOM   616  C CB  . LYS A 1 81  ? 9.760   8.224   8.749   1.00 14.47 ? 81  LYS A CB  1 
ATOM   617  C CG  . LYS A 1 81  ? 9.763   9.487   9.595   1.00 15.88 ? 81  LYS A CG  1 
ATOM   618  C CD  . LYS A 1 81  ? 10.418  10.642  8.855   1.00 18.94 ? 81  LYS A CD  1 
ATOM   619  C CE  . LYS A 1 81  ? 10.824  11.735  9.820   1.00 20.71 ? 81  LYS A CE  1 
ATOM   620  N NZ  . LYS A 1 81  ? 9.672   12.181  10.645  1.00 20.91 ? 81  LYS A NZ  1 
ATOM   621  N N   . SER A 1 82  ? 8.428   7.248   5.678   1.00 10.23 ? 82  SER A N   1 
ATOM   622  C CA  . SER A 1 82  ? 8.398   6.258   4.610   1.00 9.54  ? 82  SER A CA  1 
ATOM   623  C C   . SER A 1 82  ? 9.406   6.518   3.508   1.00 9.05  ? 82  SER A C   1 
ATOM   624  O O   . SER A 1 82  ? 9.658   7.667   3.124   1.00 9.10  ? 82  SER A O   1 
ATOM   625  C CB  . SER A 1 82  ? 6.994   6.182   4.003   1.00 8.88  ? 82  SER A CB  1 
ATOM   626  O OG  . SER A 1 82  ? 6.061   5.729   4.964   1.00 9.60  ? 82  SER A OG  1 
ATOM   627  N N   . THR A 1 83  ? 9.976   5.435   2.999   1.00 9.06  ? 83  THR A N   1 
ATOM   628  C CA  . THR A 1 83  ? 10.840  5.496   1.824   1.00 8.68  ? 83  THR A CA  1 
ATOM   629  C C   . THR A 1 83  ? 10.404  4.417   0.852   1.00 8.14  ? 83  THR A C   1 
ATOM   630  O O   . THR A 1 83  ? 10.208  3.265   1.242   1.00 7.19  ? 83  THR A O   1 
ATOM   631  C CB  . THR A 1 83  ? 12.305  5.236   2.189   1.00 8.90  ? 83  THR A CB  1 
ATOM   632  O OG1 . THR A 1 83  ? 12.675  6.077   3.286   1.00 8.88  ? 83  THR A OG1 1 
ATOM   633  C CG2 . THR A 1 83  ? 13.208  5.538   0.994   1.00 8.85  ? 83  THR A CG2 1 
ATOM   634  N N   . ILE A 1 84  ? 10.248  4.790   -0.412  1.00 6.44  ? 84  ILE A N   1 
ATOM   635  C CA  . ILE A 1 84  ? 9.884   3.825   -1.432  1.00 6.82  ? 84  ILE A CA  1 
ATOM   636  C C   . ILE A 1 84  ? 10.971  3.763   -2.490  1.00 8.26  ? 84  ILE A C   1 
ATOM   637  O O   . ILE A 1 84  ? 11.429  4.791   -2.997  1.00 7.09  ? 84  ILE A O   1 
ATOM   638  C CB  . ILE A 1 84  ? 8.538   4.187   -2.091  1.00 6.87  ? 84  ILE A CB  1 
ATOM   639  C CG1 . ILE A 1 84  ? 7.437   4.205   -1.024  1.00 6.53  ? 84  ILE A CG1 1 
ATOM   640  C CG2 . ILE A 1 84  ? 8.197   3.177   -3.175  1.00 7.24  ? 84  ILE A CG2 1 
ATOM   641  C CD1 . ILE A 1 84  ? 6.080   4.652   -1.521  1.00 6.32  ? 84  ILE A CD1 1 
ATOM   642  N N   . THR A 1 85  ? 11.396  2.547   -2.803  1.00 7.40  ? 85  THR A N   1 
ATOM   643  C CA  . THR A 1 85  ? 12.447  2.347   -3.782  1.00 9.19  ? 85  THR A CA  1 
ATOM   644  C C   . THR A 1 85  ? 12.019  1.268   -4.761  1.00 10.23 ? 85  THR A C   1 
ATOM   645  O O   . THR A 1 85  ? 11.025  0.572   -4.548  1.00 9.42  ? 85  THR A O   1 
ATOM   646  C CB  . THR A 1 85  ? 13.779  1.927   -3.109  1.00 9.41  ? 85  THR A CB  1 
ATOM   647  O OG1 . THR A 1 85  ? 13.562  0.771   -2.289  1.00 9.12  ? 85  THR A OG1 1 
ATOM   648  C CG2 . THR A 1 85  ? 14.327  3.059   -2.251  1.00 12.78 ? 85  THR A CG2 1 
ATOM   649  N N   . LEU A 1 86  ? 12.767  1.139   -5.845  1.00 11.60 ? 86  LEU A N   1 
ATOM   650  C CA  . LEU A 1 86  ? 12.491  0.109   -6.825  1.00 13.21 ? 86  LEU A CA  1 
ATOM   651  C C   . LEU A 1 86  ? 13.643  -0.889  -6.770  1.00 14.31 ? 86  LEU A C   1 
ATOM   652  O O   . LEU A 1 86  ? 14.799  -0.505  -6.914  1.00 16.76 ? 86  LEU A O   1 
ATOM   653  C CB  . LEU A 1 86  ? 12.386  0.747   -8.209  1.00 13.33 ? 86  LEU A CB  1 
ATOM   654  C CG  . LEU A 1 86  ? 11.724  0.010   -9.372  1.00 16.57 ? 86  LEU A CG  1 
ATOM   655  C CD1 . LEU A 1 86  ? 10.341  -0.501  -8.988  1.00 14.22 ? 86  LEU A CD1 1 
ATOM   656  C CD2 . LEU A 1 86  ? 11.624  0.978   -10.542 1.00 16.73 ? 86  LEU A CD2 1 
ATOM   657  N N   . ASP A 1 87  ? 13.323  -2.159  -6.541  1.00 13.91 ? 87  ASP A N   1 
ATOM   658  C CA  . ASP A 1 87  ? 14.331  -3.212  -6.448  1.00 14.48 ? 87  ASP A CA  1 
ATOM   659  C C   . ASP A 1 87  ? 13.994  -4.331  -7.423  1.00 13.32 ? 87  ASP A C   1 
ATOM   660  O O   . ASP A 1 87  ? 13.061  -5.103  -7.200  1.00 12.88 ? 87  ASP A O   1 
ATOM   661  C CB  . ASP A 1 87  ? 14.382  -3.756  -5.017  1.00 16.67 ? 87  ASP A CB  1 
ATOM   662  C CG  . ASP A 1 87  ? 15.333  -4.928  -4.865  1.00 21.93 ? 87  ASP A CG  1 
ATOM   663  O OD1 . ASP A 1 87  ? 15.992  -5.306  -5.858  1.00 20.37 ? 87  ASP A OD1 1 
ATOM   664  O OD2 . ASP A 1 87  ? 15.422  -5.477  -3.738  1.00 24.53 ? 87  ASP A OD2 1 
ATOM   665  N N   . GLY A 1 88  ? 14.751  -4.411  -8.510  1.00 13.39 ? 88  GLY A N   1 
ATOM   666  C CA  . GLY A 1 88  ? 14.457  -5.391  -9.538  1.00 12.62 ? 88  GLY A CA  1 
ATOM   667  C C   . GLY A 1 88  ? 13.013  -5.369  -10.022 1.00 13.64 ? 88  GLY A C   1 
ATOM   668  O O   . GLY A 1 88  ? 12.405  -6.420  -10.218 1.00 14.68 ? 88  GLY A O   1 
ATOM   669  N N   . GLY A 1 89  ? 12.459  -4.178  -10.221 1.00 12.55 ? 89  GLY A N   1 
ATOM   670  C CA  . GLY A 1 89  ? 11.108  -4.081  -10.752 1.00 11.02 ? 89  GLY A CA  1 
ATOM   671  C C   . GLY A 1 89  ? 10.015  -4.182  -9.705  1.00 10.77 ? 89  GLY A C   1 
ATOM   672  O O   . GLY A 1 89  ? 8.828   -4.103  -10.032 1.00 11.41 ? 89  GLY A O   1 
ATOM   673  N N   . VAL A 1 90  ? 10.412  -4.363  -8.448  1.00 7.89  ? 90  VAL A N   1 
ATOM   674  C CA  . VAL A 1 90  ? 9.471   -4.416  -7.331  1.00 10.14 ? 90  VAL A CA  1 
ATOM   675  C C   . VAL A 1 90  ? 9.538   -3.119  -6.521  1.00 9.43  ? 90  VAL A C   1 
ATOM   676  O O   . VAL A 1 90  ? 10.610  -2.719  -6.058  1.00 9.00  ? 90  VAL A O   1 
ATOM   677  C CB  . VAL A 1 90  ? 9.783   -5.601  -6.376  1.00 9.95  ? 90  VAL A CB  1 
ATOM   678  C CG1 . VAL A 1 90  ? 8.829   -5.577  -5.184  1.00 12.84 ? 90  VAL A CG1 1 
ATOM   679  C CG2 . VAL A 1 90  ? 9.661   -6.931  -7.118  1.00 9.86  ? 90  VAL A CG2 1 
ATOM   680  N N   . LEU A 1 91  ? 8.397   -2.458  -6.357  1.00 8.18  ? 91  LEU A N   1 
ATOM   681  C CA  . LEU A 1 91  ? 8.341   -1.282  -5.498  1.00 7.62  ? 91  LEU A CA  1 
ATOM   682  C C   . LEU A 1 91  ? 8.395   -1.742  -4.053  1.00 6.93  ? 91  LEU A C   1 
ATOM   683  O O   . LEU A 1 91  ? 7.592   -2.567  -3.627  1.00 7.01  ? 91  LEU A O   1 
ATOM   684  C CB  . LEU A 1 91  ? 7.050   -0.490  -5.743  1.00 8.82  ? 91  LEU A CB  1 
ATOM   685  C CG  . LEU A 1 91  ? 6.990   0.389   -6.993  1.00 9.89  ? 91  LEU A CG  1 
ATOM   686  C CD1 . LEU A 1 91  ? 5.578   0.937   -7.160  1.00 10.24 ? 91  LEU A CD1 1 
ATOM   687  C CD2 . LEU A 1 91  ? 7.997   1.530   -6.876  1.00 9.12  ? 91  LEU A CD2 1 
ATOM   688  N N   . VAL A 1 92  ? 9.356   -1.218  -3.302  1.00 7.17  ? 92  VAL A N   1 
ATOM   689  C CA  . VAL A 1 92  ? 9.512   -1.603  -1.909  1.00 6.84  ? 92  VAL A CA  1 
ATOM   690  C C   . VAL A 1 92  ? 9.266   -0.398  -1.011  1.00 6.21  ? 92  VAL A C   1 
ATOM   691  O O   . VAL A 1 92  ? 9.970   0.605   -1.094  1.00 7.96  ? 92  VAL A O   1 
ATOM   692  C CB  . VAL A 1 92  ? 10.920  -2.173  -1.652  1.00 7.77  ? 92  VAL A CB  1 
ATOM   693  C CG1 . VAL A 1 92  ? 11.054  -2.613  -0.200  1.00 7.10  ? 92  VAL A CG1 1 
ATOM   694  C CG2 . VAL A 1 92  ? 11.166  -3.356  -2.572  1.00 6.76  ? 92  VAL A CG2 1 
ATOM   695  N N   . HIS A 1 93  ? 8.260   -0.521  -0.152  1.00 6.97  ? 93  HIS A N   1 
ATOM   696  C CA  . HIS A 1 93  ? 7.719   0.596   0.614   1.00 5.75  ? 93  HIS A CA  1 
ATOM   697  C C   . HIS A 1 93  ? 7.889   0.283   2.101   1.00 6.37  ? 93  HIS A C   1 
ATOM   698  O O   . HIS A 1 93  ? 7.232   -0.614  2.629   1.00 5.00  ? 93  HIS A O   1 
ATOM   699  C CB  . HIS A 1 93  ? 6.239   0.747   0.250   1.00 6.56  ? 93  HIS A CB  1 
ATOM   700  C CG  . HIS A 1 93  ? 5.531   1.867   0.947   1.00 6.20  ? 93  HIS A CG  1 
ATOM   701  N ND1 . HIS A 1 93  ? 4.231   2.211   0.643   1.00 6.52  ? 93  HIS A ND1 1 
ATOM   702  C CD2 . HIS A 1 93  ? 5.923   2.708   1.932   1.00 6.16  ? 93  HIS A CD2 1 
ATOM   703  C CE1 . HIS A 1 93  ? 3.853   3.217   1.414   1.00 5.86  ? 93  HIS A CE1 1 
ATOM   704  N NE2 . HIS A 1 93  ? 4.859   3.536   2.204   1.00 6.36  ? 93  HIS A NE2 1 
ATOM   705  N N   . VAL A 1 94  ? 8.779   1.013   2.769   1.00 5.18  ? 94  VAL A N   1 
ATOM   706  C CA  . VAL A 1 94  ? 9.063   0.763   4.181   1.00 7.28  ? 94  VAL A CA  1 
ATOM   707  C C   . VAL A 1 94  ? 8.503   1.911   5.011   1.00 7.49  ? 94  VAL A C   1 
ATOM   708  O O   . VAL A 1 94  ? 8.768   3.078   4.719   1.00 8.06  ? 94  VAL A O   1 
ATOM   709  C CB  . VAL A 1 94  ? 10.589  0.657   4.434   1.00 6.51  ? 94  VAL A CB  1 
ATOM   710  C CG1 . VAL A 1 94  ? 10.861  0.334   5.907   1.00 8.00  ? 94  VAL A CG1 1 
ATOM   711  C CG2 . VAL A 1 94  ? 11.183  -0.417  3.540   1.00 9.23  ? 94  VAL A CG2 1 
ATOM   712  N N   . GLN A 1 95  ? 7.712   1.576   6.026   1.00 6.54  ? 95  GLN A N   1 
ATOM   713  C CA  . GLN A 1 95  ? 7.150   2.574   6.937   1.00 7.45  ? 95  GLN A CA  1 
ATOM   714  C C   . GLN A 1 95  ? 7.779   2.424   8.323   1.00 8.70  ? 95  GLN A C   1 
ATOM   715  O O   . GLN A 1 95  ? 7.801   1.330   8.884   1.00 6.70  ? 95  GLN A O   1 
ATOM   716  C CB  . GLN A 1 95  ? 5.624   2.402   7.046   1.00 7.21  ? 95  GLN A CB  1 
ATOM   717  C CG  . GLN A 1 95  ? 4.851   2.713   5.759   1.00 6.37  ? 95  GLN A CG  1 
ATOM   718  C CD  . GLN A 1 95  ? 3.368   2.380   5.861   1.00 6.37  ? 95  GLN A CD  1 
ATOM   719  O OE1 . GLN A 1 95  ? 2.957   1.555   6.686   1.00 7.60  ? 95  GLN A OE1 1 
ATOM   720  N NE2 . GLN A 1 95  ? 2.556   3.018   5.018   1.00 3.64  ? 95  GLN A NE2 1 
ATOM   721  N N   . LYS A 1 96  ? 8.288   3.531   8.864   1.00 9.30  ? 96  LYS A N   1 
ATOM   722  C CA  . LYS A 1 96  ? 8.896   3.546   10.194  1.00 10.34 ? 96  LYS A CA  1 
ATOM   723  C C   . LYS A 1 96  ? 8.072   4.423   11.134  1.00 10.33 ? 96  LYS A C   1 
ATOM   724  O O   . LYS A 1 96  ? 7.757   5.569   10.806  1.00 9.38  ? 96  LYS A O   1 
ATOM   725  C CB  . LYS A 1 96  ? 10.324  4.105   10.124  1.00 11.03 ? 96  LYS A CB  1 
ATOM   726  C CG  . LYS A 1 96  ? 11.266  3.367   9.186   1.00 14.12 ? 96  LYS A CG  1 
ATOM   727  C CD  . LYS A 1 96  ? 11.437  1.920   9.594   1.00 15.15 ? 96  LYS A CD  1 
ATOM   728  C CE  . LYS A 1 96  ? 12.765  1.354   9.099   1.00 15.43 ? 96  LYS A CE  1 
ATOM   729  N NZ  . LYS A 1 96  ? 12.725  -0.144  9.065   1.00 15.56 ? 96  LYS A NZ  1 
ATOM   730  N N   . TRP A 1 97  ? 7.723   3.891   12.301  1.00 11.05 ? 97  TRP A N   1 
ATOM   731  C CA  . TRP A 1 97  ? 7.057   4.688   13.322  1.00 11.52 ? 97  TRP A CA  1 
ATOM   732  C C   . TRP A 1 97  ? 7.168   4.026   14.697  1.00 12.94 ? 97  TRP A C   1 
ATOM   733  O O   . TRP A 1 97  ? 7.115   2.803   14.816  1.00 12.21 ? 97  TRP A O   1 
ATOM   734  C CB  . TRP A 1 97  ? 5.580   4.915   12.946  1.00 11.83 ? 97  TRP A CB  1 
ATOM   735  C CG  . TRP A 1 97  ? 4.664   3.772   13.288  1.00 12.51 ? 97  TRP A CG  1 
ATOM   736  C CD1 . TRP A 1 97  ? 3.789   3.708   14.338  1.00 13.10 ? 97  TRP A CD1 1 
ATOM   737  C CD2 . TRP A 1 97  ? 4.560   2.517   12.604  1.00 13.04 ? 97  TRP A CD2 1 
ATOM   738  N NE1 . TRP A 1 97  ? 3.154   2.487   14.351  1.00 13.36 ? 97  TRP A NE1 1 
ATOM   739  C CE2 . TRP A 1 97  ? 3.610   1.739   13.297  1.00 11.94 ? 97  TRP A CE2 1 
ATOM   740  C CE3 . TRP A 1 97  ? 5.181   1.974   11.474  1.00 11.66 ? 97  TRP A CE3 1 
ATOM   741  C CZ2 . TRP A 1 97  ? 3.268   0.449   12.899  1.00 10.82 ? 97  TRP A CZ2 1 
ATOM   742  C CZ3 . TRP A 1 97  ? 4.839   0.692   11.083  1.00 11.02 ? 97  TRP A CZ3 1 
ATOM   743  C CH2 . TRP A 1 97  ? 3.892   -0.056  11.793  1.00 10.63 ? 97  TRP A CH2 1 
ATOM   744  N N   . ASP A 1 98  ? 7.351   4.846   15.729  1.00 14.62 ? 98  ASP A N   1 
ATOM   745  C CA  . ASP A 1 98  ? 7.393   4.372   17.106  1.00 15.50 ? 98  ASP A CA  1 
ATOM   746  C C   . ASP A 1 98  ? 8.353   3.209   17.311  1.00 15.09 ? 98  ASP A C   1 
ATOM   747  O O   . ASP A 1 98  ? 8.103   2.333   18.137  1.00 16.41 ? 98  ASP A O   1 
ATOM   748  C CB  . ASP A 1 98  ? 5.992   3.959   17.564  1.00 17.43 ? 98  ASP A CB  1 
ATOM   749  C CG  . ASP A 1 98  ? 5.096   5.145   17.839  1.00 22.54 ? 98  ASP A CG  1 
ATOM   750  O OD1 . ASP A 1 98  ? 3.885   4.937   18.066  1.00 25.57 ? 98  ASP A OD1 1 
ATOM   751  O OD2 . ASP A 1 98  ? 5.596   6.292   17.832  1.00 25.28 ? 98  ASP A OD2 1 
ATOM   752  N N   . GLY A 1 99  ? 9.453   3.201   16.566  1.00 14.97 ? 99  GLY A N   1 
ATOM   753  C CA  . GLY A 1 99  ? 10.401  2.111   16.684  1.00 15.09 ? 99  GLY A CA  1 
ATOM   754  C C   . GLY A 1 99  ? 9.925   0.855   15.974  1.00 15.27 ? 99  GLY A C   1 
ATOM   755  O O   . GLY A 1 99  ? 10.564  -0.195  16.058  1.00 16.30 ? 99  GLY A O   1 
ATOM   756  N N   . LYS A 1 100 ? 8.803   0.961   15.270  1.00 13.98 ? 100 LYS A N   1 
ATOM   757  C CA  . LYS A 1 100 ? 8.280   -0.159  14.493  1.00 13.13 ? 100 LYS A CA  1 
ATOM   758  C C   . LYS A 1 100 ? 8.546   0.018   12.998  1.00 12.43 ? 100 LYS A C   1 
ATOM   759  O O   . LYS A 1 100 ? 8.812   1.127   12.520  1.00 11.34 ? 100 LYS A O   1 
ATOM   760  C CB  . LYS A 1 100 ? 6.774   -0.305  14.718  1.00 14.12 ? 100 LYS A CB  1 
ATOM   761  C CG  . LYS A 1 100 ? 6.372   -0.437  16.177  1.00 16.31 ? 100 LYS A CG  1 
ATOM   762  C CD  . LYS A 1 100 ? 4.862   -0.504  16.314  1.00 19.46 ? 100 LYS A CD  1 
ATOM   763  C CE  . LYS A 1 100 ? 4.437   -0.560  17.770  1.00 20.83 ? 100 LYS A CE  1 
ATOM   764  N NZ  . LYS A 1 100 ? 2.954   -0.398  17.902  1.00 22.82 ? 100 LYS A NZ  1 
ATOM   765  N N   . SER A 1 101 ? 8.471   -1.091  12.268  1.00 10.65 ? 101 SER A N   1 
ATOM   766  C CA  . SER A 1 101 ? 8.657   -1.082  10.822  1.00 10.77 ? 101 SER A CA  1 
ATOM   767  C C   . SER A 1 101 ? 7.697   -2.061  10.145  1.00 10.82 ? 101 SER A C   1 
ATOM   768  O O   . SER A 1 101 ? 7.451   -3.161  10.645  1.00 10.21 ? 101 SER A O   1 
ATOM   769  C CB  . SER A 1 101 ? 10.105  -1.445  10.481  1.00 9.99  ? 101 SER A CB  1 
ATOM   770  O OG  . SER A 1 101 ? 10.327  -1.480  9.079   1.00 12.85 ? 101 SER A OG  1 
ATOM   771  N N   . THR A 1 102 ? 7.149   -1.650  9.008   1.00 9.06  ? 102 THR A N   1 
ATOM   772  C CA  . THR A 1 102 ? 6.425   -2.574  8.150   1.00 8.27  ? 102 THR A CA  1 
ATOM   773  C C   . THR A 1 102 ? 6.852   -2.351  6.707   1.00 8.32  ? 102 THR A C   1 
ATOM   774  O O   . THR A 1 102 ? 7.110   -1.217  6.293   1.00 8.68  ? 102 THR A O   1 
ATOM   775  C CB  . THR A 1 102 ? 4.896   -2.386  8.275   1.00 9.31  ? 102 THR A CB  1 
ATOM   776  O OG1 . THR A 1 102 ? 4.228   -3.394  7.503   1.00 8.50  ? 102 THR A OG1 1 
ATOM   777  C CG2 . THR A 1 102 ? 4.477   -1.011  7.775   1.00 8.71  ? 102 THR A CG2 1 
ATOM   778  N N   . THR A 1 103 ? 6.940   -3.435  5.946   1.00 7.96  ? 103 THR A N   1 
ATOM   779  C CA  . THR A 1 103 ? 7.349   -3.340  4.554   1.00 7.95  ? 103 THR A CA  1 
ATOM   780  C C   . THR A 1 103 ? 6.256   -3.838  3.617   1.00 7.75  ? 103 THR A C   1 
ATOM   781  O O   . THR A 1 103 ? 5.672   -4.901  3.829   1.00 7.77  ? 103 THR A O   1 
ATOM   782  C CB  . THR A 1 103 ? 8.645   -4.136  4.309   1.00 6.39  ? 103 THR A CB  1 
ATOM   783  O OG1 . THR A 1 103 ? 9.671   -3.623  5.164   1.00 8.55  ? 103 THR A OG1 1 
ATOM   784  C CG2 . THR A 1 103 ? 9.099   -4.001  2.861   1.00 8.07  ? 103 THR A CG2 1 
ATOM   785  N N   . ILE A 1 104 ? 5.982   -3.048  2.588   1.00 7.19  ? 104 ILE A N   1 
ATOM   786  C CA  . ILE A 1 104 ? 4.946   -3.369  1.622   1.00 6.28  ? 104 ILE A CA  1 
ATOM   787  C C   . ILE A 1 104 ? 5.612   -3.460  0.265   1.00 7.19  ? 104 ILE A C   1 
ATOM   788  O O   . ILE A 1 104 ? 6.301   -2.533  -0.156  1.00 8.53  ? 104 ILE A O   1 
ATOM   789  C CB  . ILE A 1 104 ? 3.855   -2.266  1.576   1.00 6.50  ? 104 ILE A CB  1 
ATOM   790  C CG1 . ILE A 1 104 ? 3.253   -2.068  2.967   1.00 6.88  ? 104 ILE A CG1 1 
ATOM   791  C CG2 . ILE A 1 104 ? 2.764   -2.635  0.569   1.00 6.09  ? 104 ILE A CG2 1 
ATOM   792  C CD1 . ILE A 1 104 ? 3.931   -0.975  3.770   1.00 6.02  ? 104 ILE A CD1 1 
ATOM   793  N N   . LYS A 1 105 ? 5.415   -4.580  -0.422  1.00 8.01  ? 105 LYS A N   1 
ATOM   794  C CA  . LYS A 1 105 ? 5.974   -4.737  -1.758  1.00 7.95  ? 105 LYS A CA  1 
ATOM   795  C C   . LYS A 1 105 ? 4.880   -4.858  -2.806  1.00 7.92  ? 105 LYS A C   1 
ATOM   796  O O   . LYS A 1 105 ? 3.874   -5.536  -2.596  1.00 7.56  ? 105 LYS A O   1 
ATOM   797  C CB  . LYS A 1 105 ? 6.877   -5.965  -1.805  1.00 9.25  ? 105 LYS A CB  1 
ATOM   798  C CG  . LYS A 1 105 ? 8.043   -5.893  -0.838  1.00 10.84 ? 105 LYS A CG  1 
ATOM   799  C CD  . LYS A 1 105 ? 8.993   -7.059  -1.033  1.00 12.23 ? 105 LYS A CD  1 
ATOM   800  C CE  . LYS A 1 105 ? 10.142  -6.998  -0.043  1.00 14.32 ? 105 LYS A CE  1 
ATOM   801  N NZ  . LYS A 1 105 ? 11.174  -8.010  -0.399  1.00 17.48 ? 105 LYS A NZ  1 
ATOM   802  N N   . ARG A 1 106 ? 5.087   -4.190  -3.936  1.00 6.01  ? 106 ARG A N   1 
ATOM   803  C CA  . ARG A 1 106 ? 4.138   -4.225  -5.040  1.00 7.84  ? 106 ARG A CA  1 
ATOM   804  C C   . ARG A 1 106 ? 4.867   -4.652  -6.303  1.00 8.33  ? 106 ARG A C   1 
ATOM   805  O O   . ARG A 1 106 ? 5.943   -4.144  -6.613  1.00 6.77  ? 106 ARG A O   1 
ATOM   806  C CB  . ARG A 1 106 ? 3.511   -2.843  -5.233  1.00 7.02  ? 106 ARG A CB  1 
ATOM   807  C CG  . ARG A 1 106 ? 2.774   -2.352  -3.997  1.00 6.39  ? 106 ARG A CG  1 
ATOM   808  C CD  . ARG A 1 106 ? 2.449   -0.872  -4.057  1.00 7.05  ? 106 ARG A CD  1 
ATOM   809  N NE  . ARG A 1 106 ? 1.568   -0.484  -2.954  1.00 7.37  ? 106 ARG A NE  1 
ATOM   810  C CZ  . ARG A 1 106 ? 1.974   0.113   -1.838  1.00 7.93  ? 106 ARG A CZ  1 
ATOM   811  N NH1 . ARG A 1 106 ? 3.255   0.404   -1.661  1.00 6.27  ? 106 ARG A NH1 1 
ATOM   812  N NH2 . ARG A 1 106 ? 1.096   0.421   -0.893  1.00 9.06  ? 106 ARG A NH2 1 
ATOM   813  N N   . LYS A 1 107 ? 4.283   -5.599  -7.024  1.00 9.41  ? 107 LYS A N   1 
ATOM   814  C CA  . LYS A 1 107 ? 4.918   -6.126  -8.222  1.00 10.66 ? 107 LYS A CA  1 
ATOM   815  C C   . LYS A 1 107 ? 3.858   -6.475  -9.248  1.00 10.11 ? 107 LYS A C   1 
ATOM   816  O O   . LYS A 1 107 ? 2.728   -6.822  -8.893  1.00 8.97  ? 107 LYS A O   1 
ATOM   817  C CB  . LYS A 1 107 ? 5.725   -7.381  -7.889  1.00 12.63 ? 107 LYS A CB  1 
ATOM   818  C CG  . LYS A 1 107 ? 4.877   -8.539  -7.389  1.00 14.98 ? 107 LYS A CG  1 
ATOM   819  C CD  . LYS A 1 107 ? 5.741   -9.682  -6.867  1.00 20.01 ? 107 LYS A CD  1 
ATOM   820  C CE  . LYS A 1 107 ? 4.902   -10.732 -6.148  1.00 22.93 ? 107 LYS A CE  1 
ATOM   821  N NZ  . LYS A 1 107 ? 3.975   -11.439 -7.084  1.00 25.15 ? 107 LYS A NZ  1 
ATOM   822  N N   . ARG A 1 108 ? 4.231   -6.385  -10.520 1.00 8.65  ? 108 ARG A N   1 
ATOM   823  C CA  . ARG A 1 108 ? 3.386   -6.875  -11.596 1.00 10.10 ? 108 ARG A CA  1 
ATOM   824  C C   . ARG A 1 108 ? 3.601   -8.365  -11.807 1.00 11.23 ? 108 ARG A C   1 
ATOM   825  O O   . ARG A 1 108 ? 4.735   -8.837  -11.934 1.00 11.28 ? 108 ARG A O   1 
ATOM   826  C CB  . ARG A 1 108 ? 3.685   -6.126  -12.895 1.00 10.17 ? 108 ARG A CB  1 
ATOM   827  C CG  . ARG A 1 108 ? 3.007   -4.771  -12.996 1.00 11.75 ? 108 ARG A CG  1 
ATOM   828  C CD  . ARG A 1 108 ? 1.486   -4.901  -13.020 1.00 11.76 ? 108 ARG A CD  1 
ATOM   829  N NE  . ARG A 1 108 ? 0.989   -5.840  -14.029 1.00 14.06 ? 108 ARG A NE  1 
ATOM   830  C CZ  . ARG A 1 108 ? 0.861   -5.557  -15.323 1.00 14.30 ? 108 ARG A CZ  1 
ATOM   831  N NH1 . ARG A 1 108 ? 1.198   -4.361  -15.787 1.00 14.63 ? 108 ARG A NH1 1 
ATOM   832  N NH2 . ARG A 1 108 ? 0.371   -6.464  -16.155 1.00 17.97 ? 108 ARG A NH2 1 
ATOM   833  N N   . GLU A 1 109 ? 2.499   -9.102  -11.838 1.00 11.66 ? 109 GLU A N   1 
ATOM   834  C CA  . GLU A 1 109 ? 2.540   -10.533 -12.082 1.00 12.77 ? 109 GLU A CA  1 
ATOM   835  C C   . GLU A 1 109 ? 1.398   -10.864 -13.033 1.00 12.96 ? 109 GLU A C   1 
ATOM   836  O O   . GLU A 1 109 ? 0.227   -10.650 -12.708 1.00 12.49 ? 109 GLU A O   1 
ATOM   837  C CB  . GLU A 1 109 ? 2.376   -11.286 -10.761 1.00 14.50 ? 109 GLU A CB  1 
ATOM   838  C CG  . GLU A 1 109 ? 2.479   -12.791 -10.877 1.00 17.67 ? 109 GLU A CG  1 
ATOM   839  C CD  . GLU A 1 109 ? 2.319   -13.472 -9.534  1.00 20.97 ? 109 GLU A CD  1 
ATOM   840  O OE1 . GLU A 1 109 ? 3.199   -13.287 -8.668  1.00 22.46 ? 109 GLU A OE1 1 
ATOM   841  O OE2 . GLU A 1 109 ? 1.311   -14.184 -9.342  1.00 22.41 ? 109 GLU A OE2 1 
ATOM   842  N N   . ASP A 1 110 ? 1.744   -11.370 -14.214 1.00 10.95 ? 110 ASP A N   1 
ATOM   843  C CA  . ASP A 1 110 ? 0.775   -11.497 -15.291 1.00 11.83 ? 110 ASP A CA  1 
ATOM   844  C C   . ASP A 1 110 ? -0.021  -10.198 -15.391 1.00 11.11 ? 110 ASP A C   1 
ATOM   845  O O   . ASP A 1 110 ? 0.558   -9.118  -15.456 1.00 11.06 ? 110 ASP A O   1 
ATOM   846  C CB  . ASP A 1 110 ? -0.148  -12.687 -15.021 1.00 12.30 ? 110 ASP A CB  1 
ATOM   847  C CG  . ASP A 1 110 ? 0.622   -13.990 -14.882 1.00 13.23 ? 110 ASP A CG  1 
ATOM   848  O OD1 . ASP A 1 110 ? 1.581   -14.194 -15.648 1.00 17.12 ? 110 ASP A OD1 1 
ATOM   849  O OD2 . ASP A 1 110 ? 0.281   -14.809 -14.008 1.00 17.47 ? 110 ASP A OD2 1 
ATOM   850  N N   . ASP A 1 111 ? -1.343  -10.289 -15.398 1.00 12.42 ? 111 ASP A N   1 
ATOM   851  C CA  . ASP A 1 111 ? -2.158  -9.082  -15.499 1.00 13.19 ? 111 ASP A CA  1 
ATOM   852  C C   . ASP A 1 111 ? -2.524  -8.489  -14.143 1.00 13.11 ? 111 ASP A C   1 
ATOM   853  O O   . ASP A 1 111 ? -3.351  -7.582  -14.067 1.00 13.27 ? 111 ASP A O   1 
ATOM   854  C CB  . ASP A 1 111 ? -3.436  -9.367  -16.293 1.00 15.16 ? 111 ASP A CB  1 
ATOM   855  C CG  . ASP A 1 111 ? -3.181  -9.490  -17.781 1.00 14.50 ? 111 ASP A CG  1 
ATOM   856  O OD1 . ASP A 1 111 ? -2.363  -8.712  -18.316 1.00 14.58 ? 111 ASP A OD1 1 
ATOM   857  O OD2 . ASP A 1 111 ? -3.798  -10.368 -18.416 1.00 16.14 ? 111 ASP A OD2 1 
ATOM   858  N N   . LYS A 1 112 ? -1.907  -8.996  -13.077 1.00 11.78 ? 112 LYS A N   1 
ATOM   859  C CA  . LYS A 1 112 ? -2.206  -8.523  -11.724 1.00 10.68 ? 112 LYS A CA  1 
ATOM   860  C C   . LYS A 1 112 ? -1.145  -7.567  -11.185 1.00 9.37  ? 112 LYS A C   1 
ATOM   861  O O   . LYS A 1 112 ? 0.023   -7.625  -11.570 1.00 8.71  ? 112 LYS A O   1 
ATOM   862  C CB  . LYS A 1 112 ? -2.334  -9.707  -10.760 1.00 13.03 ? 112 LYS A CB  1 
ATOM   863  C CG  . LYS A 1 112 ? -3.449  -10.681 -11.102 1.00 16.65 ? 112 LYS A CG  1 
ATOM   864  C CD  . LYS A 1 112 ? -3.039  -12.112 -10.772 1.00 20.08 ? 112 LYS A CD  1 
ATOM   865  C CE  . LYS A 1 112 ? -1.713  -12.448 -11.442 1.00 23.71 ? 112 LYS A CE  1 
ATOM   866  N NZ  . LYS A 1 112 ? -1.363  -13.905 -11.411 1.00 26.25 ? 112 LYS A NZ  1 
ATOM   867  N N   . LEU A 1 113 ? -1.573  -6.686  -10.292 1.00 8.22  ? 113 LEU A N   1 
ATOM   868  C CA  . LEU A 1 113 ? -0.655  -5.950  -9.445  1.00 9.70  ? 113 LEU A CA  1 
ATOM   869  C C   . LEU A 1 113 ? -0.801  -6.557  -8.053  1.00 8.69  ? 113 LEU A C   1 
ATOM   870  O O   . LEU A 1 113 ? -1.864  -6.475  -7.440  1.00 9.89  ? 113 LEU A O   1 
ATOM   871  C CB  . LEU A 1 113 ? -1.024  -4.461  -9.435  1.00 9.63  ? 113 LEU A CB  1 
ATOM   872  C CG  . LEU A 1 113 ? 0.028   -3.506  -8.862  1.00 10.85 ? 113 LEU A CG  1 
ATOM   873  C CD1 . LEU A 1 113 ? -0.376  -2.058  -9.108  1.00 9.15  ? 113 LEU A CD1 1 
ATOM   874  C CD2 . LEU A 1 113 ? 0.185   -3.779  -7.384  1.00 10.32 ? 113 LEU A CD2 1 
ATOM   875  N N   . VAL A 1 114 ? 0.266   -7.184  -7.571  1.00 8.66  ? 114 VAL A N   1 
ATOM   876  C CA  . VAL A 1 114 ? 0.222   -7.905  -6.302  1.00 8.00  ? 114 VAL A CA  1 
ATOM   877  C C   . VAL A 1 114 ? 0.874   -7.091  -5.193  1.00 7.57  ? 114 VAL A C   1 
ATOM   878  O O   . VAL A 1 114 ? 2.034   -6.691  -5.306  1.00 7.09  ? 114 VAL A O   1 
ATOM   879  C CB  . VAL A 1 114 ? 0.946   -9.267  -6.427  1.00 8.65  ? 114 VAL A CB  1 
ATOM   880  C CG1 . VAL A 1 114 ? 0.999   -9.972  -5.077  1.00 9.42  ? 114 VAL A CG1 1 
ATOM   881  C CG2 . VAL A 1 114 ? 0.216   -10.138 -7.442  1.00 8.87  ? 114 VAL A CG2 1 
ATOM   882  N N   . VAL A 1 115 ? 0.120   -6.848  -4.124  1.00 6.67  ? 115 VAL A N   1 
ATOM   883  C CA  . VAL A 1 115 ? 0.628   -6.109  -2.974  1.00 6.37  ? 115 VAL A CA  1 
ATOM   884  C C   . VAL A 1 115 ? 0.821   -7.042  -1.780  1.00 7.77  ? 115 VAL A C   1 
ATOM   885  O O   . VAL A 1 115 ? -0.119  -7.706  -1.332  1.00 9.10  ? 115 VAL A O   1 
ATOM   886  C CB  . VAL A 1 115 ? -0.342  -4.979  -2.558  1.00 5.43  ? 115 VAL A CB  1 
ATOM   887  C CG1 . VAL A 1 115 ? 0.237   -4.203  -1.383  1.00 4.34  ? 115 VAL A CG1 1 
ATOM   888  C CG2 . VAL A 1 115 ? -0.592  -4.050  -3.735  1.00 5.36  ? 115 VAL A CG2 1 
ATOM   889  N N   . GLU A 1 116 ? 2.048   -7.090  -1.273  1.00 7.22  ? 116 GLU A N   1 
ATOM   890  C CA  . GLU A 1 116 ? 2.361   -7.921  -0.122  1.00 8.08  ? 116 GLU A CA  1 
ATOM   891  C C   . GLU A 1 116 ? 2.761   -7.059  1.067   1.00 8.19  ? 116 GLU A C   1 
ATOM   892  O O   . GLU A 1 116 ? 3.766   -6.346  1.024   1.00 8.01  ? 116 GLU A O   1 
ATOM   893  C CB  . GLU A 1 116 ? 3.492   -8.893  -0.462  1.00 11.74 ? 116 GLU A CB  1 
ATOM   894  C CG  . GLU A 1 116 ? 3.079   -9.975  -1.448  1.00 18.77 ? 116 GLU A CG  1 
ATOM   895  C CD  . GLU A 1 116 ? 4.262   -10.706 -2.048  1.00 22.28 ? 116 GLU A CD  1 
ATOM   896  O OE1 . GLU A 1 116 ? 5.376   -10.135 -2.063  1.00 25.10 ? 116 GLU A OE1 1 
ATOM   897  O OE2 . GLU A 1 116 ? 4.078   -11.854 -2.507  1.00 25.87 ? 116 GLU A OE2 1 
ATOM   898  N N   . CYS A 1 117 ? 1.967   -7.133  2.129   1.00 7.78  ? 117 CYS A N   1 
ATOM   899  C CA  . CYS A 1 117 ? 2.213   -6.336  3.323   1.00 7.66  ? 117 CYS A CA  1 
ATOM   900  C C   . CYS A 1 117 ? 2.745   -7.235  4.421   1.00 8.33  ? 117 CYS A C   1 
ATOM   901  O O   . CYS A 1 117 ? 2.104   -8.221  4.786   1.00 7.14  ? 117 CYS A O   1 
ATOM   902  C CB  . CYS A 1 117 ? 0.917   -5.675  3.791   1.00 9.94  ? 117 CYS A CB  1 
ATOM   903  S SG  . CYS A 1 117 ? 0.037   -4.772  2.503   1.00 9.33  ? 117 CYS A SG  1 
ATOM   904  N N   . VAL A 1 118 ? 3.915   -6.897  4.952   1.00 7.74  ? 118 VAL A N   1 
ATOM   905  C CA  . VAL A 1 118 ? 4.531   -7.728  5.979   1.00 9.27  ? 118 VAL A CA  1 
ATOM   906  C C   . VAL A 1 118 ? 4.814   -6.956  7.253   1.00 8.86  ? 118 VAL A C   1 
ATOM   907  O O   . VAL A 1 118 ? 5.263   -5.811  7.214   1.00 8.97  ? 118 VAL A O   1 
ATOM   908  C CB  . VAL A 1 118 ? 5.854   -8.355  5.487   1.00 8.44  ? 118 VAL A CB  1 
ATOM   909  C CG1 . VAL A 1 118 ? 6.479   -9.171  6.604   1.00 10.50 ? 118 VAL A CG1 1 
ATOM   910  C CG2 . VAL A 1 118 ? 5.595   -9.232  4.273   1.00 7.92  ? 118 VAL A CG2 1 
ATOM   911  N N   . MET A 1 119 ? 4.537   -7.598  8.383   1.00 11.23 ? 119 MET A N   1 
ATOM   912  C CA  . MET A 1 119 ? 4.888   -7.062  9.692   1.00 12.99 ? 119 MET A CA  1 
ATOM   913  C C   . MET A 1 119 ? 5.089   -8.177  10.706  1.00 13.33 ? 119 MET A C   1 
ATOM   914  O O   . MET A 1 119 ? 4.191   -8.993  10.932  1.00 13.77 ? 119 MET A O   1 
ATOM   915  C CB  . MET A 1 119 ? 3.800   -6.131  10.209  1.00 12.36 ? 119 MET A CB  1 
ATOM   916  C CG  . MET A 1 119 ? 4.001   -5.752  11.672  1.00 14.83 ? 119 MET A CG  1 
ATOM   917  S SD  . MET A 1 119 ? 3.947   -3.992  11.855  1.00 15.51 ? 119 MET A SD  1 
ATOM   918  C CE  . MET A 1 119 ? 4.877   -3.723  13.390  1.00 17.11 ? 119 MET A CE  1 
ATOM   919  N N   . LYS A 1 120 ? 6.267   -8.195  11.321  1.00 15.55 ? 120 LYS A N   1 
ATOM   920  C CA  . LYS A 1 120 ? 6.581   -9.143  12.386  1.00 15.69 ? 120 LYS A CA  1 
ATOM   921  C C   . LYS A 1 120 ? 6.096   -10.565 12.109  1.00 15.18 ? 120 LYS A C   1 
ATOM   922  O O   . LYS A 1 120 ? 5.545   -11.220 12.994  1.00 15.89 ? 120 LYS A O   1 
ATOM   923  C CB  . LYS A 1 120 ? 6.002   -8.657  13.718  1.00 18.08 ? 120 LYS A CB  1 
ATOM   924  C CG  . LYS A 1 120 ? 6.682   -7.412  14.272  1.00 20.64 ? 120 LYS A CG  1 
ATOM   925  C CD  . LYS A 1 120 ? 6.498   -7.312  15.779  1.00 24.60 ? 120 LYS A CD  1 
ATOM   926  C CE  . LYS A 1 120 ? 5.411   -6.314  16.147  1.00 27.65 ? 120 LYS A CE  1 
ATOM   927  N NZ  . LYS A 1 120 ? 4.057   -6.720  15.663  1.00 27.68 ? 120 LYS A NZ  1 
ATOM   928  N N   . GLY A 1 121 ? 6.309   -11.039 10.885  1.00 13.28 ? 121 GLY A N   1 
ATOM   929  C CA  . GLY A 1 121 ? 6.009   -12.429 10.574  1.00 13.42 ? 121 GLY A CA  1 
ATOM   930  C C   . GLY A 1 121 ? 4.669   -12.659 9.896   1.00 11.43 ? 121 GLY A C   1 
ATOM   931  O O   . GLY A 1 121 ? 4.428   -13.724 9.333   1.00 10.26 ? 121 GLY A O   1 
ATOM   932  N N   . VAL A 1 122 ? 3.797   -11.658 9.952   1.00 11.41 ? 122 VAL A N   1 
ATOM   933  C CA  . VAL A 1 122 ? 2.468   -11.749 9.358   1.00 10.54 ? 122 VAL A CA  1 
ATOM   934  C C   . VAL A 1 122 ? 2.439   -11.106 7.979   1.00 11.01 ? 122 VAL A C   1 
ATOM   935  O O   . VAL A 1 122 ? 2.818   -9.943  7.826   1.00 11.23 ? 122 VAL A O   1 
ATOM   936  C CB  . VAL A 1 122 ? 1.426   -11.052 10.250  1.00 10.90 ? 122 VAL A CB  1 
ATOM   937  C CG1 . VAL A 1 122 ? 0.064   -11.079 9.578   1.00 10.46 ? 122 VAL A CG1 1 
ATOM   938  C CG2 . VAL A 1 122 ? 1.367   -11.747 11.605  1.00 11.85 ? 122 VAL A CG2 1 
ATOM   939  N N   . THR A 1 123 ? 1.994   -11.864 6.980   1.00 9.77  ? 123 THR A N   1 
ATOM   940  C CA  . THR A 1 123 ? 1.932   -11.365 5.613   1.00 10.78 ? 123 THR A CA  1 
ATOM   941  C C   . THR A 1 123 ? 0.502   -11.341 5.093   1.00 11.85 ? 123 THR A C   1 
ATOM   942  O O   . THR A 1 123 ? -0.240  -12.312 5.235   1.00 13.43 ? 123 THR A O   1 
ATOM   943  C CB  . THR A 1 123 ? 2.766   -12.235 4.648   1.00 11.99 ? 123 THR A CB  1 
ATOM   944  O OG1 . THR A 1 123 ? 4.110   -12.331 5.131   1.00 13.90 ? 123 THR A OG1 1 
ATOM   945  C CG2 . THR A 1 123 ? 2.778   -11.618 3.248   1.00 12.67 ? 123 THR A CG2 1 
ATOM   946  N N   . SER A 1 124 ? 0.120   -10.226 4.486   1.00 10.88 ? 124 SER A N   1 
ATOM   947  C CA  . SER A 1 124 ? -1.139  -10.155 3.769   1.00 9.23  ? 124 SER A CA  1 
ATOM   948  C C   . SER A 1 124 ? -0.858  -9.969  2.290   1.00 8.77  ? 124 SER A C   1 
ATOM   949  O O   . SER A 1 124 ? 0.052   -9.231  1.907   1.00 8.01  ? 124 SER A O   1 
ATOM   950  C CB  . SER A 1 124 ? -1.981  -8.988  4.289   1.00 8.93  ? 124 SER A CB  1 
ATOM   951  O OG  . SER A 1 124 ? -3.147  -8.823  3.500   1.00 8.60  ? 124 SER A OG  1 
ATOM   952  N N   . THR A 1 125 ? -1.630  -10.651 1.457   1.00 9.12  ? 125 THR A N   1 
ATOM   953  C CA  . THR A 1 125 ? -1.515  -10.466 0.018   1.00 7.40  ? 125 THR A CA  1 
ATOM   954  C C   . THR A 1 125 ? -2.808  -9.856  -0.487  1.00 7.52  ? 125 THR A C   1 
ATOM   955  O O   . THR A 1 125 ? -3.884  -10.390 -0.250  1.00 8.02  ? 125 THR A O   1 
ATOM   956  C CB  . THR A 1 125 ? -1.272  -11.803 -0.706  1.00 8.06  ? 125 THR A CB  1 
ATOM   957  O OG1 . THR A 1 125 ? -0.066  -12.391 -0.216  1.00 10.34 ? 125 THR A OG1 1 
ATOM   958  C CG2 . THR A 1 125 ? -1.146  -11.589 -2.211  1.00 7.65  ? 125 THR A CG2 1 
ATOM   959  N N   . ARG A 1 126 ? -2.690  -8.724  -1.167  1.00 7.13  ? 126 ARG A N   1 
ATOM   960  C CA  . ARG A 1 126 ? -3.832  -8.077  -1.791  1.00 8.23  ? 126 ARG A CA  1 
ATOM   961  C C   . ARG A 1 126 ? -3.603  -8.078  -3.298  1.00 7.83  ? 126 ARG A C   1 
ATOM   962  O O   . ARG A 1 126 ? -2.575  -7.599  -3.772  1.00 8.48  ? 126 ARG A O   1 
ATOM   963  C CB  . ARG A 1 126 ? -3.946  -6.636  -1.298  1.00 8.15  ? 126 ARG A CB  1 
ATOM   964  C CG  . ARG A 1 126 ? -3.860  -6.483  0.206   1.00 10.45 ? 126 ARG A CG  1 
ATOM   965  C CD  . ARG A 1 126 ? -5.239  -6.484  0.815   1.00 9.73  ? 126 ARG A CD  1 
ATOM   966  N NE  . ARG A 1 126 ? -5.934  -5.226  0.573   1.00 10.67 ? 126 ARG A NE  1 
ATOM   967  C CZ  . ARG A 1 126 ? -7.167  -4.976  1.002   1.00 12.59 ? 126 ARG A CZ  1 
ATOM   968  N NH1 . ARG A 1 126 ? -7.828  -5.900  1.684   1.00 9.21  ? 126 ARG A NH1 1 
ATOM   969  N NH2 . ARG A 1 126 ? -7.731  -3.798  0.765   1.00 11.14 ? 126 ARG A NH2 1 
ATOM   970  N N   . VAL A 1 127 ? -4.552  -8.614  -4.059  1.00 7.52  ? 127 VAL A N   1 
ATOM   971  C CA  . VAL A 1 127 ? -4.381  -8.658  -5.505  1.00 7.43  ? 127 VAL A CA  1 
ATOM   972  C C   . VAL A 1 127 ? -5.265  -7.624  -6.193  1.00 7.78  ? 127 VAL A C   1 
ATOM   973  O O   . VAL A 1 127 ? -6.454  -7.508  -5.888  1.00 8.16  ? 127 VAL A O   1 
ATOM   974  C CB  . VAL A 1 127 ? -4.701  -10.064 -6.072  1.00 8.16  ? 127 VAL A CB  1 
ATOM   975  C CG1 . VAL A 1 127 ? -4.461  -10.080 -7.573  1.00 7.95  ? 127 VAL A CG1 1 
ATOM   976  C CG2 . VAL A 1 127 ? -3.819  -11.120 -5.393  1.00 5.58  ? 127 VAL A CG2 1 
ATOM   977  N N   . TYR A 1 128 ? -4.665  -6.869  -7.114  1.00 7.42  ? 128 TYR A N   1 
ATOM   978  C CA  . TYR A 1 128 ? -5.384  -5.877  -7.914  1.00 8.17  ? 128 TYR A CA  1 
ATOM   979  C C   . TYR A 1 128 ? -5.318  -6.226  -9.395  1.00 9.49  ? 128 TYR A C   1 
ATOM   980  O O   . TYR A 1 128 ? -4.341  -6.805  -9.865  1.00 10.00 ? 128 TYR A O   1 
ATOM   981  C CB  . TYR A 1 128 ? -4.778  -4.484  -7.717  1.00 6.91  ? 128 TYR A CB  1 
ATOM   982  C CG  . TYR A 1 128 ? -5.088  -3.862  -6.377  1.00 6.87  ? 128 TYR A CG  1 
ATOM   983  C CD1 . TYR A 1 128 ? -4.386  -4.232  -5.236  1.00 5.91  ? 128 TYR A CD1 1 
ATOM   984  C CD2 . TYR A 1 128 ? -6.076  -2.897  -6.256  1.00 6.96  ? 128 TYR A CD2 1 
ATOM   985  C CE1 . TYR A 1 128 ? -4.665  -3.654  -4.008  1.00 5.57  ? 128 TYR A CE1 1 
ATOM   986  C CE2 . TYR A 1 128 ? -6.361  -2.310  -5.037  1.00 5.86  ? 128 TYR A CE2 1 
ATOM   987  C CZ  . TYR A 1 128 ? -5.653  -2.692  -3.917  1.00 6.53  ? 128 TYR A CZ  1 
ATOM   988  O OH  . TYR A 1 128 ? -5.946  -2.109  -2.705  1.00 8.79  ? 128 TYR A OH  1 
ATOM   989  N N   . GLU A 1 129 ? -6.362  -5.857  -10.126 1.00 10.94 ? 129 GLU A N   1 
ATOM   990  C CA  . GLU A 1 129 ? -6.357  -5.974  -11.580 1.00 11.86 ? 129 GLU A CA  1 
ATOM   991  C C   . GLU A 1 129 ? -6.803  -4.662  -12.208 1.00 11.19 ? 129 GLU A C   1 
ATOM   992  O O   . GLU A 1 129 ? -7.369  -3.806  -11.532 1.00 10.53 ? 129 GLU A O   1 
ATOM   993  C CB  . GLU A 1 129 ? -7.292  -7.095  -12.024 1.00 12.76 ? 129 GLU A CB  1 
ATOM   994  C CG  . GLU A 1 129 ? -6.856  -8.469  -11.566 1.00 18.51 ? 129 GLU A CG  1 
ATOM   995  C CD  . GLU A 1 129 ? -7.838  -9.546  -11.979 1.00 20.88 ? 129 GLU A CD  1 
ATOM   996  O OE1 . GLU A 1 129 ? -8.940  -9.187  -12.447 1.00 21.55 ? 129 GLU A OE1 1 
ATOM   997  O OE2 . GLU A 1 129 ? -7.506  -10.742 -11.837 1.00 20.25 ? 129 GLU A OE2 1 
ATOM   998  N N   . ARG A 1 130 ? -6.549  -4.511  -13.504 1.00 11.47 ? 130 ARG A N   1 
ATOM   999  C CA  . ARG A 1 130 ? -6.910  -3.287  -14.200 1.00 11.59 ? 130 ARG A CA  1 
ATOM   1000 C C   . ARG A 1 130 ? -8.426  -3.126  -14.235 1.00 12.64 ? 130 ARG A C   1 
ATOM   1001 O O   . ARG A 1 130 ? -9.159  -4.075  -14.524 1.00 10.34 ? 130 ARG A O   1 
ATOM   1002 C CB  . ARG A 1 130 ? -6.349  -3.294  -15.628 1.00 12.92 ? 130 ARG A CB  1 
ATOM   1003 C CG  . ARG A 1 130 ? -4.826  -3.193  -15.709 1.00 12.30 ? 130 ARG A CG  1 
ATOM   1004 C CD  . ARG A 1 130 ? -4.394  -2.563  -17.026 1.00 14.41 ? 130 ARG A CD  1 
ATOM   1005 N NE  . ARG A 1 130 ? -2.948  -2.600  -17.233 1.00 13.74 ? 130 ARG A NE  1 
ATOM   1006 C CZ  . ARG A 1 130 ? -2.100  -1.691  -16.762 1.00 14.41 ? 130 ARG A CZ  1 
ATOM   1007 N NH1 . ARG A 1 130 ? -2.550  -0.665  -16.053 1.00 13.86 ? 130 ARG A NH1 1 
ATOM   1008 N NH2 . ARG A 1 130 ? -0.799  -1.809  -16.995 1.00 14.44 ? 130 ARG A NH2 1 
ATOM   1009 N N   . ALA A 1 131 ? -8.893  -1.922  -13.930 1.00 13.89 ? 131 ALA A N   1 
ATOM   1010 C CA  . ALA A 1 131 ? -10.318 -1.639  -13.937 1.00 16.70 ? 131 ALA A CA  1 
ATOM   1011 C C   . ALA A 1 131 ? -10.833 -1.648  -15.368 1.00 17.41 ? 131 ALA A C   1 
ATOM   1012 O O   . ALA A 1 131 ? -9.995  -1.737  -16.291 1.00 18.13 ? 131 ALA A O   1 
ATOM   1013 C CB  . ALA A 1 131 ? -10.588 -0.287  -13.297 1.00 14.91 ? 131 ALA A CB  1 
ATOM   1014 O OXT . ALA A 1 131 ? -12.068 -1.567  -15.542 1.00 20.68 ? 131 ALA A OXT 1 
HETATM 1015 S S   . SO4 B 2 .   ? -8.984  -10.504 4.745   1.00 14.00 ? 291 SO4 A S   1 
HETATM 1016 O O1  . SO4 B 2 .   ? -7.784  -10.394 3.894   1.00 12.54 ? 291 SO4 A O1  1 
HETATM 1017 O O2  . SO4 B 2 .   ? -8.613  -10.345 6.168   1.00 13.84 ? 291 SO4 A O2  1 
HETATM 1018 O O3  . SO4 B 2 .   ? -9.949  -9.455  4.386   1.00 15.66 ? 291 SO4 A O3  1 
HETATM 1019 O O4  . SO4 B 2 .   ? -9.605  -11.828 4.551   1.00 14.79 ? 291 SO4 A O4  1 
HETATM 1020 S S   . SO4 C 2 .   ? -0.445  -4.659  -19.374 1.00 33.19 ? 292 SO4 A S   1 
HETATM 1021 O O1  . SO4 C 2 .   ? -0.179  -4.507  -20.816 1.00 32.10 ? 292 SO4 A O1  1 
HETATM 1022 O O2  . SO4 C 2 .   ? 0.431   -3.739  -18.620 1.00 31.75 ? 292 SO4 A O2  1 
HETATM 1023 O O3  . SO4 C 2 .   ? -1.858  -4.338  -19.098 1.00 32.77 ? 292 SO4 A O3  1 
HETATM 1024 O O4  . SO4 C 2 .   ? -0.173  -6.049  -18.964 1.00 32.94 ? 292 SO4 A O4  1 
HETATM 1025 C C1  . T4B D 3 .   ? -3.491  4.404   -0.102  1.00 10.89 ? 293 T4B A C1  1 
HETATM 1026 C C2  . T4B D 3 .   ? -1.125  1.562   1.058   1.00 11.01 ? 293 T4B A C2  1 
HETATM 1027 C C3  . T4B D 3 .   ? -1.756  0.290   0.881   1.00 10.80 ? 293 T4B A C3  1 
HETATM 1028 C C7  . T4B D 3 .   ? -0.792  3.549   -0.490  1.00 10.62 ? 293 T4B A C7  1 
HETATM 1029 C C8  . T4B D 3 .   ? -1.272  4.726   -1.125  1.00 12.07 ? 293 T4B A C8  1 
HETATM 1030 C C9  . T4B D 3 .   ? -3.341  -2.216  1.330   1.00 11.18 ? 293 T4B A C9  1 
HETATM 1031 C C10 . T4B D 3 .   ? -3.725  -2.543  -0.110  1.00 12.02 ? 293 T4B A C10 1 
HETATM 1032 C C11 . T4B D 3 .   ? -1.303  -0.861  1.616   1.00 10.93 ? 293 T4B A C11 1 
HETATM 1033 C C12 . T4B D 3 .   ? -0.210  -0.729  2.523   1.00 10.22 ? 293 T4B A C12 1 
HETATM 1034 C C13 . T4B D 3 .   ? 0.428   0.534   2.696   1.00 10.23 ? 293 T4B A C13 1 
HETATM 1035 C C14 . T4B D 3 .   ? -0.027  1.677   1.966   1.00 11.75 ? 293 T4B A C14 1 
HETATM 1036 C C15 . T4B D 3 .   ? -5.018  0.957   -1.293  1.00 10.76 ? 293 T4B A C15 1 
HETATM 1037 C C16 . T4B D 3 .   ? -6.922  0.514   2.317   1.00 11.11 ? 293 T4B A C16 1 
HETATM 1038 C C19 . T4B D 3 .   ? -5.596  1.226   2.181   1.00 9.76  ? 293 T4B A C19 1 
HETATM 1039 C C20 . T4B D 3 .   ? -5.121  1.865   1.064   1.00 8.95  ? 293 T4B A C20 1 
HETATM 1040 C C21 . T4B D 3 .   ? -5.792  1.851   -0.317  1.00 10.50 ? 293 T4B A C21 1 
HETATM 1041 C C22 . T4B D 3 .   ? -8.230  -1.494  2.921   1.00 9.19  ? 293 T4B A C22 1 
HETATM 1042 C C24 . T4B D 3 .   ? -5.471  0.369   6.847   1.00 10.78 ? 293 T4B A C24 1 
HETATM 1043 C C27 . T4B D 3 .   ? -4.485  0.852   4.631   1.00 9.73  ? 293 T4B A C27 1 
HETATM 1044 C C30 . T4B D 3 .   ? -8.149  1.207   2.023   1.00 10.64 ? 293 T4B A C30 1 
HETATM 1045 C C   . T4B D 3 .   ? -2.617  5.154   -0.932  1.00 10.98 ? 293 T4B A C   1 
HETATM 1046 C C4  . T4B D 3 .   ? -3.252  0.270   5.062   1.00 8.90  ? 293 T4B A C4  1 
HETATM 1047 C C5  . T4B D 3 .   ? -3.023  3.214   0.542   1.00 9.15  ? 293 T4B A C5  1 
HETATM 1048 C C6  . T4B D 3 .   ? -1.655  2.781   0.350   1.00 11.20 ? 293 T4B A C6  1 
HETATM 1049 O O   . T4B D 3 .   ? -2.875  -2.531  -0.997  1.00 11.69 ? 293 T4B A O   1 
HETATM 1050 O O1  . T4B D 3 .   ? -4.976  -2.824  -0.411  1.00 8.74  ? 293 T4B A O1  1 
HETATM 1051 O O2  . T4B D 3 .   ? -1.901  -2.101  1.445   1.00 12.03 ? 293 T4B A O2  1 
HETATM 1052 C C17 . T4B D 3 .   ? -6.976  -0.844  2.766   1.00 11.31 ? 293 T4B A C17 1 
HETATM 1053 N N   . T4B D 3 .   ? -3.900  2.448   1.376   1.00 9.58  ? 293 T4B A N   1 
HETATM 1054 N N1  . T4B D 3 .   ? -3.604  2.146   2.741   1.00 9.16  ? 293 T4B A N1  1 
HETATM 1055 C C18 . T4B D 3 .   ? -4.558  1.424   3.255   1.00 10.31 ? 293 T4B A C18 1 
HETATM 1056 C C23 . T4B D 3 .   ? -5.599  0.900   5.533   1.00 10.00 ? 293 T4B A C23 1 
HETATM 1057 C C25 . T4B D 3 .   ? -4.239  -0.209  7.267   1.00 11.45 ? 293 T4B A C25 1 
HETATM 1058 C C26 . T4B D 3 .   ? -3.130  -0.260  6.380   1.00 8.81  ? 293 T4B A C26 1 
HETATM 1059 C C28 . T4B D 3 .   ? -9.435  -0.799  2.625   1.00 9.31  ? 293 T4B A C28 1 
HETATM 1060 C C29 . T4B D 3 .   ? -9.396  0.549   2.176   1.00 10.41 ? 293 T4B A C29 1 
HETATM 1061 O O   . HOH E 4 .   ? 7.256   12.908  -1.190  1.00 7.63  ? 301 HOH A O   1 
HETATM 1062 O O   . HOH E 4 .   ? -10.154 -7.110  3.024   1.00 14.46 ? 302 HOH A O   1 
HETATM 1063 O O   . HOH E 4 .   ? -10.293 -3.874  2.173   1.00 13.34 ? 303 HOH A O   1 
HETATM 1064 O O   . HOH E 4 .   ? 3.019   12.214  -9.834  1.00 7.52  ? 305 HOH A O   1 
HETATM 1065 O O   . HOH E 4 .   ? -16.540 -0.410  5.106   1.00 12.01 ? 306 HOH A O   1 
HETATM 1066 O O   . HOH E 4 .   ? 15.645  8.888   1.805   1.00 11.53 ? 307 HOH A O   1 
HETATM 1067 O O   . HOH E 4 .   ? 1.305   8.514   -15.410 1.00 9.43  ? 308 HOH A O   1 
HETATM 1068 O O   . HOH E 4 .   ? -11.911 -1.498  -6.399  1.00 28.98 ? 309 HOH A O   1 
HETATM 1069 O O   . HOH E 4 .   ? 12.405  1.582   0.262   1.00 19.18 ? 310 HOH A O   1 
HETATM 1070 O O   . HOH E 4 .   ? 11.282  8.575   -8.626  1.00 7.13  ? 311 HOH A O   1 
HETATM 1071 O O   . HOH E 4 .   ? -0.719  -15.122 4.896   1.00 32.23 ? 313 HOH A O   1 
HETATM 1072 O O   . HOH E 4 .   ? 9.701   11.589  -1.686  1.00 9.12  ? 314 HOH A O   1 
HETATM 1073 O O   . HOH E 4 .   ? 3.820   -13.681 -17.028 1.00 17.77 ? 316 HOH A O   1 
HETATM 1074 O O   . HOH E 4 .   ? 0.925   0.457   -17.113 1.00 14.83 ? 317 HOH A O   1 
HETATM 1075 O O   . HOH E 4 .   ? -13.011 -4.530  -6.701  1.00 21.45 ? 318 HOH A O   1 
HETATM 1076 O O   . HOH E 4 .   ? -11.146 -12.134 -1.384  1.00 20.26 ? 320 HOH A O   1 
HETATM 1077 O O   . HOH E 4 .   ? 7.256   -3.761  -13.758 1.00 27.95 ? 321 HOH A O   1 
HETATM 1078 O O   . HOH E 4 .   ? -10.846 -6.620  8.896   1.00 16.30 ? 323 HOH A O   1 
HETATM 1079 O O   . HOH E 4 .   ? -2.976  6.727   -13.883 1.00 17.32 ? 324 HOH A O   1 
HETATM 1080 O O   . HOH E 4 .   ? -11.983 -12.069 -3.921  1.00 25.53 ? 328 HOH A O   1 
HETATM 1081 O O   . HOH E 4 .   ? 10.798  4.923   14.302  1.00 21.97 ? 331 HOH A O   1 
HETATM 1082 O O   . HOH E 4 .   ? -11.711 10.614  2.966   1.00 19.34 ? 332 HOH A O   1 
HETATM 1083 O O   . HOH E 4 .   ? 6.968   5.473   -15.553 1.00 33.18 ? 333 HOH A O   1 
HETATM 1084 O O   . HOH E 4 .   ? 11.187  2.442   13.312  1.00 14.67 ? 334 HOH A O   1 
HETATM 1085 O O   . HOH E 4 .   ? -7.854  -14.153 5.005   1.00 17.11 ? 335 HOH A O   1 
HETATM 1086 O O   . HOH E 4 .   ? -0.426  -6.496  -22.754 1.00 17.45 ? 336 HOH A O   1 
HETATM 1087 O O   . HOH E 4 .   ? 4.167   -14.861 6.949   1.00 40.12 ? 337 HOH A O   1 
HETATM 1088 O O   . HOH E 4 .   ? -2.420  8.831   -9.341  1.00 8.30  ? 339 HOH A O   1 
HETATM 1089 O O   . HOH E 4 .   ? 6.829   -5.787  -11.040 1.00 17.00 ? 340 HOH A O   1 
HETATM 1090 O O   . HOH E 4 .   ? -6.450  -12.022 8.629   1.00 37.75 ? 341 HOH A O   1 
HETATM 1091 O O   . HOH E 4 .   ? 10.029  15.492  -11.461 1.00 13.50 ? 344 HOH A O   1 
HETATM 1092 O O   . HOH E 4 .   ? -3.684  -6.386  -17.659 1.00 31.75 ? 345 HOH A O   1 
HETATM 1093 O O   . HOH E 4 .   ? -10.797 1.782   15.665  1.00 14.80 ? 346 HOH A O   1 
HETATM 1094 O O   . HOH E 4 .   ? 11.162  13.873  -2.182  1.00 19.06 ? 347 HOH A O   1 
HETATM 1095 O O   . HOH E 4 .   ? 10.496  14.368  0.864   1.00 25.17 ? 348 HOH A O   1 
HETATM 1096 O O   . HOH E 4 .   ? -5.274  0.561   -15.938 1.00 12.19 ? 350 HOH A O   1 
HETATM 1097 O O   . HOH E 4 .   ? 11.455  5.855   5.661   1.00 19.90 ? 357 HOH A O   1 
HETATM 1098 O O   . HOH E 4 .   ? 14.998  3.003   -6.189  1.00 11.13 ? 361 HOH A O   1 
HETATM 1099 O O   . HOH E 4 .   ? -12.347 0.146   17.674  1.00 16.18 ? 364 HOH A O   1 
HETATM 1100 O O   . HOH E 4 .   ? 0.593   1.163   15.608  1.00 19.86 ? 365 HOH A O   1 
HETATM 1101 O O   . HOH E 4 .   ? -0.369  -13.822 2.227   1.00 20.42 ? 366 HOH A O   1 
HETATM 1102 O O   . HOH E 4 .   ? -10.693 -12.960 2.242   1.00 29.22 ? 368 HOH A O   1 
HETATM 1103 O O   . HOH E 4 .   ? 10.533  7.467   -1.394  1.00 5.58  ? 369 HOH A O   1 
HETATM 1104 O O   . HOH E 4 .   ? 0.406   14.915  -13.498 1.00 17.00 ? 370 HOH A O   1 
HETATM 1105 O O   . HOH E 4 .   ? -5.176  -12.123 -2.192  1.00 7.97  ? 371 HOH A O   1 
HETATM 1106 O O   . HOH E 4 .   ? 8.101   -3.757  13.711  1.00 21.15 ? 372 HOH A O   1 
HETATM 1107 O O   . HOH E 4 .   ? -10.914 -8.445  -1.702  1.00 30.11 ? 373 HOH A O   1 
HETATM 1108 O O   . HOH E 4 .   ? -3.497  -14.110 -2.491  1.00 29.22 ? 374 HOH A O   1 
HETATM 1109 O O   . HOH E 4 .   ? 0.540   12.281  -14.514 1.00 15.31 ? 375 HOH A O   1 
HETATM 1110 O O   . HOH E 4 .   ? -12.084 13.481  0.523   1.00 26.62 ? 378 HOH A O   1 
HETATM 1111 O O   . HOH E 4 .   ? -3.266  2.308   13.585  1.00 20.09 ? 380 HOH A O   1 
HETATM 1112 O O   . HOH E 4 .   ? -3.215  4.821   14.741  1.00 37.87 ? 386 HOH A O   1 
HETATM 1113 O O   . HOH E 4 .   ? 0.821   12.201  -11.425 1.00 12.07 ? 390 HOH A O   1 
HETATM 1114 O O   . HOH E 4 .   ? 5.583   -0.939  -2.410  1.00 5.82  ? 392 HOH A O   1 
HETATM 1115 O O   . HOH E 4 .   ? 2.759   2.535   18.013  1.00 35.11 ? 393 HOH A O   1 
HETATM 1116 O O   . HOH E 4 .   ? 9.044   2.322   -16.818 1.00 29.35 ? 394 HOH A O   1 
HETATM 1117 O O   . HOH E 4 .   ? -3.288  -12.543 -14.724 1.00 25.87 ? 395 HOH A O   1 
HETATM 1118 O O   . HOH E 4 .   ? 11.734  16.076  -9.456  1.00 24.38 ? 401 HOH A O   1 
HETATM 1119 O O   . HOH E 4 .   ? -6.621  -12.178 17.134  1.00 45.12 ? 406 HOH A O   1 
HETATM 1120 O O   . HOH E 4 .   ? -7.708  -11.838 12.670  1.00 33.12 ? 407 HOH A O   1 
HETATM 1121 O O   . HOH E 4 .   ? 14.398  -1.937  -11.098 1.00 27.49 ? 408 HOH A O   1 
HETATM 1122 O O   . HOH E 4 .   ? -2.945  -15.233 -0.028  1.00 30.42 ? 411 HOH A O   1 
HETATM 1123 O O   . HOH E 4 .   ? -9.511  -17.059 1.432   1.00 27.67 ? 424 HOH A O   1 
HETATM 1124 O O   . HOH E 4 .   ? 13.077  3.402   6.101   1.00 24.72 ? 429 HOH A O   1 
HETATM 1125 O O   . HOH E 4 .   ? 7.059   8.112   -17.458 1.00 42.70 ? 430 HOH A O   1 
HETATM 1126 O O   . HOH E 4 .   ? -16.576 -0.736  2.344   1.00 17.21 ? 435 HOH A O   1 
HETATM 1127 O O   . HOH E 4 .   ? 15.020  -1.716  -2.415  1.00 39.78 ? 436 HOH A O   1 
HETATM 1128 O O   . HOH E 4 .   ? 14.102  16.045  -4.390  1.00 27.92 ? 451 HOH A O   1 
HETATM 1129 O O   . HOH E 4 .   ? 6.182   12.681  -17.144 1.00 25.46 ? 453 HOH A O   1 
HETATM 1130 O O   . HOH E 4 .   ? 1.088   7.349   14.624  1.00 27.25 ? 455 HOH A O   1 
HETATM 1131 O O   . HOH E 4 .   ? -11.697 -8.137  6.670   1.00 20.64 ? 468 HOH A O   1 
HETATM 1132 O O   . HOH E 4 .   ? 9.991   6.899   12.383  1.00 24.95 ? 476 HOH A O   1 
HETATM 1133 O O   . HOH E 4 .   ? 8.513   9.963   -15.832 1.00 36.71 ? 477 HOH A O   1 
HETATM 1134 O O   . HOH E 4 .   ? 2.410   -16.986 -15.955 1.00 28.74 ? 478 HOH A O   1 
HETATM 1135 O O   . HOH E 4 .   ? -5.053  -16.756 3.863   1.00 20.54 ? 481 HOH A O   1 
HETATM 1136 O O   . HOH E 4 .   ? 9.711   -3.619  7.891   1.00 12.27 ? 482 HOH A O   1 
HETATM 1137 O O   . HOH E 4 .   ? 8.461   -5.889  8.296   1.00 31.04 ? 483 HOH A O   1 
HETATM 1138 O O   . HOH E 4 .   ? -7.893  5.009   12.605  1.00 36.49 ? 490 HOH A O   1 
HETATM 1139 O O   . HOH E 4 .   ? 13.156  1.237   12.300  1.00 43.60 ? 491 HOH A O   1 
HETATM 1140 O O   . HOH E 4 .   ? 5.194   11.044  9.530   1.00 25.54 ? 492 HOH A O   1 
HETATM 1141 O O   . HOH E 4 .   ? -8.001  9.864   -3.257  1.00 21.88 ? 493 HOH A O   1 
HETATM 1142 O O   . HOH E 4 .   ? -11.885 -7.159  0.620   1.00 17.60 ? 496 HOH A O   1 
HETATM 1143 O O   . HOH E 4 .   ? -13.199 -8.129  9.547   1.00 34.41 ? 498 HOH A O   1 
HETATM 1144 O O   . HOH E 4 .   ? 11.659  -1.651  -13.118 1.00 35.32 ? 503 HOH A O   1 
HETATM 1145 O O   . HOH E 4 .   ? 6.779   8.720   12.467  1.00 32.29 ? 504 HOH A O   1 
HETATM 1146 O O   . HOH E 4 .   ? -14.857 -7.944  5.490   1.00 30.65 ? 505 HOH A O   1 
HETATM 1147 O O   . HOH E 4 .   ? 4.468   -8.292  -4.074  1.00 16.61 ? 538 HOH A O   1 
HETATM 1148 O O   . HOH E 4 .   ? -14.345 7.918   -2.470  1.00 26.81 ? 539 HOH A O   1 
HETATM 1149 O O   . HOH E 4 .   ? -9.863  -13.447 -7.870  1.00 43.56 ? 540 HOH A O   1 
HETATM 1150 O O   . HOH E 4 .   ? 13.852  9.016   -9.202  1.00 35.14 ? 541 HOH A O   1 
HETATM 1151 O O   . HOH E 4 .   ? 7.637   -1.288  -14.231 1.00 39.75 ? 542 HOH A O   1 
HETATM 1152 O O   . HOH E 4 .   ? -9.731  -1.531  19.051  1.00 19.53 ? 547 HOH A O   1 
HETATM 1153 O O   . HOH E 4 .   ? -15.154 8.162   1.071   1.00 44.82 ? 549 HOH A O   1 
HETATM 1154 O O   . HOH E 4 .   ? 0.037   14.034  -3.949  1.00 26.77 ? 551 HOH A O   1 
HETATM 1155 O O   . HOH E 4 .   ? -14.314 -8.398  2.757   1.00 29.12 ? 553 HOH A O   1 
HETATM 1156 O O   . HOH E 4 .   ? 7.747   -12.277 7.033   1.00 49.22 ? 561 HOH A O   1 
HETATM 1157 O O   . HOH E 4 .   ? 8.679   -12.443 13.664  1.00 40.10 ? 562 HOH A O   1 
HETATM 1158 O O   . HOH E 4 .   ? 3.113   -4.547  -18.533 1.00 48.76 ? 563 HOH A O   1 
HETATM 1159 O O   . HOH E 4 .   ? -7.587  -0.101  -17.149 1.00 29.26 ? 564 HOH A O   1 
HETATM 1160 O O   . HOH E 4 .   ? -14.667 9.997   -4.230  1.00 34.54 ? 567 HOH A O   1 
HETATM 1161 O O   . HOH E 4 .   ? 6.733   -12.615 3.426   1.00 24.90 ? 573 HOH A O   1 
HETATM 1162 O O   . HOH E 4 .   ? 6.876   -7.181  1.890   1.00 16.61 ? 581 HOH A O   1 
HETATM 1163 O O   . HOH E 4 .   ? -7.008  -12.949 -6.985  1.00 23.40 ? 582 HOH A O   1 
HETATM 1164 O O   . HOH E 4 .   ? 4.635   9.877   -18.204 1.00 49.18 ? 592 HOH A O   1 
HETATM 1165 O O   . HOH E 4 .   ? -9.277  -14.227 -0.868  1.00 33.91 ? 593 HOH A O   1 
HETATM 1166 O O   . HOH E 4 .   ? 4.451   15.438  15.762  1.00 37.43 ? 597 HOH A O   1 
HETATM 1167 O O   . HOH E 4 .   ? 12.267  -3.762  4.478   1.00 33.81 ? 607 HOH A O   1 
HETATM 1168 O O   . HOH E 4 .   ? 12.617  -1.458  13.726  1.00 43.69 ? 608 HOH A O   1 
HETATM 1169 O O   . HOH E 4 .   ? -3.955  11.100  -9.232  1.00 37.66 ? 609 HOH A O   1 
HETATM 1170 O O   . HOH E 4 .   ? -12.859 3.721   11.512  1.00 39.88 ? 618 HOH A O   1 
HETATM 1171 O O   . HOH E 4 .   ? -5.414  -6.604  -15.248 1.00 19.58 ? 622 HOH A O   1 
HETATM 1172 O O   . HOH E 4 .   ? 0.904   -0.277  6.200   1.00 8.95  ? 623 HOH A O   1 
HETATM 1173 O O   . HOH E 4 .   ? -0.131  2.290   5.348   1.00 10.46 ? 624 HOH A O   1 
HETATM 1174 O O   . HOH E 4 .   ? -0.929  5.705   2.522   1.00 15.29 ? 625 HOH A O   1 
HETATM 1175 O O   . HOH E 4 .   ? -9.107  -2.134  -18.682 1.00 41.06 ? 631 HOH A O   1 
HETATM 1176 O O   . HOH E 4 .   ? -1.315  8.391   2.927   1.00 22.12 ? 633 HOH A O   1 
HETATM 1177 O O   . HOH E 4 .   ? -1.108  -0.603  -2.295  1.00 13.19 ? 634 HOH A O   1 
HETATM 1178 O O   . HOH E 4 .   ? 0.073   11.102  3.541   1.00 26.05 ? 635 HOH A O   1 
HETATM 1179 O O   . HOH E 4 .   ? 6.808   11.314  11.973  1.00 43.59 ? 636 HOH A O   1 
HETATM 1180 O O   . HOH E 4 .   ? 12.457  -6.297  -2.774  1.00 32.30 ? 638 HOH A O   1 
HETATM 1181 O O   . HOH E 4 .   ? -0.105  13.948  -8.591  1.00 36.91 ? 639 HOH A O   1 
HETATM 1182 O O   . HOH E 4 .   ? -7.116  2.558   14.616  1.00 42.33 ? 640 HOH A O   1 
HETATM 1183 O O   . HOH E 4 .   ? -1.993  -10.486 13.670  1.00 23.58 ? 641 HOH A O   1 
HETATM 1184 O O   . HOH E 4 .   ? 8.886   -8.206  3.295   1.00 33.22 ? 643 HOH A O   1 
HETATM 1185 O O   . HOH E 4 .   ? 3.929   -3.919  16.689  1.00 34.92 ? 645 HOH A O   1 
HETATM 1186 O O   . HOH E 4 .   ? -15.222 11.244  -1.994  1.00 23.01 ? 646 HOH A O   1 
HETATM 1187 O O   . HOH E 4 .   ? 7.361   7.650   15.108  1.00 29.28 ? 647 HOH A O   1 
HETATM 1188 O O   . HOH E 4 .   ? 17.063  -2.735  -8.909  1.00 35.05 ? 650 HOH A O   1 
HETATM 1189 O O   . HOH E 4 .   ? -13.922 2.165   -4.961  1.00 27.48 ? 652 HOH A O   1 
HETATM 1190 O O   . HOH E 4 .   ? 8.003   -5.886  11.000  1.00 32.24 ? 653 HOH A O   1 
HETATM 1191 O O   . HOH E 4 .   ? 11.631  15.631  -13.924 1.00 31.75 ? 657 HOH A O   1 
HETATM 1192 O O   . HOH E 4 .   ? 2.465   11.955  -16.442 1.00 28.65 ? 659 HOH A O   1 
HETATM 1193 O O   . HOH E 4 .   ? -2.175  3.883   4.136   1.00 9.55  ? 664 HOH A O   1 
HETATM 1194 O O   . HOH E 4 .   ? -8.839  3.973   -0.030  1.00 19.74 ? 665 HOH A O   1 
HETATM 1195 O O   . HOH E 4 .   ? -7.054  -8.645  -19.649 1.00 36.05 ? 666 HOH A O   1 
HETATM 1196 O O   . HOH E 4 .   ? -6.248  -8.403  18.174  1.00 30.94 ? 667 HOH A O   1 
HETATM 1197 O O   . HOH E 4 .   ? 17.026  6.306   0.241   1.00 28.00 ? 668 HOH A O   1 
HETATM 1198 O O   . HOH E 4 .   ? -6.100  -11.557 -17.933 1.00 29.86 ? 670 HOH A O   1 
HETATM 1199 O O   . HOH E 4 .   ? 12.224  7.095   11.128  1.00 28.61 ? 671 HOH A O   1 
HETATM 1200 O O   . HOH E 4 .   ? 15.528  2.601   -9.035  1.00 27.89 ? 673 HOH A O   1 
HETATM 1201 O O   . HOH E 4 .   ? -1.144  13.071  0.559   1.00 41.04 ? 674 HOH A O   1 
HETATM 1202 O O   . HOH E 4 .   ? -3.056  11.290  -12.019 1.00 23.50 ? 675 HOH A O   1 
HETATM 1203 O O   . HOH E 4 .   ? -6.835  -14.254 12.742  1.00 26.30 ? 677 HOH A O   1 
HETATM 1204 O O   . HOH E 4 .   ? 16.726  0.335   -9.123  1.00 37.42 ? 678 HOH A O   1 
HETATM 1205 O O   . HOH E 4 .   ? 8.446   -9.777  9.335   1.00 25.12 ? 681 HOH A O   1 
HETATM 1206 O O   . HOH E 4 .   ? -12.619 -10.628 12.996  1.00 34.56 ? 682 HOH A O   1 
HETATM 1207 O O   . HOH E 4 .   ? 8.783   5.021   -20.617 1.00 33.03 ? 683 HOH A O   1 
HETATM 1208 O O   . HOH E 4 .   ? -9.480  -12.639 -13.383 1.00 30.75 ? 684 HOH A O   1 
HETATM 1209 O O   . HOH E 4 .   ? -12.018 2.208   -9.571  1.00 28.88 ? 685 HOH A O   1 
HETATM 1210 O O   . HOH E 4 .   ? -6.788  -14.755 8.091   1.00 46.44 ? 686 HOH A O   1 
HETATM 1211 O O   . HOH E 4 .   ? -14.205 -6.587  7.655   1.00 25.09 ? 690 HOH A O   1 
HETATM 1212 O O   . HOH E 4 .   ? 15.162  4.663   -10.875 1.00 27.97 ? 692 HOH A O   1 
# 
